data_2POA
#
_entry.id   2POA
#
_entity_poly.entity_id   1
_entity_poly.type   'polypeptide(L)'
_entity_poly.pdbx_seq_one_letter_code
;MSSFLGKWKLSESHNFDAVMSKLGVSWATRQIGNTVTPTVTFTMDGDKMTMLTESTFKNLSVTFKFGEEFDEKTSDGRNV
KSVVEKNSESKLTQTQVDPKNTTVIVREVDGDTMKTTVTVGDVTAIRNYKRLS
;
_entity_poly.pdbx_strand_id   A
#
# COMPACT_ATOMS: atom_id res chain seq x y z
N MET A 1 8.86 -7.00 12.32
CA MET A 1 8.60 -5.62 11.85
C MET A 1 8.32 -4.68 13.05
N SER A 2 9.24 -3.75 13.29
CA SER A 2 9.01 -2.58 14.17
C SER A 2 10.12 -1.52 13.91
N SER A 3 9.73 -0.49 13.18
CA SER A 3 10.66 0.55 12.62
C SER A 3 9.79 1.70 12.04
N PHE A 4 8.99 1.38 11.01
CA PHE A 4 8.01 2.28 10.37
C PHE A 4 6.54 2.03 10.83
N LEU A 5 6.33 2.01 12.16
CA LEU A 5 5.00 1.92 12.80
C LEU A 5 4.36 3.34 12.96
N GLY A 6 3.12 3.49 12.50
CA GLY A 6 2.42 4.80 12.48
C GLY A 6 1.31 4.91 11.42
N LYS A 7 0.67 6.10 11.36
CA LYS A 7 -0.17 6.49 10.20
C LYS A 7 0.63 7.32 9.16
N TRP A 8 0.33 7.08 7.88
CA TRP A 8 1.22 7.47 6.76
C TRP A 8 0.33 8.06 5.63
N LYS A 9 0.49 9.35 5.30
CA LYS A 9 -0.33 9.97 4.22
C LYS A 9 0.60 10.47 3.06
N LEU A 10 0.11 10.27 1.82
CA LEU A 10 0.93 10.41 0.59
C LEU A 10 1.45 11.85 0.34
N SER A 11 2.78 11.95 0.21
CA SER A 11 3.49 13.20 -0.11
C SER A 11 3.57 13.52 -1.63
N GLU A 12 3.87 12.51 -2.48
CA GLU A 12 3.92 12.65 -3.94
C GLU A 12 3.17 11.46 -4.63
N SER A 13 2.20 11.78 -5.49
CA SER A 13 1.63 10.80 -6.44
C SER A 13 2.37 10.88 -7.81
N HIS A 14 3.51 10.15 -7.92
CA HIS A 14 4.44 10.35 -9.07
C HIS A 14 3.94 9.74 -10.42
N ASN A 15 3.58 8.44 -10.45
CA ASN A 15 2.58 7.93 -11.43
C ASN A 15 1.52 6.97 -10.78
N PHE A 16 1.00 7.35 -9.60
CA PHE A 16 0.01 6.52 -8.85
C PHE A 16 -1.46 6.74 -9.33
N ASP A 17 -1.69 6.28 -10.57
CA ASP A 17 -2.81 6.73 -11.43
C ASP A 17 -2.86 5.87 -12.75
N ALA A 18 -1.79 5.92 -13.57
CA ALA A 18 -1.60 4.94 -14.67
C ALA A 18 -1.22 3.50 -14.21
N VAL A 19 -0.49 3.35 -13.08
CA VAL A 19 -0.36 2.05 -12.38
C VAL A 19 -1.68 1.31 -12.03
N MET A 20 -2.68 2.09 -11.58
CA MET A 20 -4.06 1.64 -11.40
C MET A 20 -4.74 1.30 -12.75
N SER A 21 -4.76 2.19 -13.75
CA SER A 21 -5.28 1.83 -15.11
C SER A 21 -4.60 0.63 -15.86
N LYS A 22 -3.30 0.43 -15.70
CA LYS A 22 -2.58 -0.80 -16.14
C LYS A 22 -3.03 -2.13 -15.47
N LEU A 23 -3.26 -2.09 -14.15
CA LEU A 23 -4.07 -3.11 -13.45
C LEU A 23 -5.57 -3.25 -13.92
N GLY A 24 -6.25 -2.12 -14.18
CA GLY A 24 -7.62 -2.09 -14.72
C GLY A 24 -8.65 -1.56 -13.72
N VAL A 25 -8.58 -0.24 -13.43
CA VAL A 25 -9.29 0.37 -12.27
C VAL A 25 -10.42 1.32 -12.75
N SER A 26 -11.53 1.31 -12.00
CA SER A 26 -12.77 2.05 -12.31
C SER A 26 -12.62 3.60 -12.30
N TRP A 27 -13.39 4.32 -13.15
CA TRP A 27 -13.38 5.81 -13.15
C TRP A 27 -14.17 6.48 -11.95
N ALA A 28 -13.63 6.21 -10.77
CA ALA A 28 -14.04 6.76 -9.46
C ALA A 28 -12.89 6.48 -8.42
N THR A 29 -12.48 5.21 -8.28
CA THR A 29 -11.25 4.80 -7.55
C THR A 29 -9.88 5.16 -8.18
N ARG A 30 -9.78 5.27 -9.51
CA ARG A 30 -8.52 5.65 -10.20
C ARG A 30 -7.97 7.10 -9.90
N GLN A 31 -8.83 7.97 -9.34
CA GLN A 31 -8.51 9.38 -9.04
C GLN A 31 -8.38 9.74 -7.53
N ILE A 32 -9.01 9.01 -6.59
CA ILE A 32 -8.69 9.14 -5.12
C ILE A 32 -7.21 8.74 -4.77
N GLY A 33 -6.62 7.79 -5.51
CA GLY A 33 -5.14 7.65 -5.62
C GLY A 33 -4.32 8.95 -5.79
N ASN A 34 -4.59 9.73 -6.85
CA ASN A 34 -3.98 11.07 -7.02
C ASN A 34 -4.83 12.30 -6.55
N THR A 35 -5.56 12.17 -5.43
CA THR A 35 -6.47 13.24 -4.91
C THR A 35 -6.47 13.18 -3.37
N VAL A 36 -7.05 12.14 -2.75
CA VAL A 36 -7.21 12.08 -1.28
C VAL A 36 -6.12 11.13 -0.73
N THR A 37 -5.09 11.73 -0.13
CA THR A 37 -3.80 11.09 0.20
C THR A 37 -3.90 9.78 1.05
N PRO A 38 -3.68 8.53 0.55
CA PRO A 38 -4.09 7.28 1.28
C PRO A 38 -3.45 7.04 2.65
N THR A 39 -4.31 6.81 3.65
CA THR A 39 -3.90 6.76 5.09
C THR A 39 -3.42 5.33 5.50
N VAL A 40 -2.28 4.90 4.92
CA VAL A 40 -1.83 3.47 4.94
C VAL A 40 -1.15 3.10 6.29
N THR A 41 -1.98 2.79 7.29
CA THR A 41 -1.60 3.00 8.72
C THR A 41 -1.09 1.70 9.35
N PHE A 42 0.24 1.59 9.42
CA PHE A 42 0.94 0.30 9.71
C PHE A 42 1.23 0.20 11.22
N THR A 43 0.50 -0.69 11.92
CA THR A 43 0.39 -0.63 13.39
C THR A 43 0.38 -2.05 14.03
N MET A 44 1.10 -2.28 15.13
CA MET A 44 1.11 -3.62 15.78
C MET A 44 -0.16 -3.86 16.67
N ASP A 45 -1.06 -4.74 16.23
CA ASP A 45 -2.24 -5.17 17.04
C ASP A 45 -1.86 -6.38 17.93
N GLY A 46 -1.32 -6.07 19.13
CA GLY A 46 -0.80 -7.09 20.06
C GLY A 46 0.58 -7.66 19.70
N ASP A 47 0.59 -8.55 18.72
CA ASP A 47 1.80 -9.24 18.22
C ASP A 47 2.00 -9.00 16.67
N LYS A 48 0.96 -9.24 15.85
CA LYS A 48 1.03 -9.06 14.39
C LYS A 48 0.44 -7.70 13.91
N MET A 49 0.80 -7.29 12.69
CA MET A 49 0.63 -5.90 12.23
C MET A 49 -0.70 -5.68 11.44
N THR A 50 -1.22 -4.44 11.49
CA THR A 50 -2.53 -4.10 10.91
C THR A 50 -2.37 -2.81 10.09
N MET A 51 -2.77 -2.88 8.81
CA MET A 51 -2.93 -1.71 7.93
C MET A 51 -4.34 -1.10 8.13
N LEU A 52 -4.41 0.04 8.84
CA LEU A 52 -5.68 0.76 9.10
C LEU A 52 -5.93 1.83 7.98
N THR A 53 -6.14 1.33 6.77
CA THR A 53 -6.21 2.11 5.51
C THR A 53 -7.49 2.97 5.41
N GLU A 54 -7.35 4.26 5.66
CA GLU A 54 -8.50 5.18 5.80
C GLU A 54 -8.47 6.28 4.68
N SER A 55 -8.95 5.86 3.50
CA SER A 55 -9.12 6.74 2.33
C SER A 55 -10.63 7.03 2.02
N THR A 56 -10.96 8.03 1.20
CA THR A 56 -12.40 8.33 0.85
C THR A 56 -13.19 7.17 0.15
N PHE A 57 -12.56 6.43 -0.75
CA PHE A 57 -13.15 5.21 -1.37
C PHE A 57 -12.76 3.89 -0.63
N LYS A 58 -11.51 3.72 -0.19
CA LYS A 58 -11.10 2.55 0.60
C LYS A 58 -10.82 2.92 2.09
N ASN A 59 -11.90 3.01 2.88
CA ASN A 59 -11.81 3.08 4.37
C ASN A 59 -11.99 1.65 4.97
N LEU A 60 -10.87 0.98 5.26
CA LEU A 60 -10.85 -0.46 5.62
C LEU A 60 -9.63 -0.83 6.51
N SER A 61 -9.82 -1.73 7.49
CA SER A 61 -8.72 -2.27 8.31
C SER A 61 -8.44 -3.77 8.05
N VAL A 62 -7.16 -4.14 7.92
CA VAL A 62 -6.74 -5.51 7.56
C VAL A 62 -5.47 -5.94 8.37
N THR A 63 -5.57 -7.08 9.06
CA THR A 63 -4.50 -7.60 9.98
C THR A 63 -3.73 -8.80 9.34
N PHE A 64 -2.43 -8.86 9.64
CA PHE A 64 -1.46 -9.72 8.92
C PHE A 64 -0.15 -9.99 9.71
N LYS A 65 0.50 -11.11 9.38
CA LYS A 65 1.94 -11.32 9.73
C LYS A 65 2.90 -11.02 8.55
N PHE A 66 4.22 -11.02 8.79
CA PHE A 66 5.21 -11.22 7.70
C PHE A 66 5.21 -12.70 7.22
N GLY A 67 4.32 -12.96 6.26
CA GLY A 67 4.21 -14.25 5.58
C GLY A 67 2.89 -14.45 4.80
N GLU A 68 1.76 -14.39 5.52
CA GLU A 68 0.43 -14.74 4.95
C GLU A 68 -0.14 -13.59 4.06
N GLU A 69 -0.70 -13.96 2.89
CA GLU A 69 -1.20 -12.96 1.91
C GLU A 69 -2.59 -12.37 2.28
N PHE A 70 -2.56 -11.18 2.90
CA PHE A 70 -3.78 -10.52 3.45
C PHE A 70 -4.68 -9.88 2.37
N ASP A 71 -6.01 -10.09 2.40
CA ASP A 71 -6.91 -9.50 1.37
C ASP A 71 -7.69 -8.25 1.81
N GLU A 72 -7.68 -7.22 0.93
CA GLU A 72 -8.54 -6.03 1.08
C GLU A 72 -9.65 -6.04 0.00
N LYS A 73 -10.92 -5.88 0.43
CA LYS A 73 -12.06 -5.73 -0.51
C LYS A 73 -12.22 -4.25 -0.94
N THR A 74 -12.05 -4.01 -2.24
CA THR A 74 -11.85 -2.64 -2.79
C THR A 74 -13.18 -2.01 -3.29
N SER A 75 -13.24 -0.67 -3.36
CA SER A 75 -14.43 0.04 -3.91
C SER A 75 -14.73 -0.10 -5.45
N ASP A 76 -13.81 -0.62 -6.27
CA ASP A 76 -14.13 -1.30 -7.55
C ASP A 76 -15.03 -2.62 -7.45
N GLY A 77 -14.97 -3.34 -6.32
CA GLY A 77 -15.49 -4.71 -6.20
C GLY A 77 -14.44 -5.81 -6.49
N ARG A 78 -13.34 -5.84 -5.72
CA ARG A 78 -12.19 -6.73 -6.02
C ARG A 78 -11.52 -7.07 -4.63
N ASN A 79 -11.56 -8.33 -4.19
CA ASN A 79 -10.79 -8.81 -3.02
C ASN A 79 -9.31 -9.11 -3.38
N VAL A 80 -8.39 -8.17 -3.10
CA VAL A 80 -6.99 -8.26 -3.61
C VAL A 80 -6.03 -8.64 -2.46
N LYS A 81 -5.24 -9.68 -2.70
CA LYS A 81 -4.31 -10.24 -1.69
C LYS A 81 -2.99 -9.40 -1.60
N SER A 82 -2.12 -9.69 -0.62
CA SER A 82 -0.86 -8.93 -0.41
C SER A 82 0.19 -9.81 0.33
N VAL A 83 1.09 -10.45 -0.44
CA VAL A 83 2.11 -11.39 0.11
C VAL A 83 3.29 -10.64 0.78
N VAL A 84 3.42 -10.82 2.10
CA VAL A 84 4.28 -9.96 2.95
C VAL A 84 5.58 -10.73 3.28
N GLU A 85 6.73 -10.07 3.13
CA GLU A 85 7.91 -10.39 3.96
C GLU A 85 8.81 -9.14 4.18
N LYS A 86 9.24 -9.01 5.42
CA LYS A 86 10.28 -8.07 5.88
C LYS A 86 11.68 -8.59 5.50
N ASN A 87 12.47 -7.81 4.74
CA ASN A 87 13.92 -8.15 4.51
C ASN A 87 14.74 -7.82 5.79
N SER A 88 14.88 -6.53 6.13
CA SER A 88 14.83 -6.09 7.55
C SER A 88 14.02 -4.76 7.61
N GLU A 89 14.48 -3.80 8.40
CA GLU A 89 13.60 -2.75 9.00
C GLU A 89 13.57 -1.37 8.27
N SER A 90 14.07 -1.34 7.03
CA SER A 90 13.62 -0.41 5.98
C SER A 90 13.55 -1.08 4.56
N LYS A 91 13.00 -2.31 4.43
CA LYS A 91 12.77 -2.93 3.09
C LYS A 91 11.78 -4.12 3.28
N LEU A 92 10.52 -3.97 2.87
CA LEU A 92 9.45 -4.98 3.16
C LEU A 92 8.58 -5.17 1.89
N THR A 93 8.57 -6.38 1.30
CA THR A 93 8.05 -6.60 -0.09
C THR A 93 6.57 -7.08 -0.14
N GLN A 94 5.67 -6.17 0.27
CA GLN A 94 4.23 -6.49 0.52
C GLN A 94 3.38 -6.55 -0.78
N THR A 95 3.54 -7.63 -1.55
CA THR A 95 3.30 -7.64 -3.01
C THR A 95 1.81 -7.94 -3.30
N GLN A 96 1.12 -6.98 -3.94
CA GLN A 96 -0.35 -7.02 -4.10
C GLN A 96 -0.76 -8.07 -5.18
N VAL A 97 -1.52 -9.09 -4.77
CA VAL A 97 -1.92 -10.21 -5.66
C VAL A 97 -3.39 -9.93 -6.07
N ASP A 98 -3.51 -9.21 -7.19
CA ASP A 98 -4.80 -8.69 -7.70
C ASP A 98 -5.37 -9.63 -8.83
N PRO A 99 -6.62 -9.48 -9.37
CA PRO A 99 -7.01 -10.14 -10.66
C PRO A 99 -6.19 -9.80 -11.95
N LYS A 100 -5.31 -8.79 -11.91
CA LYS A 100 -4.19 -8.64 -12.88
C LYS A 100 -2.76 -9.03 -12.31
N ASN A 101 -2.57 -9.12 -10.98
CA ASN A 101 -1.26 -9.24 -10.30
C ASN A 101 -0.40 -7.93 -10.36
N THR A 102 -0.17 -7.28 -9.22
CA THR A 102 0.79 -6.15 -9.11
C THR A 102 2.23 -6.71 -8.88
N THR A 103 3.22 -6.15 -9.58
CA THR A 103 4.64 -6.57 -9.44
C THR A 103 5.32 -5.95 -8.17
N VAL A 104 6.30 -6.68 -7.59
CA VAL A 104 6.89 -6.40 -6.24
C VAL A 104 7.02 -4.92 -5.76
N ILE A 105 6.18 -4.55 -4.78
CA ILE A 105 5.98 -3.12 -4.40
C ILE A 105 6.96 -2.47 -3.36
N VAL A 106 7.82 -3.31 -2.78
CA VAL A 106 9.04 -2.95 -2.00
C VAL A 106 8.98 -1.66 -1.11
N ARG A 107 8.46 -1.84 0.10
CA ARG A 107 8.23 -0.73 1.05
C ARG A 107 9.56 -0.34 1.79
N GLU A 108 10.17 0.77 1.35
CA GLU A 108 11.52 1.21 1.83
C GLU A 108 11.39 2.58 2.53
N VAL A 109 11.56 2.69 3.87
CA VAL A 109 11.46 4.02 4.55
C VAL A 109 12.76 4.85 4.43
N ASP A 110 12.65 6.07 3.92
CA ASP A 110 13.82 6.96 3.69
C ASP A 110 14.00 8.02 4.84
N GLY A 111 13.93 7.58 6.11
CA GLY A 111 13.95 8.51 7.28
C GLY A 111 12.62 9.22 7.54
N ASP A 112 11.66 8.49 8.11
CA ASP A 112 10.23 8.94 8.23
C ASP A 112 9.50 9.44 6.92
N THR A 113 9.82 8.82 5.78
CA THR A 113 9.15 9.03 4.48
C THR A 113 9.10 7.65 3.78
N MET A 114 8.00 6.94 4.02
CA MET A 114 7.73 5.56 3.52
C MET A 114 7.65 5.51 1.98
N LYS A 115 8.72 5.01 1.34
CA LYS A 115 8.86 5.02 -0.13
C LYS A 115 8.60 3.59 -0.70
N THR A 116 7.37 3.35 -1.16
CA THR A 116 6.95 2.04 -1.73
C THR A 116 6.75 2.16 -3.25
N THR A 117 7.72 1.61 -3.99
CA THR A 117 7.78 1.69 -5.45
C THR A 117 6.77 0.70 -6.12
N VAL A 118 5.57 1.16 -6.52
CA VAL A 118 4.56 0.24 -7.12
C VAL A 118 4.78 0.11 -8.64
N THR A 119 5.35 -1.01 -9.07
CA THR A 119 5.46 -1.36 -10.52
C THR A 119 4.50 -2.51 -10.90
N VAL A 120 4.14 -2.62 -12.19
CA VAL A 120 3.22 -3.70 -12.68
C VAL A 120 3.71 -4.15 -14.09
N GLY A 121 4.70 -5.05 -14.10
CA GLY A 121 5.56 -5.30 -15.28
C GLY A 121 6.54 -4.16 -15.66
N ASP A 122 5.94 -3.01 -15.94
CA ASP A 122 6.59 -1.84 -16.56
C ASP A 122 5.74 -0.56 -16.24
N VAL A 123 5.83 -0.04 -15.00
CA VAL A 123 5.24 1.28 -14.62
C VAL A 123 6.22 2.02 -13.66
N THR A 124 6.38 1.50 -12.43
CA THR A 124 7.21 2.09 -11.34
C THR A 124 6.65 3.44 -10.82
N ALA A 125 5.65 3.41 -9.91
CA ALA A 125 5.13 4.64 -9.28
C ALA A 125 5.71 4.77 -7.85
N ILE A 126 6.62 5.74 -7.68
CA ILE A 126 7.34 5.94 -6.39
C ILE A 126 6.43 6.56 -5.31
N ARG A 127 5.78 5.70 -4.48
CA ARG A 127 4.77 6.18 -3.51
C ARG A 127 5.46 6.60 -2.18
N ASN A 128 5.54 7.90 -1.96
CA ASN A 128 6.27 8.48 -0.80
C ASN A 128 5.23 9.03 0.21
N TYR A 129 5.22 8.55 1.46
CA TYR A 129 4.19 8.93 2.47
C TYR A 129 4.90 9.48 3.76
N LYS A 130 4.41 10.57 4.35
CA LYS A 130 5.04 11.14 5.58
C LYS A 130 4.42 10.58 6.91
N ARG A 131 5.28 10.43 7.93
CA ARG A 131 4.88 9.83 9.25
C ARG A 131 4.12 10.83 10.15
N LEU A 132 2.94 10.41 10.61
CA LEU A 132 2.03 11.30 11.36
C LEU A 132 1.81 10.76 12.81
N SER A 133 2.13 11.60 13.79
CA SER A 133 2.19 11.22 15.21
C SER A 133 1.01 11.85 15.99
N MET A 1 12.68 -4.43 15.53
CA MET A 1 11.28 -4.25 15.08
C MET A 1 10.68 -2.88 15.56
N SER A 2 9.57 -2.48 14.92
CA SER A 2 8.82 -1.23 15.25
C SER A 2 9.44 0.15 14.83
N SER A 3 10.50 0.19 14.00
CA SER A 3 11.04 1.47 13.48
C SER A 3 10.18 2.29 12.46
N PHE A 4 9.12 1.71 11.87
CA PHE A 4 8.16 2.45 11.01
C PHE A 4 6.67 1.98 11.14
N LEU A 5 6.19 1.72 12.37
CA LEU A 5 4.76 1.43 12.64
C LEU A 5 3.98 2.75 12.94
N GLY A 6 2.96 3.00 12.12
CA GLY A 6 2.21 4.27 12.12
C GLY A 6 1.55 4.59 10.77
N LYS A 7 0.89 5.75 10.70
CA LYS A 7 0.37 6.30 9.41
C LYS A 7 1.41 7.11 8.62
N TRP A 8 1.34 7.01 7.29
CA TRP A 8 2.35 7.61 6.40
C TRP A 8 1.56 8.53 5.41
N LYS A 9 1.74 9.86 5.52
CA LYS A 9 0.94 10.83 4.71
C LYS A 9 1.75 11.36 3.50
N LEU A 10 1.13 11.42 2.32
CA LEU A 10 1.85 11.61 1.04
C LEU A 10 2.69 12.93 0.93
N SER A 11 3.98 12.75 0.65
CA SER A 11 4.86 13.86 0.21
C SER A 11 4.80 14.11 -1.32
N GLU A 12 4.96 13.06 -2.16
CA GLU A 12 4.69 13.16 -3.63
C GLU A 12 4.29 11.79 -4.25
N SER A 13 3.26 11.83 -5.10
CA SER A 13 2.87 10.68 -5.96
C SER A 13 3.41 10.91 -7.41
N HIS A 14 4.42 10.12 -7.79
CA HIS A 14 5.24 10.44 -8.99
C HIS A 14 4.61 9.94 -10.32
N ASN A 15 4.35 8.64 -10.42
CA ASN A 15 3.51 8.08 -11.51
C ASN A 15 2.22 7.34 -10.95
N PHE A 16 1.69 7.69 -9.75
CA PHE A 16 0.62 6.89 -9.09
C PHE A 16 -0.82 7.26 -9.56
N ASP A 17 -1.17 6.82 -10.78
CA ASP A 17 -2.55 6.93 -11.33
C ASP A 17 -2.89 5.80 -12.37
N ALA A 18 -2.07 5.68 -13.44
CA ALA A 18 -2.20 4.61 -14.45
C ALA A 18 -1.93 3.15 -13.98
N VAL A 19 -1.10 3.01 -12.94
CA VAL A 19 -0.97 1.79 -12.10
C VAL A 19 -2.28 1.08 -11.65
N MET A 20 -3.30 1.86 -11.24
CA MET A 20 -4.66 1.35 -11.03
C MET A 20 -5.41 1.07 -12.37
N SER A 21 -5.51 2.04 -13.27
CA SER A 21 -6.19 1.85 -14.58
C SER A 21 -5.67 0.72 -15.52
N LYS A 22 -4.38 0.40 -15.50
CA LYS A 22 -3.82 -0.83 -16.12
C LYS A 22 -4.20 -2.19 -15.46
N LEU A 23 -4.56 -2.21 -14.16
CA LEU A 23 -5.37 -3.30 -13.57
C LEU A 23 -6.91 -3.30 -13.93
N GLY A 24 -7.47 -2.19 -14.43
CA GLY A 24 -8.87 -2.11 -14.89
C GLY A 24 -9.85 -1.57 -13.84
N VAL A 25 -9.60 -0.36 -13.33
CA VAL A 25 -10.23 0.14 -12.09
C VAL A 25 -11.36 1.15 -12.42
N SER A 26 -12.46 1.05 -11.66
CA SER A 26 -13.64 1.94 -11.78
C SER A 26 -13.37 3.46 -11.79
N TRP A 27 -14.01 4.18 -12.72
CA TRP A 27 -13.77 5.64 -12.94
C TRP A 27 -14.39 6.65 -11.89
N ALA A 28 -14.51 6.21 -10.64
CA ALA A 28 -14.49 7.06 -9.43
C ALA A 28 -13.33 6.68 -8.45
N THR A 29 -13.11 5.38 -8.19
CA THR A 29 -11.95 4.88 -7.40
C THR A 29 -10.53 5.10 -8.00
N ARG A 30 -10.42 4.99 -9.33
CA ARG A 30 -9.21 5.39 -10.10
C ARG A 30 -8.81 6.91 -10.03
N GLN A 31 -9.69 7.76 -9.48
CA GLN A 31 -9.43 9.20 -9.23
C GLN A 31 -9.06 9.52 -7.74
N ILE A 32 -9.64 8.84 -6.73
CA ILE A 32 -9.21 8.99 -5.29
C ILE A 32 -7.77 8.48 -5.01
N GLY A 33 -7.30 7.43 -5.71
CA GLY A 33 -5.84 7.14 -5.82
C GLY A 33 -4.88 8.34 -6.05
N ASN A 34 -5.15 9.15 -7.08
CA ASN A 34 -4.46 10.44 -7.31
C ASN A 34 -5.14 11.75 -6.77
N THR A 35 -5.85 11.69 -5.64
CA THR A 35 -6.64 12.84 -5.11
C THR A 35 -6.64 12.78 -3.57
N VAL A 36 -7.33 11.79 -2.96
CA VAL A 36 -7.46 11.69 -1.49
C VAL A 36 -6.58 10.50 -1.03
N THR A 37 -5.45 10.84 -0.42
CA THR A 37 -4.33 9.90 -0.13
C THR A 37 -4.70 8.50 0.46
N PRO A 38 -4.05 7.36 0.09
CA PRO A 38 -4.15 6.10 0.89
C PRO A 38 -3.53 6.26 2.30
N THR A 39 -4.40 6.41 3.31
CA THR A 39 -3.95 6.74 4.70
C THR A 39 -3.44 5.45 5.43
N VAL A 40 -2.26 5.04 4.99
CA VAL A 40 -1.76 3.65 5.15
C VAL A 40 -1.16 3.44 6.56
N THR A 41 -2.04 2.98 7.45
CA THR A 41 -1.83 3.11 8.92
C THR A 41 -1.37 1.75 9.49
N PHE A 42 -0.06 1.52 9.41
CA PHE A 42 0.55 0.16 9.49
C PHE A 42 1.02 -0.12 10.93
N THR A 43 0.24 -0.89 11.69
CA THR A 43 0.33 -0.87 13.18
C THR A 43 0.23 -2.30 13.78
N MET A 44 1.07 -2.66 14.77
CA MET A 44 0.99 -4.00 15.43
C MET A 44 -0.18 -4.05 16.47
N ASP A 45 -1.26 -4.77 16.13
CA ASP A 45 -2.45 -4.92 16.99
C ASP A 45 -2.35 -6.26 17.79
N GLY A 46 -1.77 -6.17 19.00
CA GLY A 46 -1.61 -7.33 19.91
C GLY A 46 -0.46 -8.28 19.58
N ASP A 47 -0.65 -9.06 18.51
CA ASP A 47 0.40 -9.92 17.91
C ASP A 47 0.92 -9.33 16.56
N LYS A 48 0.02 -9.06 15.59
CA LYS A 48 0.40 -8.91 14.18
C LYS A 48 0.04 -7.53 13.57
N MET A 49 0.70 -7.24 12.43
CA MET A 49 0.61 -5.91 11.78
C MET A 49 -0.74 -5.70 11.04
N THR A 50 -1.25 -4.47 11.07
CA THR A 50 -2.60 -4.16 10.57
C THR A 50 -2.55 -2.79 9.84
N MET A 51 -2.98 -2.79 8.57
CA MET A 51 -3.24 -1.54 7.82
C MET A 51 -4.66 -1.02 8.15
N LEU A 52 -4.71 0.05 8.95
CA LEU A 52 -5.99 0.73 9.32
C LEU A 52 -6.29 1.87 8.29
N THR A 53 -6.54 1.45 7.04
CA THR A 53 -6.53 2.34 5.84
C THR A 53 -7.77 3.26 5.80
N GLU A 54 -7.55 4.57 5.73
CA GLU A 54 -8.60 5.56 6.07
C GLU A 54 -8.67 6.64 4.95
N SER A 55 -9.37 6.30 3.86
CA SER A 55 -9.47 7.15 2.64
C SER A 55 -10.96 7.43 2.26
N THR A 56 -11.20 8.27 1.23
CA THR A 56 -12.60 8.53 0.74
C THR A 56 -13.35 7.28 0.18
N PHE A 57 -12.71 6.44 -0.63
CA PHE A 57 -13.30 5.16 -1.09
C PHE A 57 -12.93 3.94 -0.20
N LYS A 58 -11.64 3.73 0.13
CA LYS A 58 -11.23 2.64 1.03
C LYS A 58 -10.97 3.16 2.48
N ASN A 59 -12.06 3.33 3.24
CA ASN A 59 -11.99 3.54 4.71
C ASN A 59 -12.27 2.17 5.42
N LEU A 60 -11.22 1.36 5.57
CA LEU A 60 -11.34 -0.08 5.94
C LEU A 60 -10.03 -0.64 6.55
N SER A 61 -10.14 -1.50 7.57
CA SER A 61 -8.97 -2.16 8.20
C SER A 61 -8.72 -3.61 7.70
N VAL A 62 -7.44 -3.94 7.47
CA VAL A 62 -7.01 -5.29 7.02
C VAL A 62 -5.79 -5.77 7.90
N THR A 63 -5.93 -6.98 8.46
CA THR A 63 -4.93 -7.56 9.43
C THR A 63 -4.22 -8.81 8.81
N PHE A 64 -2.94 -8.95 9.16
CA PHE A 64 -1.98 -9.81 8.41
C PHE A 64 -0.63 -9.97 9.18
N LYS A 65 0.27 -10.86 8.72
CA LYS A 65 1.67 -10.90 9.22
C LYS A 65 2.72 -11.15 8.11
N PHE A 66 4.00 -10.91 8.40
CA PHE A 66 5.11 -11.16 7.45
C PHE A 66 5.35 -12.69 7.20
N GLY A 67 4.57 -13.17 6.24
CA GLY A 67 4.20 -14.60 6.10
C GLY A 67 2.89 -14.85 5.31
N GLU A 68 1.82 -14.08 5.60
CA GLU A 68 0.49 -14.29 5.01
C GLU A 68 0.34 -13.68 3.57
N GLU A 69 -0.37 -14.42 2.70
CA GLU A 69 -1.08 -13.81 1.54
C GLU A 69 -2.53 -13.40 1.92
N PHE A 70 -2.68 -12.19 2.51
CA PHE A 70 -3.99 -11.70 2.99
C PHE A 70 -4.92 -11.22 1.84
N ASP A 71 -6.23 -11.45 1.91
CA ASP A 71 -7.20 -10.82 0.95
C ASP A 71 -7.53 -9.33 1.33
N GLU A 72 -7.45 -8.45 0.34
CA GLU A 72 -7.70 -7.00 0.49
C GLU A 72 -8.96 -6.68 -0.35
N LYS A 73 -10.12 -6.52 0.31
CA LYS A 73 -11.41 -6.31 -0.38
C LYS A 73 -11.62 -4.81 -0.71
N THR A 74 -11.74 -4.52 -2.01
CA THR A 74 -11.57 -3.14 -2.51
C THR A 74 -12.92 -2.40 -2.71
N SER A 75 -12.87 -1.06 -2.64
CA SER A 75 -13.92 -0.17 -3.19
C SER A 75 -14.34 -0.35 -4.68
N ASP A 76 -13.39 -0.74 -5.55
CA ASP A 76 -13.66 -1.26 -6.91
C ASP A 76 -14.53 -2.57 -7.02
N GLY A 77 -14.63 -3.36 -5.93
CA GLY A 77 -15.48 -4.56 -5.83
C GLY A 77 -14.76 -5.90 -6.08
N ARG A 78 -13.61 -6.11 -5.43
CA ARG A 78 -12.59 -7.06 -5.93
C ARG A 78 -11.72 -7.44 -4.68
N ASN A 79 -11.72 -8.71 -4.28
CA ASN A 79 -10.72 -9.25 -3.32
C ASN A 79 -9.36 -9.49 -4.02
N VAL A 80 -8.36 -8.69 -3.69
CA VAL A 80 -6.98 -8.82 -4.25
C VAL A 80 -6.04 -9.24 -3.11
N LYS A 81 -5.19 -10.22 -3.34
CA LYS A 81 -4.30 -10.72 -2.27
C LYS A 81 -3.00 -9.88 -2.20
N SER A 82 -2.22 -10.04 -1.12
CA SER A 82 -0.86 -9.49 -1.05
C SER A 82 0.05 -10.32 -0.10
N VAL A 83 1.13 -10.89 -0.64
CA VAL A 83 2.16 -11.60 0.19
C VAL A 83 3.08 -10.58 0.92
N VAL A 84 3.00 -10.58 2.26
CA VAL A 84 3.74 -9.60 3.09
C VAL A 84 5.18 -10.17 3.39
N GLU A 85 6.18 -9.44 2.93
CA GLU A 85 7.58 -9.60 3.41
C GLU A 85 7.95 -8.32 4.20
N LYS A 86 8.55 -8.52 5.38
CA LYS A 86 9.22 -7.42 6.13
C LYS A 86 10.72 -7.78 6.22
N ASN A 87 11.53 -7.12 5.40
CA ASN A 87 12.96 -7.51 5.21
C ASN A 87 13.87 -6.66 6.13
N SER A 88 13.89 -7.06 7.42
CA SER A 88 14.32 -6.17 8.55
C SER A 88 13.57 -4.79 8.60
N GLU A 89 14.24 -3.75 9.08
CA GLU A 89 13.57 -2.61 9.79
C GLU A 89 13.52 -1.26 9.00
N SER A 90 13.84 -1.29 7.70
CA SER A 90 13.47 -0.23 6.74
C SER A 90 13.16 -0.72 5.27
N LYS A 91 12.64 -1.95 5.08
CA LYS A 91 12.44 -2.53 3.72
C LYS A 91 11.28 -3.56 3.78
N LEU A 92 10.03 -3.11 3.69
CA LEU A 92 8.85 -4.02 3.54
C LEU A 92 8.53 -4.26 2.04
N THR A 93 7.79 -5.32 1.72
CA THR A 93 7.42 -5.66 0.30
C THR A 93 6.09 -6.46 0.33
N GLN A 94 4.98 -5.73 0.27
CA GLN A 94 3.61 -6.31 0.26
C GLN A 94 3.11 -6.57 -1.19
N THR A 95 3.62 -7.64 -1.81
CA THR A 95 3.50 -7.90 -3.27
C THR A 95 2.07 -8.37 -3.63
N GLN A 96 1.35 -7.59 -4.44
CA GLN A 96 -0.09 -7.84 -4.71
C GLN A 96 -0.31 -9.05 -5.66
N VAL A 97 -1.21 -9.94 -5.28
CA VAL A 97 -1.62 -11.08 -6.13
C VAL A 97 -3.10 -10.76 -6.56
N ASP A 98 -3.21 -9.93 -7.59
CA ASP A 98 -4.48 -9.42 -8.13
C ASP A 98 -5.08 -10.41 -9.20
N PRO A 99 -6.33 -10.26 -9.71
CA PRO A 99 -6.74 -10.94 -10.99
C PRO A 99 -5.96 -10.60 -12.31
N LYS A 100 -5.04 -9.61 -12.28
CA LYS A 100 -3.93 -9.51 -13.27
C LYS A 100 -2.53 -10.07 -12.80
N ASN A 101 -2.28 -10.21 -11.48
CA ASN A 101 -0.94 -10.42 -10.88
C ASN A 101 -0.02 -9.16 -10.96
N THR A 102 0.34 -8.60 -9.80
CA THR A 102 1.21 -7.38 -9.70
C THR A 102 2.70 -7.75 -9.39
N THR A 103 3.60 -6.85 -9.83
CA THR A 103 5.06 -6.97 -9.53
C THR A 103 5.41 -6.59 -8.06
N VAL A 104 6.65 -6.85 -7.61
CA VAL A 104 7.11 -6.54 -6.24
C VAL A 104 7.02 -5.02 -5.85
N ILE A 105 5.98 -4.68 -5.09
CA ILE A 105 5.71 -3.28 -4.68
C ILE A 105 6.38 -2.97 -3.31
N VAL A 106 7.70 -2.77 -3.37
CA VAL A 106 8.54 -2.53 -2.16
C VAL A 106 8.12 -1.22 -1.38
N ARG A 107 8.17 -1.27 -0.06
CA ARG A 107 7.71 -0.18 0.84
C ARG A 107 8.88 0.14 1.84
N GLU A 108 9.73 1.10 1.48
CA GLU A 108 10.99 1.40 2.22
C GLU A 108 10.90 2.70 3.06
N VAL A 109 11.91 3.04 3.88
CA VAL A 109 12.02 4.41 4.51
C VAL A 109 13.44 4.97 4.38
N ASP A 110 13.52 6.20 3.87
CA ASP A 110 14.80 6.89 3.57
C ASP A 110 15.04 8.11 4.54
N GLY A 111 14.87 7.86 5.86
CA GLY A 111 14.95 8.93 6.89
C GLY A 111 13.66 9.76 7.06
N ASP A 112 12.63 9.13 7.65
CA ASP A 112 11.24 9.68 7.72
C ASP A 112 10.51 10.06 6.36
N THR A 113 11.04 9.59 5.22
CA THR A 113 10.37 9.63 3.90
C THR A 113 10.21 8.16 3.46
N MET A 114 9.05 7.61 3.81
CA MET A 114 8.57 6.28 3.36
C MET A 114 8.47 6.19 1.81
N LYS A 115 9.53 5.66 1.21
CA LYS A 115 9.71 5.55 -0.25
C LYS A 115 9.11 4.21 -0.74
N THR A 116 7.88 4.23 -1.28
CA THR A 116 7.17 2.99 -1.64
C THR A 116 7.04 2.92 -3.18
N THR A 117 8.02 2.29 -3.82
CA THR A 117 8.15 2.23 -5.29
C THR A 117 7.14 1.23 -5.90
N VAL A 118 5.99 1.71 -6.39
CA VAL A 118 4.93 0.79 -6.91
C VAL A 118 5.12 0.51 -8.43
N THR A 119 5.85 -0.57 -8.72
CA THR A 119 6.02 -1.09 -10.10
C THR A 119 5.10 -2.31 -10.35
N VAL A 120 4.50 -2.35 -11.55
CA VAL A 120 3.41 -3.35 -11.87
C VAL A 120 3.53 -3.71 -13.38
N GLY A 121 4.48 -4.60 -13.69
CA GLY A 121 4.98 -4.78 -15.07
C GLY A 121 5.84 -3.64 -15.67
N ASP A 122 5.26 -2.44 -15.66
CA ASP A 122 5.67 -1.29 -16.49
C ASP A 122 5.17 0.07 -15.90
N VAL A 123 5.58 0.42 -14.67
CA VAL A 123 5.23 1.74 -14.04
C VAL A 123 6.46 2.33 -13.30
N THR A 124 6.87 1.68 -12.20
CA THR A 124 7.76 2.25 -11.15
C THR A 124 7.29 3.64 -10.61
N ALA A 125 6.23 3.68 -9.79
CA ALA A 125 5.74 4.96 -9.21
C ALA A 125 6.40 5.19 -7.84
N ILE A 126 7.44 6.02 -7.85
CA ILE A 126 8.30 6.32 -6.67
C ILE A 126 7.56 7.19 -5.61
N ARG A 127 6.78 6.52 -4.73
CA ARG A 127 5.85 7.23 -3.82
C ARG A 127 6.55 7.63 -2.50
N ASN A 128 6.71 8.93 -2.25
CA ASN A 128 7.23 9.40 -0.95
C ASN A 128 6.07 9.77 0.02
N TYR A 129 6.16 9.32 1.27
CA TYR A 129 5.18 9.61 2.34
C TYR A 129 5.94 10.02 3.65
N LYS A 130 5.44 10.99 4.41
CA LYS A 130 6.08 11.39 5.69
C LYS A 130 5.58 10.49 6.88
N ARG A 131 6.54 9.88 7.58
CA ARG A 131 6.25 8.89 8.66
C ARG A 131 5.72 9.56 9.97
N LEU A 132 4.49 9.18 10.36
CA LEU A 132 3.83 9.74 11.56
C LEU A 132 3.52 8.60 12.58
N SER A 133 4.02 8.77 13.81
CA SER A 133 3.87 7.76 14.89
C SER A 133 3.75 8.44 16.25
N MET A 1 8.28 -4.05 11.71
CA MET A 1 7.41 -4.22 12.89
C MET A 1 7.36 -2.99 13.83
N SER A 2 8.47 -2.56 14.46
CA SER A 2 8.48 -1.36 15.34
C SER A 2 8.80 -0.02 14.63
N SER A 3 9.89 0.06 13.84
CA SER A 3 10.23 1.24 13.00
C SER A 3 9.12 1.82 12.05
N PHE A 4 8.21 0.97 11.57
CA PHE A 4 7.00 1.37 10.83
C PHE A 4 5.74 1.85 11.65
N LEU A 5 5.69 1.79 13.00
CA LEU A 5 4.43 2.04 13.78
C LEU A 5 3.90 3.52 13.71
N GLY A 6 2.66 3.67 13.25
CA GLY A 6 1.98 4.98 13.13
C GLY A 6 1.06 5.11 11.90
N LYS A 7 0.38 6.27 11.80
CA LYS A 7 -0.40 6.62 10.58
C LYS A 7 0.50 7.20 9.46
N TRP A 8 0.44 6.61 8.26
CA TRP A 8 1.33 7.01 7.15
C TRP A 8 0.49 7.87 6.17
N LYS A 9 0.97 9.08 5.88
CA LYS A 9 0.27 9.99 4.94
C LYS A 9 1.12 10.08 3.65
N LEU A 10 0.56 9.67 2.50
CA LEU A 10 1.26 9.70 1.19
C LEU A 10 1.74 11.13 0.79
N SER A 11 3.06 11.30 0.66
CA SER A 11 3.69 12.60 0.41
C SER A 11 3.65 13.11 -1.06
N GLU A 12 3.80 12.21 -2.04
CA GLU A 12 3.60 12.52 -3.47
C GLU A 12 2.96 11.31 -4.22
N SER A 13 1.92 11.58 -5.02
CA SER A 13 1.34 10.55 -5.94
C SER A 13 1.98 10.70 -7.35
N HIS A 14 3.13 10.03 -7.57
CA HIS A 14 3.98 10.32 -8.76
C HIS A 14 3.45 9.69 -10.07
N ASN A 15 3.42 8.35 -10.16
CA ASN A 15 2.64 7.66 -11.22
C ASN A 15 1.45 6.78 -10.62
N PHE A 16 0.93 7.10 -9.42
CA PHE A 16 -0.07 6.25 -8.70
C PHE A 16 -1.54 6.50 -9.14
N ASP A 17 -1.81 6.17 -10.42
CA ASP A 17 -3.10 6.46 -11.09
C ASP A 17 -3.32 5.51 -12.33
N ALA A 18 -2.39 5.54 -13.31
CA ALA A 18 -2.37 4.56 -14.43
C ALA A 18 -1.98 3.10 -14.05
N VAL A 19 -1.17 2.93 -13.01
CA VAL A 19 -0.93 1.64 -12.31
C VAL A 19 -2.20 0.79 -11.96
N MET A 20 -3.24 1.46 -11.44
CA MET A 20 -4.55 0.86 -11.20
C MET A 20 -5.41 0.73 -12.51
N SER A 21 -5.49 1.78 -13.34
CA SER A 21 -6.22 1.72 -14.64
C SER A 21 -5.71 0.70 -15.69
N LYS A 22 -4.40 0.42 -15.76
CA LYS A 22 -3.86 -0.77 -16.48
C LYS A 22 -4.26 -2.16 -15.92
N LEU A 23 -4.57 -2.27 -14.62
CA LEU A 23 -5.27 -3.44 -14.05
C LEU A 23 -6.79 -3.53 -14.47
N GLY A 24 -7.57 -2.43 -14.34
CA GLY A 24 -8.93 -2.34 -14.89
C GLY A 24 -9.94 -1.64 -13.99
N VAL A 25 -9.78 -0.32 -13.82
CA VAL A 25 -10.59 0.48 -12.84
C VAL A 25 -11.99 0.89 -13.39
N SER A 26 -12.98 0.79 -12.50
CA SER A 26 -14.38 1.23 -12.77
C SER A 26 -14.65 2.77 -12.60
N TRP A 27 -13.71 3.60 -13.08
CA TRP A 27 -13.69 5.08 -12.95
C TRP A 27 -14.12 5.78 -11.62
N ALA A 28 -13.85 5.15 -10.46
CA ALA A 28 -13.99 5.76 -9.12
C ALA A 28 -12.62 5.92 -8.39
N THR A 29 -11.80 4.84 -8.34
CA THR A 29 -10.40 4.91 -7.83
C THR A 29 -9.38 5.74 -8.69
N ARG A 30 -9.67 5.91 -9.99
CA ARG A 30 -8.93 6.80 -10.91
C ARG A 30 -8.93 8.35 -10.57
N GLN A 31 -9.74 8.77 -9.60
CA GLN A 31 -9.70 10.12 -9.00
C GLN A 31 -8.85 10.16 -7.68
N ILE A 32 -9.15 9.25 -6.73
CA ILE A 32 -8.57 9.26 -5.34
C ILE A 32 -7.08 8.83 -5.28
N GLY A 33 -6.60 7.94 -6.18
CA GLY A 33 -5.15 7.77 -6.44
C GLY A 33 -4.30 9.04 -6.68
N ASN A 34 -4.75 9.93 -7.58
CA ASN A 34 -4.17 11.28 -7.77
C ASN A 34 -4.85 12.46 -7.01
N THR A 35 -5.40 12.23 -5.81
CA THR A 35 -6.18 13.26 -5.06
C THR A 35 -5.98 13.04 -3.54
N VAL A 36 -6.49 11.93 -2.96
CA VAL A 36 -6.57 11.79 -1.50
C VAL A 36 -5.49 10.77 -1.04
N THR A 37 -4.52 11.32 -0.32
CA THR A 37 -3.37 10.58 0.26
C THR A 37 -3.73 9.31 1.10
N PRO A 38 -3.46 8.04 0.71
CA PRO A 38 -3.92 6.83 1.47
C PRO A 38 -3.35 6.70 2.90
N THR A 39 -4.27 6.65 3.88
CA THR A 39 -3.90 6.72 5.32
C THR A 39 -3.57 5.30 5.91
N VAL A 40 -2.50 4.68 5.39
CA VAL A 40 -2.20 3.24 5.64
C VAL A 40 -1.55 3.05 7.04
N THR A 41 -2.40 2.82 8.05
CA THR A 41 -2.05 3.15 9.45
C THR A 41 -1.54 1.89 10.19
N PHE A 42 -0.22 1.80 10.31
CA PHE A 42 0.47 0.55 10.69
C PHE A 42 0.62 0.43 12.21
N THR A 43 0.00 -0.60 12.76
CA THR A 43 -0.23 -0.72 14.22
C THR A 43 -0.16 -2.22 14.65
N MET A 44 0.40 -2.53 15.83
CA MET A 44 0.40 -3.93 16.34
C MET A 44 -0.94 -4.29 17.06
N ASP A 45 -1.70 -5.22 16.46
CA ASP A 45 -3.00 -5.72 17.00
C ASP A 45 -2.77 -6.98 17.88
N GLY A 46 -2.40 -6.75 19.15
CA GLY A 46 -2.05 -7.84 20.09
C GLY A 46 -0.67 -8.48 19.89
N ASP A 47 -0.59 -9.32 18.85
CA ASP A 47 0.68 -9.94 18.39
C ASP A 47 1.11 -9.35 17.00
N LYS A 48 0.24 -9.44 15.98
CA LYS A 48 0.61 -9.18 14.58
C LYS A 48 0.16 -7.78 14.06
N MET A 49 0.76 -7.38 12.95
CA MET A 49 0.67 -6.00 12.41
C MET A 49 -0.64 -5.71 11.60
N THR A 50 -1.13 -4.46 11.62
CA THR A 50 -2.47 -4.13 11.08
C THR A 50 -2.39 -2.73 10.40
N MET A 51 -2.75 -2.70 9.11
CA MET A 51 -2.94 -1.42 8.39
C MET A 51 -4.41 -0.96 8.51
N LEU A 52 -4.61 0.15 9.23
CA LEU A 52 -5.96 0.72 9.49
C LEU A 52 -6.24 1.83 8.41
N THR A 53 -6.44 1.35 7.16
CA THR A 53 -6.35 2.19 5.95
C THR A 53 -7.59 3.08 5.76
N GLU A 54 -7.40 4.38 5.97
CA GLU A 54 -8.50 5.37 5.93
C GLU A 54 -8.32 6.33 4.71
N SER A 55 -8.65 5.80 3.53
CA SER A 55 -8.73 6.57 2.26
C SER A 55 -10.21 6.96 1.91
N THR A 56 -10.41 7.95 1.03
CA THR A 56 -11.80 8.35 0.59
C THR A 56 -12.68 7.23 -0.04
N PHE A 57 -12.11 6.38 -0.91
CA PHE A 57 -12.81 5.16 -1.40
C PHE A 57 -12.47 3.82 -0.68
N LYS A 58 -11.29 3.68 -0.06
CA LYS A 58 -10.95 2.51 0.80
C LYS A 58 -10.75 2.96 2.29
N ASN A 59 -11.86 3.11 3.01
CA ASN A 59 -11.84 3.29 4.51
C ASN A 59 -12.10 1.92 5.22
N LEU A 60 -11.01 1.18 5.52
CA LEU A 60 -11.10 -0.24 5.94
C LEU A 60 -9.79 -0.75 6.63
N SER A 61 -9.93 -1.49 7.74
CA SER A 61 -8.77 -2.10 8.45
C SER A 61 -8.49 -3.58 8.09
N VAL A 62 -7.20 -3.98 8.07
CA VAL A 62 -6.82 -5.40 7.80
C VAL A 62 -5.62 -5.82 8.74
N THR A 63 -5.76 -6.98 9.38
CA THR A 63 -4.74 -7.56 10.30
C THR A 63 -3.96 -8.70 9.57
N PHE A 64 -2.64 -8.75 9.77
CA PHE A 64 -1.71 -9.60 8.99
C PHE A 64 -0.32 -9.84 9.68
N LYS A 65 0.46 -10.78 9.13
CA LYS A 65 1.88 -11.00 9.50
C LYS A 65 2.84 -11.09 8.29
N PHE A 66 4.15 -11.05 8.58
CA PHE A 66 5.24 -11.37 7.62
C PHE A 66 5.22 -12.86 7.13
N GLY A 67 4.33 -13.08 6.16
CA GLY A 67 3.91 -14.42 5.72
C GLY A 67 2.55 -14.47 4.99
N GLU A 68 1.52 -13.77 5.51
CA GLU A 68 0.17 -13.76 4.90
C GLU A 68 0.12 -13.01 3.53
N GLU A 69 -0.67 -13.51 2.57
CA GLU A 69 -1.20 -12.66 1.48
C GLU A 69 -2.58 -12.05 1.89
N PHE A 70 -2.56 -10.89 2.55
CA PHE A 70 -3.77 -10.30 3.20
C PHE A 70 -4.69 -9.56 2.19
N ASP A 71 -6.00 -9.87 2.16
CA ASP A 71 -6.93 -9.25 1.18
C ASP A 71 -7.49 -7.87 1.62
N GLU A 72 -7.41 -6.88 0.70
CA GLU A 72 -7.97 -5.52 0.91
C GLU A 72 -9.01 -5.21 -0.20
N LYS A 73 -10.21 -4.80 0.20
CA LYS A 73 -11.38 -4.70 -0.71
C LYS A 73 -11.49 -3.32 -1.38
N THR A 74 -11.51 -3.32 -2.71
CA THR A 74 -11.39 -2.08 -3.52
C THR A 74 -12.77 -1.53 -3.94
N SER A 75 -12.87 -0.20 -4.10
CA SER A 75 -14.08 0.45 -4.71
C SER A 75 -14.44 0.04 -6.18
N ASP A 76 -13.47 -0.34 -7.00
CA ASP A 76 -13.70 -1.15 -8.23
C ASP A 76 -14.42 -2.54 -8.04
N GLY A 77 -14.32 -3.17 -6.86
CA GLY A 77 -15.04 -4.42 -6.53
C GLY A 77 -14.17 -5.69 -6.53
N ARG A 78 -13.03 -5.66 -5.85
CA ARG A 78 -11.96 -6.67 -6.01
C ARG A 78 -11.24 -6.76 -4.61
N ASN A 79 -11.25 -7.94 -3.97
CA ASN A 79 -10.39 -8.20 -2.78
C ASN A 79 -8.94 -8.57 -3.21
N VAL A 80 -8.02 -7.60 -3.13
CA VAL A 80 -6.65 -7.76 -3.68
C VAL A 80 -5.67 -8.12 -2.54
N LYS A 81 -4.89 -9.16 -2.76
CA LYS A 81 -4.02 -9.75 -1.72
C LYS A 81 -2.66 -9.01 -1.63
N SER A 82 -1.85 -9.29 -0.60
CA SER A 82 -0.56 -8.58 -0.39
C SER A 82 0.43 -9.43 0.44
N VAL A 83 1.38 -10.09 -0.24
CA VAL A 83 2.32 -11.07 0.40
C VAL A 83 3.54 -10.37 1.06
N VAL A 84 3.67 -10.50 2.39
CA VAL A 84 4.55 -9.60 3.19
C VAL A 84 5.89 -10.29 3.54
N GLU A 85 6.98 -9.58 3.24
CA GLU A 85 8.36 -10.00 3.60
C GLU A 85 9.14 -8.73 4.02
N LYS A 86 9.58 -8.67 5.29
CA LYS A 86 10.56 -7.64 5.73
C LYS A 86 12.02 -8.13 5.57
N ASN A 87 12.85 -7.32 4.90
CA ASN A 87 14.31 -7.60 4.80
C ASN A 87 15.11 -7.31 6.14
N SER A 88 14.73 -6.28 6.93
CA SER A 88 15.18 -6.15 8.35
C SER A 88 14.04 -5.48 9.18
N GLU A 89 13.99 -4.14 9.31
CA GLU A 89 12.81 -3.43 9.89
C GLU A 89 12.34 -2.12 9.18
N SER A 90 13.11 -1.58 8.24
CA SER A 90 12.63 -0.53 7.29
C SER A 90 13.13 -0.75 5.82
N LYS A 91 13.03 -2.00 5.34
CA LYS A 91 13.32 -2.37 3.94
C LYS A 91 12.43 -3.63 3.72
N LEU A 92 11.33 -3.48 2.99
CA LEU A 92 10.21 -4.47 2.97
C LEU A 92 9.71 -4.72 1.51
N THR A 93 8.91 -5.76 1.27
CA THR A 93 8.31 -6.05 -0.07
C THR A 93 6.93 -6.74 0.14
N GLN A 94 5.89 -5.90 0.23
CA GLN A 94 4.47 -6.33 0.41
C GLN A 94 3.76 -6.51 -0.96
N THR A 95 4.08 -7.60 -1.67
CA THR A 95 3.78 -7.75 -3.13
C THR A 95 2.27 -7.97 -3.38
N GLN A 96 1.64 -7.05 -4.12
CA GLN A 96 0.16 -6.98 -4.23
C GLN A 96 -0.36 -8.03 -5.25
N VAL A 97 -1.17 -8.98 -4.78
CA VAL A 97 -1.64 -10.13 -5.61
C VAL A 97 -3.10 -9.80 -6.03
N ASP A 98 -3.19 -9.08 -7.15
CA ASP A 98 -4.44 -8.57 -7.74
C ASP A 98 -5.03 -9.57 -8.80
N PRO A 99 -6.25 -9.38 -9.39
CA PRO A 99 -6.67 -10.17 -10.60
C PRO A 99 -5.87 -10.01 -11.95
N LYS A 100 -4.72 -9.34 -11.92
CA LYS A 100 -3.61 -9.57 -12.89
C LYS A 100 -2.18 -9.81 -12.22
N ASN A 101 -2.03 -9.73 -10.89
CA ASN A 101 -0.72 -9.67 -10.18
C ASN A 101 0.03 -8.32 -10.42
N THR A 102 0.03 -7.44 -9.41
CA THR A 102 0.96 -6.27 -9.35
C THR A 102 2.43 -6.76 -9.10
N THR A 103 3.38 -6.18 -9.84
CA THR A 103 4.82 -6.56 -9.75
C THR A 103 5.51 -5.97 -8.48
N VAL A 104 6.46 -6.74 -7.91
CA VAL A 104 7.11 -6.50 -6.58
C VAL A 104 7.28 -5.03 -6.08
N ILE A 105 6.46 -4.64 -5.09
CA ILE A 105 6.29 -3.20 -4.72
C ILE A 105 7.32 -2.60 -3.67
N VAL A 106 8.53 -3.15 -3.71
CA VAL A 106 9.70 -2.87 -2.83
C VAL A 106 9.70 -1.52 -2.01
N ARG A 107 9.62 -1.67 -0.70
CA ARG A 107 9.41 -0.56 0.26
C ARG A 107 10.71 -0.19 0.99
N GLU A 108 11.27 0.97 0.62
CA GLU A 108 12.46 1.52 1.33
C GLU A 108 12.03 2.60 2.41
N VAL A 109 13.01 3.27 3.02
CA VAL A 109 12.78 4.60 3.67
C VAL A 109 13.94 5.55 3.31
N ASP A 110 13.60 6.75 2.82
CA ASP A 110 14.62 7.75 2.40
C ASP A 110 14.68 8.96 3.41
N GLY A 111 14.81 8.65 4.72
CA GLY A 111 14.72 9.66 5.80
C GLY A 111 13.28 10.07 6.18
N ASP A 112 12.56 9.15 6.83
CA ASP A 112 11.09 9.22 7.02
C ASP A 112 10.18 9.60 5.79
N THR A 113 10.56 9.14 4.59
CA THR A 113 9.71 9.14 3.38
C THR A 113 9.77 7.68 2.83
N MET A 114 8.79 6.89 3.27
CA MET A 114 8.77 5.42 3.08
C MET A 114 8.43 5.04 1.63
N LYS A 115 9.50 4.80 0.85
CA LYS A 115 9.44 4.83 -0.63
C LYS A 115 9.10 3.43 -1.21
N THR A 116 7.83 3.23 -1.57
CA THR A 116 7.27 1.90 -1.95
C THR A 116 6.76 1.87 -3.39
N THR A 117 7.68 1.48 -4.27
CA THR A 117 7.57 1.63 -5.74
C THR A 117 6.57 0.64 -6.38
N VAL A 118 5.32 1.07 -6.69
CA VAL A 118 4.32 0.15 -7.27
C VAL A 118 4.43 0.05 -8.80
N THR A 119 5.16 -0.97 -9.27
CA THR A 119 5.27 -1.31 -10.72
C THR A 119 4.34 -2.49 -11.10
N VAL A 120 4.00 -2.59 -12.39
CA VAL A 120 3.20 -3.74 -12.93
C VAL A 120 3.77 -4.11 -14.33
N GLY A 121 4.95 -4.76 -14.33
CA GLY A 121 5.84 -4.79 -15.50
C GLY A 121 6.53 -3.46 -15.93
N ASP A 122 5.73 -2.40 -16.06
CA ASP A 122 6.03 -1.25 -16.96
C ASP A 122 5.43 0.14 -16.53
N VAL A 123 5.37 0.42 -15.22
CA VAL A 123 4.73 1.66 -14.70
C VAL A 123 5.64 2.38 -13.66
N THR A 124 5.98 1.69 -12.56
CA THR A 124 6.91 2.20 -11.50
C THR A 124 6.39 3.49 -10.79
N ALA A 125 5.40 3.33 -9.90
CA ALA A 125 4.77 4.46 -9.20
C ALA A 125 5.45 4.65 -7.83
N ILE A 126 6.34 5.64 -7.77
CA ILE A 126 7.28 5.84 -6.62
C ILE A 126 6.56 6.45 -5.40
N ARG A 127 5.95 5.57 -4.57
CA ARG A 127 5.02 6.02 -3.50
C ARG A 127 5.81 6.46 -2.24
N ASN A 128 5.89 7.76 -2.04
CA ASN A 128 6.49 8.36 -0.83
C ASN A 128 5.41 8.54 0.27
N TYR A 129 5.73 8.19 1.52
CA TYR A 129 4.80 8.28 2.66
C TYR A 129 5.52 8.81 3.94
N LYS A 130 4.90 9.76 4.66
CA LYS A 130 5.45 10.24 5.95
C LYS A 130 4.81 9.41 7.11
N ARG A 131 5.63 8.60 7.80
CA ARG A 131 5.16 7.76 8.96
C ARG A 131 5.03 8.60 10.25
N LEU A 132 3.80 8.80 10.71
CA LEU A 132 3.50 9.79 11.77
C LEU A 132 2.92 9.06 13.02
N SER A 133 3.68 9.15 14.11
CA SER A 133 3.43 8.39 15.35
C SER A 133 2.67 9.23 16.39
N MET A 1 5.72 -0.52 10.31
CA MET A 1 6.31 -1.79 9.83
C MET A 1 6.52 -2.77 11.01
N SER A 2 7.54 -2.57 11.86
CA SER A 2 7.55 -3.09 13.25
C SER A 2 8.20 -2.09 14.25
N SER A 3 9.44 -1.64 14.05
CA SER A 3 9.97 -0.42 14.73
C SER A 3 9.37 0.94 14.24
N PHE A 4 9.03 1.10 12.95
CA PHE A 4 8.39 2.34 12.42
C PHE A 4 6.86 2.25 12.17
N LEU A 5 6.12 1.81 13.20
CA LEU A 5 4.63 1.79 13.21
C LEU A 5 4.04 3.23 13.27
N GLY A 6 3.02 3.49 12.45
CA GLY A 6 2.39 4.82 12.36
C GLY A 6 1.35 4.97 11.23
N LYS A 7 0.67 6.13 11.22
CA LYS A 7 -0.18 6.53 10.07
C LYS A 7 0.64 7.21 8.95
N TRP A 8 0.48 6.74 7.71
CA TRP A 8 1.38 7.11 6.60
C TRP A 8 0.50 7.70 5.46
N LYS A 9 0.63 9.00 5.14
CA LYS A 9 -0.20 9.65 4.09
C LYS A 9 0.69 10.21 2.95
N LEU A 10 0.17 10.15 1.71
CA LEU A 10 0.97 10.43 0.49
C LEU A 10 1.55 11.88 0.41
N SER A 11 2.87 11.95 0.26
CA SER A 11 3.61 13.21 0.06
C SER A 11 3.72 13.67 -1.43
N GLU A 12 3.99 12.75 -2.37
CA GLU A 12 4.05 13.03 -3.83
C GLU A 12 3.56 11.81 -4.66
N SER A 13 2.67 12.07 -5.62
CA SER A 13 2.22 11.06 -6.62
C SER A 13 3.13 11.06 -7.87
N HIS A 14 4.28 10.37 -7.82
CA HIS A 14 5.39 10.62 -8.79
C HIS A 14 5.22 10.00 -10.19
N ASN A 15 4.94 8.69 -10.29
CA ASN A 15 4.24 8.16 -11.51
C ASN A 15 2.90 7.38 -11.13
N PHE A 16 2.21 7.81 -10.07
CA PHE A 16 1.05 7.08 -9.48
C PHE A 16 -0.30 7.58 -10.05
N ASP A 17 -0.58 7.22 -11.31
CA ASP A 17 -1.78 7.69 -12.05
C ASP A 17 -2.35 6.53 -12.93
N ALA A 18 -1.59 6.09 -13.94
CA ALA A 18 -1.98 4.92 -14.78
C ALA A 18 -1.70 3.50 -14.22
N VAL A 19 -0.83 3.39 -13.21
CA VAL A 19 -0.53 2.11 -12.49
C VAL A 19 -1.75 1.33 -11.92
N MET A 20 -2.70 2.07 -11.32
CA MET A 20 -4.04 1.54 -11.01
C MET A 20 -4.89 1.27 -12.30
N SER A 21 -5.01 2.24 -13.20
CA SER A 21 -5.70 2.08 -14.51
C SER A 21 -5.33 0.84 -15.40
N LYS A 22 -4.03 0.51 -15.47
CA LYS A 22 -3.52 -0.71 -16.12
C LYS A 22 -3.85 -2.06 -15.41
N LEU A 23 -4.00 -2.04 -14.07
CA LEU A 23 -4.76 -3.10 -13.35
C LEU A 23 -6.29 -3.18 -13.72
N GLY A 24 -6.96 -2.03 -13.88
CA GLY A 24 -8.37 -1.96 -14.35
C GLY A 24 -9.33 -1.39 -13.31
N VAL A 25 -9.13 -0.11 -12.94
CA VAL A 25 -9.70 0.44 -11.67
C VAL A 25 -10.77 1.52 -11.98
N SER A 26 -11.86 1.50 -11.20
CA SER A 26 -13.04 2.36 -11.42
C SER A 26 -12.79 3.91 -11.36
N TRP A 27 -13.56 4.68 -12.14
CA TRP A 27 -13.36 6.15 -12.28
C TRP A 27 -13.96 6.97 -11.07
N ALA A 28 -13.25 6.81 -9.96
CA ALA A 28 -13.62 7.26 -8.60
C ALA A 28 -12.47 6.77 -7.63
N THR A 29 -12.21 5.45 -7.57
CA THR A 29 -10.99 4.89 -6.90
C THR A 29 -9.64 5.16 -7.59
N ARG A 30 -9.59 5.12 -8.92
CA ARG A 30 -8.45 5.65 -9.72
C ARG A 30 -8.19 7.19 -9.51
N GLN A 31 -9.20 7.95 -9.06
CA GLN A 31 -9.07 9.38 -8.69
C GLN A 31 -8.65 9.56 -7.19
N ILE A 32 -9.39 8.99 -6.22
CA ILE A 32 -9.03 9.04 -4.75
C ILE A 32 -7.62 8.50 -4.40
N GLY A 33 -7.18 7.43 -5.08
CA GLY A 33 -5.74 7.03 -5.12
C GLY A 33 -4.69 8.15 -5.19
N ASN A 34 -4.67 8.93 -6.28
CA ASN A 34 -3.89 10.18 -6.36
C ASN A 34 -4.71 11.52 -6.18
N THR A 35 -5.53 11.58 -5.12
CA THR A 35 -6.34 12.79 -4.78
C THR A 35 -6.44 12.88 -3.24
N VAL A 36 -7.12 11.94 -2.58
CA VAL A 36 -7.35 11.98 -1.12
C VAL A 36 -6.29 11.06 -0.46
N THR A 37 -5.24 11.70 0.06
CA THR A 37 -3.91 11.10 0.26
C THR A 37 -3.86 9.73 1.01
N PRO A 38 -3.56 8.55 0.39
CA PRO A 38 -3.84 7.21 1.00
C PRO A 38 -3.34 6.97 2.44
N THR A 39 -4.29 6.86 3.39
CA THR A 39 -3.96 6.85 4.85
C THR A 39 -3.59 5.41 5.35
N VAL A 40 -2.48 4.89 4.83
CA VAL A 40 -2.14 3.44 4.90
C VAL A 40 -1.40 3.12 6.23
N THR A 41 -2.19 2.84 7.25
CA THR A 41 -1.81 3.18 8.66
C THR A 41 -1.35 1.92 9.40
N PHE A 42 -0.03 1.71 9.42
CA PHE A 42 0.59 0.41 9.77
C PHE A 42 0.90 0.34 11.28
N THR A 43 0.09 -0.42 12.01
CA THR A 43 0.01 -0.31 13.49
C THR A 43 -0.16 -1.72 14.14
N MET A 44 0.50 -1.99 15.28
CA MET A 44 0.36 -3.29 15.99
C MET A 44 -1.03 -3.43 16.71
N ASP A 45 -1.85 -4.40 16.27
CA ASP A 45 -3.08 -4.79 17.01
C ASP A 45 -2.78 -6.06 17.87
N GLY A 46 -2.39 -5.81 19.14
CA GLY A 46 -2.01 -6.88 20.08
C GLY A 46 -0.59 -7.44 19.91
N ASP A 47 -0.45 -8.29 18.89
CA ASP A 47 0.83 -8.97 18.56
C ASP A 47 1.24 -8.68 17.06
N LYS A 48 0.35 -8.94 16.09
CA LYS A 48 0.62 -8.69 14.66
C LYS A 48 0.11 -7.32 14.16
N MET A 49 0.42 -6.98 12.91
CA MET A 49 0.33 -5.59 12.41
C MET A 49 -0.87 -5.36 11.45
N THR A 50 -1.40 -4.14 11.47
CA THR A 50 -2.70 -3.83 10.81
C THR A 50 -2.53 -2.53 10.00
N MET A 51 -2.84 -2.58 8.68
CA MET A 51 -3.09 -1.34 7.91
C MET A 51 -4.54 -0.84 8.15
N LEU A 52 -4.66 0.29 8.83
CA LEU A 52 -5.96 0.96 9.06
C LEU A 52 -6.21 2.01 7.93
N THR A 53 -6.45 1.50 6.72
CA THR A 53 -6.49 2.29 5.47
C THR A 53 -7.74 3.19 5.40
N GLU A 54 -7.53 4.49 5.57
CA GLU A 54 -8.62 5.48 5.78
C GLU A 54 -8.62 6.56 4.65
N SER A 55 -9.14 6.15 3.48
CA SER A 55 -9.39 7.04 2.32
C SER A 55 -10.93 7.26 2.09
N THR A 56 -11.29 8.22 1.21
CA THR A 56 -12.74 8.51 0.88
C THR A 56 -13.60 7.30 0.36
N PHE A 57 -13.06 6.47 -0.53
CA PHE A 57 -13.70 5.21 -0.98
C PHE A 57 -13.25 3.96 -0.16
N LYS A 58 -11.94 3.77 0.06
CA LYS A 58 -11.45 2.68 0.94
C LYS A 58 -11.16 3.22 2.38
N ASN A 59 -12.22 3.31 3.20
CA ASN A 59 -12.10 3.45 4.67
C ASN A 59 -12.30 2.06 5.33
N LEU A 60 -11.21 1.27 5.43
CA LEU A 60 -11.28 -0.16 5.78
C LEU A 60 -9.96 -0.69 6.39
N SER A 61 -10.05 -1.54 7.42
CA SER A 61 -8.88 -2.14 8.10
C SER A 61 -8.55 -3.58 7.64
N VAL A 62 -7.26 -3.91 7.59
CA VAL A 62 -6.77 -5.26 7.24
C VAL A 62 -5.62 -5.68 8.22
N THR A 63 -5.80 -6.83 8.89
CA THR A 63 -4.80 -7.38 9.86
C THR A 63 -3.98 -8.54 9.22
N PHE A 64 -2.68 -8.54 9.49
CA PHE A 64 -1.71 -9.43 8.79
C PHE A 64 -0.35 -9.56 9.54
N LYS A 65 0.48 -10.51 9.09
CA LYS A 65 1.88 -10.68 9.58
C LYS A 65 2.90 -10.85 8.43
N PHE A 66 4.16 -10.48 8.66
CA PHE A 66 5.24 -10.52 7.63
C PHE A 66 5.86 -11.94 7.34
N GLY A 67 4.97 -12.79 6.82
CA GLY A 67 5.29 -14.01 6.05
C GLY A 67 4.10 -14.43 5.14
N GLU A 68 2.92 -14.54 5.75
CA GLU A 68 1.65 -14.93 5.09
C GLU A 68 1.08 -13.92 4.04
N GLU A 69 0.12 -14.43 3.24
CA GLU A 69 -0.71 -13.60 2.34
C GLU A 69 -2.07 -13.19 3.00
N PHE A 70 -2.31 -11.87 3.14
CA PHE A 70 -3.66 -11.32 3.44
C PHE A 70 -4.45 -10.93 2.17
N ASP A 71 -5.77 -10.71 2.25
CA ASP A 71 -6.54 -9.98 1.20
C ASP A 71 -7.21 -8.65 1.67
N GLU A 72 -7.32 -7.68 0.75
CA GLU A 72 -8.18 -6.48 0.95
C GLU A 72 -9.37 -6.50 -0.05
N LYS A 73 -10.60 -6.41 0.47
CA LYS A 73 -11.81 -6.24 -0.38
C LYS A 73 -12.04 -4.74 -0.67
N THR A 74 -12.03 -4.39 -1.95
CA THR A 74 -11.88 -2.97 -2.39
C THR A 74 -13.24 -2.30 -2.70
N SER A 75 -13.32 -0.98 -2.52
CA SER A 75 -14.43 -0.14 -3.04
C SER A 75 -14.68 -0.11 -4.58
N ASP A 76 -13.64 -0.36 -5.39
CA ASP A 76 -13.77 -0.81 -6.80
C ASP A 76 -14.54 -2.16 -7.07
N GLY A 77 -14.60 -3.06 -6.07
CA GLY A 77 -15.38 -4.32 -6.13
C GLY A 77 -14.57 -5.58 -6.41
N ARG A 78 -13.48 -5.81 -5.64
CA ARG A 78 -12.44 -6.79 -6.00
C ARG A 78 -11.68 -7.14 -4.69
N ASN A 79 -11.68 -8.42 -4.26
CA ASN A 79 -10.76 -8.90 -3.19
C ASN A 79 -9.40 -9.31 -3.79
N VAL A 80 -8.34 -8.55 -3.45
CA VAL A 80 -6.98 -8.76 -4.01
C VAL A 80 -6.01 -9.11 -2.85
N LYS A 81 -5.15 -10.12 -3.08
CA LYS A 81 -4.26 -10.63 -2.01
C LYS A 81 -2.84 -10.04 -2.10
N SER A 82 -2.00 -10.27 -1.08
CA SER A 82 -0.69 -9.59 -0.95
C SER A 82 0.28 -10.40 -0.05
N VAL A 83 1.31 -11.01 -0.64
CA VAL A 83 2.30 -11.85 0.10
C VAL A 83 3.38 -10.98 0.80
N VAL A 84 3.39 -11.00 2.14
CA VAL A 84 4.10 -9.97 2.96
C VAL A 84 5.49 -10.51 3.40
N GLU A 85 6.56 -9.74 3.11
CA GLU A 85 7.94 -10.16 3.45
C GLU A 85 8.83 -8.92 3.68
N LYS A 86 9.45 -8.81 4.87
CA LYS A 86 10.62 -7.95 5.08
C LYS A 86 11.88 -8.29 4.22
N ASN A 87 12.55 -7.23 3.77
CA ASN A 87 14.02 -7.26 3.53
C ASN A 87 14.80 -7.12 4.89
N SER A 88 14.57 -6.03 5.65
CA SER A 88 14.93 -5.97 7.11
C SER A 88 13.95 -4.98 7.81
N GLU A 89 14.40 -4.06 8.68
CA GLU A 89 13.56 -2.94 9.21
C GLU A 89 13.78 -1.58 8.48
N SER A 90 13.84 -1.64 7.15
CA SER A 90 13.75 -0.48 6.24
C SER A 90 13.07 -0.72 4.86
N LYS A 91 12.64 -1.95 4.52
CA LYS A 91 12.08 -2.26 3.18
C LYS A 91 11.25 -3.58 3.30
N LEU A 92 10.00 -3.54 2.85
CA LEU A 92 9.07 -4.71 2.92
C LEU A 92 8.31 -4.87 1.57
N THR A 93 8.23 -6.09 1.02
CA THR A 93 7.69 -6.35 -0.34
C THR A 93 6.33 -7.10 -0.34
N GLN A 94 5.28 -6.39 0.08
CA GLN A 94 3.90 -6.96 0.18
C GLN A 94 3.19 -7.11 -1.19
N THR A 95 3.52 -8.21 -1.87
CA THR A 95 3.44 -8.31 -3.36
C THR A 95 2.02 -8.68 -3.79
N GLN A 96 1.32 -7.75 -4.46
CA GLN A 96 -0.13 -7.88 -4.73
C GLN A 96 -0.45 -9.00 -5.77
N VAL A 97 -1.34 -9.92 -5.40
CA VAL A 97 -1.76 -11.03 -6.29
C VAL A 97 -3.26 -10.77 -6.59
N ASP A 98 -3.48 -10.02 -7.68
CA ASP A 98 -4.81 -9.52 -8.10
C ASP A 98 -5.41 -10.45 -9.23
N PRO A 99 -6.62 -10.24 -9.81
CA PRO A 99 -6.95 -10.81 -11.17
C PRO A 99 -6.02 -10.43 -12.37
N LYS A 100 -5.24 -9.35 -12.25
CA LYS A 100 -4.05 -9.10 -13.12
C LYS A 100 -2.73 -9.81 -12.65
N ASN A 101 -2.43 -9.81 -11.33
CA ASN A 101 -1.12 -10.26 -10.75
C ASN A 101 -0.07 -9.11 -10.82
N THR A 102 0.21 -8.44 -9.69
CA THR A 102 1.07 -7.22 -9.64
C THR A 102 2.56 -7.58 -9.34
N THR A 103 3.48 -6.80 -9.93
CA THR A 103 4.95 -6.98 -9.69
C THR A 103 5.39 -6.42 -8.31
N VAL A 104 6.49 -6.97 -7.75
CA VAL A 104 7.01 -6.64 -6.39
C VAL A 104 6.95 -5.15 -5.92
N ILE A 105 6.01 -4.85 -5.01
CA ILE A 105 5.77 -3.47 -4.53
C ILE A 105 6.63 -3.19 -3.27
N VAL A 106 7.94 -2.99 -3.51
CA VAL A 106 8.94 -2.76 -2.43
C VAL A 106 8.69 -1.42 -1.65
N ARG A 107 8.34 -1.56 -0.36
CA ARG A 107 7.88 -0.44 0.49
C ARG A 107 9.02 0.01 1.44
N GLU A 108 9.83 0.99 0.97
CA GLU A 108 11.06 1.43 1.69
C GLU A 108 10.81 2.64 2.63
N VAL A 109 11.78 2.96 3.51
CA VAL A 109 11.78 4.26 4.25
C VAL A 109 13.16 4.96 4.15
N ASP A 110 13.12 6.26 3.84
CA ASP A 110 14.35 7.09 3.72
C ASP A 110 14.48 8.14 4.90
N GLY A 111 14.20 7.72 6.15
CA GLY A 111 14.12 8.62 7.32
C GLY A 111 12.79 9.37 7.47
N ASP A 112 11.76 8.66 7.97
CA ASP A 112 10.32 9.10 7.94
C ASP A 112 9.81 9.82 6.62
N THR A 113 10.13 9.17 5.50
CA THR A 113 9.74 9.55 4.14
C THR A 113 9.67 8.22 3.35
N MET A 114 8.51 7.55 3.46
CA MET A 114 8.33 6.17 3.00
C MET A 114 8.24 6.06 1.47
N LYS A 115 9.35 5.62 0.85
CA LYS A 115 9.49 5.54 -0.62
C LYS A 115 9.05 4.14 -1.14
N THR A 116 7.82 4.04 -1.66
CA THR A 116 7.16 2.73 -1.89
C THR A 116 6.81 2.59 -3.39
N THR A 117 7.74 2.00 -4.14
CA THR A 117 7.59 1.79 -5.59
C THR A 117 6.46 0.78 -5.92
N VAL A 118 5.39 1.23 -6.58
CA VAL A 118 4.46 0.27 -7.27
C VAL A 118 4.86 0.12 -8.75
N THR A 119 5.66 -0.92 -9.04
CA THR A 119 5.90 -1.38 -10.44
C THR A 119 4.96 -2.58 -10.77
N VAL A 120 4.53 -2.66 -12.04
CA VAL A 120 3.51 -3.66 -12.48
C VAL A 120 3.87 -4.13 -13.91
N GLY A 121 4.93 -4.95 -14.03
CA GLY A 121 5.64 -5.15 -15.31
C GLY A 121 6.50 -3.96 -15.84
N ASP A 122 5.85 -2.79 -15.95
CA ASP A 122 6.25 -1.73 -16.90
C ASP A 122 6.04 -0.23 -16.49
N VAL A 123 5.94 0.07 -15.19
CA VAL A 123 5.44 1.41 -14.72
C VAL A 123 6.42 2.09 -13.73
N THR A 124 6.68 1.46 -12.57
CA THR A 124 7.56 2.02 -11.48
C THR A 124 7.03 3.37 -10.92
N ALA A 125 6.03 3.31 -10.02
CA ALA A 125 5.40 4.52 -9.45
C ALA A 125 5.94 4.76 -8.03
N ILE A 126 6.92 5.68 -7.95
CA ILE A 126 7.78 5.88 -6.76
C ILE A 126 7.03 6.70 -5.68
N ARG A 127 6.24 6.00 -4.84
CA ARG A 127 5.28 6.69 -3.95
C ARG A 127 5.96 7.15 -2.64
N ASN A 128 6.07 8.46 -2.43
CA ASN A 128 6.62 9.01 -1.16
C ASN A 128 5.45 9.28 -0.16
N TYR A 129 5.60 8.84 1.09
CA TYR A 129 4.58 9.01 2.15
C TYR A 129 5.22 9.66 3.42
N LYS A 130 4.47 10.53 4.11
CA LYS A 130 4.92 11.06 5.43
C LYS A 130 4.39 10.13 6.57
N ARG A 131 5.33 9.61 7.40
CA ARG A 131 4.97 8.95 8.68
C ARG A 131 4.63 9.99 9.78
N LEU A 132 3.43 9.83 10.38
CA LEU A 132 2.82 10.88 11.21
C LEU A 132 2.47 10.35 12.64
N SER A 133 2.82 11.16 13.65
CA SER A 133 2.54 10.89 15.08
C SER A 133 1.24 11.59 15.52
N MET A 1 9.66 -4.66 14.89
CA MET A 1 8.75 -3.67 14.25
C MET A 1 8.80 -2.33 15.02
N SER A 2 9.40 -1.30 14.40
CA SER A 2 9.47 0.08 14.98
C SER A 2 9.73 1.20 13.94
N SER A 3 10.51 1.00 12.85
CA SER A 3 10.36 1.85 11.64
C SER A 3 8.94 1.86 10.99
N PHE A 4 8.29 0.68 10.92
CA PHE A 4 6.91 0.52 10.40
C PHE A 4 5.79 0.61 11.53
N LEU A 5 5.83 1.64 12.39
CA LEU A 5 4.75 1.94 13.35
C LEU A 5 4.29 3.44 13.23
N GLY A 6 3.02 3.65 12.86
CA GLY A 6 2.45 4.99 12.63
C GLY A 6 1.50 5.08 11.42
N LYS A 7 0.92 6.27 11.22
CA LYS A 7 0.17 6.59 9.98
C LYS A 7 1.00 7.42 8.97
N TRP A 8 0.76 7.17 7.68
CA TRP A 8 1.55 7.73 6.58
C TRP A 8 0.57 8.28 5.51
N LYS A 9 0.68 9.58 5.19
CA LYS A 9 -0.11 10.19 4.08
C LYS A 9 0.85 10.75 2.99
N LEU A 10 0.37 10.70 1.74
CA LEU A 10 1.24 10.77 0.54
C LEU A 10 1.83 12.18 0.29
N SER A 11 3.16 12.23 0.20
CA SER A 11 3.94 13.45 -0.11
C SER A 11 4.06 13.77 -1.63
N GLU A 12 4.31 12.76 -2.47
CA GLU A 12 4.30 12.90 -3.95
C GLU A 12 3.56 11.69 -4.60
N SER A 13 2.52 11.99 -5.39
CA SER A 13 1.95 11.02 -6.35
C SER A 13 2.73 11.08 -7.69
N HIS A 14 3.82 10.31 -7.81
CA HIS A 14 4.82 10.51 -8.90
C HIS A 14 4.35 9.96 -10.28
N ASN A 15 4.02 8.65 -10.36
CA ASN A 15 3.12 8.15 -11.43
C ASN A 15 2.03 7.18 -10.84
N PHE A 16 1.35 7.58 -9.75
CA PHE A 16 0.24 6.78 -9.15
C PHE A 16 -1.13 7.08 -9.83
N ASP A 17 -1.24 6.62 -11.09
CA ASP A 17 -2.23 7.15 -12.06
C ASP A 17 -2.50 6.05 -13.15
N ALA A 18 -1.54 5.85 -14.07
CA ALA A 18 -1.58 4.75 -15.05
C ALA A 18 -1.25 3.33 -14.51
N VAL A 19 -0.47 3.24 -13.42
CA VAL A 19 -0.30 2.00 -12.60
C VAL A 19 -1.61 1.27 -12.19
N MET A 20 -2.60 2.05 -11.72
CA MET A 20 -3.94 1.56 -11.42
C MET A 20 -4.77 1.32 -12.71
N SER A 21 -4.84 2.27 -13.66
CA SER A 21 -5.57 2.04 -14.94
C SER A 21 -5.08 0.87 -15.85
N LYS A 22 -3.76 0.62 -15.94
CA LYS A 22 -3.20 -0.61 -16.57
C LYS A 22 -3.47 -1.96 -15.83
N LEU A 23 -3.64 -1.94 -14.50
CA LEU A 23 -4.34 -3.01 -13.75
C LEU A 23 -5.87 -3.13 -14.11
N GLY A 24 -6.62 -2.01 -14.13
CA GLY A 24 -8.01 -1.95 -14.62
C GLY A 24 -8.99 -1.34 -13.61
N VAL A 25 -8.82 -0.04 -13.30
CA VAL A 25 -9.46 0.58 -12.09
C VAL A 25 -10.50 1.65 -12.51
N SER A 26 -11.66 1.63 -11.82
CA SER A 26 -12.84 2.45 -12.18
C SER A 26 -12.67 4.00 -12.14
N TRP A 27 -13.53 4.70 -12.90
CA TRP A 27 -13.54 6.19 -12.96
C TRP A 27 -14.18 6.91 -11.72
N ALA A 28 -13.46 6.76 -10.61
CA ALA A 28 -13.77 7.30 -9.26
C ALA A 28 -12.61 6.87 -8.30
N THR A 29 -12.35 5.56 -8.19
CA THR A 29 -11.22 5.01 -7.43
C THR A 29 -9.79 5.24 -7.98
N ARG A 30 -9.61 5.30 -9.30
CA ARG A 30 -8.31 5.70 -9.91
C ARG A 30 -7.84 7.19 -9.63
N GLN A 31 -8.76 8.03 -9.12
CA GLN A 31 -8.50 9.44 -8.76
C GLN A 31 -8.32 9.66 -7.23
N ILE A 32 -9.11 9.00 -6.35
CA ILE A 32 -8.89 9.04 -4.85
C ILE A 32 -7.51 8.49 -4.38
N GLY A 33 -6.94 7.48 -5.09
CA GLY A 33 -5.50 7.17 -4.98
C GLY A 33 -4.50 8.36 -5.05
N ASN A 34 -4.57 9.14 -6.13
CA ASN A 34 -3.86 10.44 -6.25
C ASN A 34 -4.60 11.75 -5.81
N THR A 35 -5.48 11.66 -4.80
CA THR A 35 -6.32 12.80 -4.35
C THR A 35 -6.52 12.69 -2.82
N VAL A 36 -7.30 11.71 -2.34
CA VAL A 36 -7.58 11.55 -0.90
C VAL A 36 -6.75 10.34 -0.38
N THR A 37 -5.56 10.68 0.11
CA THR A 37 -4.37 9.78 0.09
C THR A 37 -4.55 8.39 0.76
N PRO A 38 -3.96 7.26 0.28
CA PRO A 38 -4.02 5.95 1.02
C PRO A 38 -3.35 6.01 2.41
N THR A 39 -4.18 6.18 3.46
CA THR A 39 -3.70 6.52 4.82
C THR A 39 -3.24 5.22 5.57
N VAL A 40 -2.07 4.71 5.16
CA VAL A 40 -1.60 3.35 5.52
C VAL A 40 -1.09 3.32 6.99
N THR A 41 -2.02 2.94 7.89
CA THR A 41 -1.84 3.17 9.35
C THR A 41 -1.35 1.88 10.02
N PHE A 42 -0.01 1.76 10.07
CA PHE A 42 0.70 0.53 10.42
C PHE A 42 0.90 0.42 11.95
N THR A 43 0.27 -0.59 12.53
CA THR A 43 0.06 -0.65 14.01
C THR A 43 0.15 -2.13 14.48
N MET A 44 0.86 -2.43 15.57
CA MET A 44 0.92 -3.81 16.12
C MET A 44 -0.30 -4.13 17.03
N ASP A 45 -1.22 -4.97 16.54
CA ASP A 45 -2.45 -5.36 17.27
C ASP A 45 -2.18 -6.60 18.18
N GLY A 46 -1.70 -6.33 19.40
CA GLY A 46 -1.25 -7.38 20.33
C GLY A 46 0.14 -7.95 20.05
N ASP A 47 0.21 -8.79 19.01
CA ASP A 47 1.48 -9.28 18.43
C ASP A 47 1.67 -8.71 16.98
N LYS A 48 0.76 -9.04 16.06
CA LYS A 48 1.00 -8.89 14.60
C LYS A 48 0.45 -7.56 14.02
N MET A 49 1.01 -7.19 12.86
CA MET A 49 0.84 -5.83 12.28
C MET A 49 -0.47 -5.62 11.51
N THR A 50 -1.05 -4.42 11.61
CA THR A 50 -2.36 -4.09 11.03
C THR A 50 -2.22 -2.76 10.27
N MET A 51 -2.58 -2.76 8.98
CA MET A 51 -2.84 -1.52 8.22
C MET A 51 -4.31 -1.05 8.43
N LEU A 52 -4.48 0.05 9.17
CA LEU A 52 -5.81 0.68 9.41
C LEU A 52 -6.08 1.75 8.32
N THR A 53 -6.26 1.27 7.08
CA THR A 53 -6.18 2.08 5.84
C THR A 53 -7.41 2.99 5.65
N GLU A 54 -7.20 4.31 5.66
CA GLU A 54 -8.29 5.30 5.71
C GLU A 54 -8.22 6.31 4.51
N SER A 55 -8.70 5.86 3.35
CA SER A 55 -9.05 6.74 2.19
C SER A 55 -10.60 6.93 2.08
N THR A 56 -11.06 7.87 1.24
CA THR A 56 -12.53 7.99 0.90
C THR A 56 -13.24 6.69 0.39
N PHE A 57 -12.61 5.99 -0.55
CA PHE A 57 -13.12 4.70 -1.09
C PHE A 57 -12.62 3.41 -0.39
N LYS A 58 -11.38 3.39 0.12
CA LYS A 58 -10.93 2.31 1.03
C LYS A 58 -10.69 2.87 2.46
N ASN A 59 -11.77 3.02 3.23
CA ASN A 59 -11.72 3.17 4.71
C ASN A 59 -11.94 1.79 5.38
N LEU A 60 -10.86 1.01 5.54
CA LEU A 60 -10.93 -0.41 5.93
C LEU A 60 -9.63 -0.91 6.62
N SER A 61 -9.78 -1.72 7.68
CA SER A 61 -8.64 -2.35 8.38
C SER A 61 -8.33 -3.80 7.93
N VAL A 62 -7.05 -4.17 7.95
CA VAL A 62 -6.60 -5.55 7.63
C VAL A 62 -5.38 -5.92 8.55
N THR A 63 -5.50 -7.05 9.25
CA THR A 63 -4.46 -7.56 10.21
C THR A 63 -3.80 -8.87 9.66
N PHE A 64 -2.51 -8.99 9.93
CA PHE A 64 -1.59 -9.91 9.21
C PHE A 64 -0.21 -10.01 9.91
N LYS A 65 0.56 -11.05 9.60
CA LYS A 65 2.01 -11.11 9.97
C LYS A 65 2.95 -10.81 8.78
N PHE A 66 4.26 -10.65 9.07
CA PHE A 66 5.30 -10.48 8.02
C PHE A 66 5.79 -11.79 7.30
N GLY A 67 4.82 -12.66 6.98
CA GLY A 67 5.03 -13.85 6.14
C GLY A 67 3.70 -14.60 5.85
N GLU A 68 2.72 -13.90 5.27
CA GLU A 68 1.40 -14.46 4.89
C GLU A 68 0.81 -13.67 3.66
N GLU A 69 -0.11 -14.32 2.92
CA GLU A 69 -1.06 -13.58 2.06
C GLU A 69 -2.30 -13.10 2.88
N PHE A 70 -2.45 -11.77 3.07
CA PHE A 70 -3.78 -11.18 3.40
C PHE A 70 -4.69 -11.01 2.15
N ASP A 71 -5.99 -10.76 2.35
CA ASP A 71 -6.90 -10.27 1.28
C ASP A 71 -7.63 -8.94 1.64
N GLU A 72 -7.82 -8.06 0.63
CA GLU A 72 -8.62 -6.80 0.79
C GLU A 72 -9.56 -6.61 -0.42
N LYS A 73 -10.82 -6.17 -0.18
CA LYS A 73 -11.75 -5.82 -1.29
C LYS A 73 -11.90 -4.30 -1.53
N THR A 74 -11.79 -3.92 -2.79
CA THR A 74 -11.76 -2.51 -3.23
C THR A 74 -13.18 -1.93 -3.52
N SER A 75 -13.40 -0.61 -3.38
CA SER A 75 -14.62 0.03 -3.92
C SER A 75 -14.84 0.01 -5.48
N ASP A 76 -13.78 -0.23 -6.25
CA ASP A 76 -13.86 -0.77 -7.64
C ASP A 76 -14.53 -2.18 -7.79
N GLY A 77 -14.45 -3.05 -6.77
CA GLY A 77 -15.23 -4.30 -6.66
C GLY A 77 -14.39 -5.56 -6.84
N ARG A 78 -13.34 -5.77 -6.02
CA ARG A 78 -12.26 -6.72 -6.39
C ARG A 78 -11.56 -7.21 -5.09
N ASN A 79 -11.75 -8.47 -4.71
CA ASN A 79 -11.04 -9.08 -3.55
C ASN A 79 -9.61 -9.52 -3.96
N VAL A 80 -8.61 -8.74 -3.56
CA VAL A 80 -7.21 -8.88 -4.06
C VAL A 80 -6.31 -9.35 -2.89
N LYS A 81 -5.42 -10.31 -3.20
CA LYS A 81 -4.51 -10.90 -2.19
C LYS A 81 -3.19 -10.10 -2.08
N SER A 82 -2.35 -10.38 -1.08
CA SER A 82 -1.14 -9.55 -0.82
C SER A 82 -0.10 -10.29 0.07
N VAL A 83 0.97 -10.82 -0.55
CA VAL A 83 2.04 -11.55 0.16
C VAL A 83 3.00 -10.59 0.91
N VAL A 84 2.93 -10.58 2.25
CA VAL A 84 3.75 -9.70 3.10
C VAL A 84 5.12 -10.40 3.41
N GLU A 85 6.22 -9.73 3.10
CA GLU A 85 7.53 -10.04 3.72
C GLU A 85 8.12 -8.69 4.21
N LYS A 86 8.36 -8.58 5.53
CA LYS A 86 9.27 -7.54 6.07
C LYS A 86 10.69 -8.14 6.17
N ASN A 87 11.56 -7.71 5.26
CA ASN A 87 12.89 -8.36 5.05
C ASN A 87 13.93 -7.78 6.04
N SER A 88 14.38 -6.54 5.81
CA SER A 88 15.02 -5.72 6.87
C SER A 88 13.97 -4.83 7.59
N GLU A 89 14.34 -4.28 8.77
CA GLU A 89 13.52 -3.20 9.43
C GLU A 89 13.61 -1.77 8.77
N SER A 90 14.00 -1.69 7.49
CA SER A 90 13.48 -0.67 6.56
C SER A 90 13.35 -1.19 5.08
N LYS A 91 12.88 -2.43 4.85
CA LYS A 91 12.67 -2.96 3.47
C LYS A 91 11.59 -4.08 3.53
N LEU A 92 10.37 -3.74 3.11
CA LEU A 92 9.19 -4.65 3.08
C LEU A 92 8.72 -4.84 1.60
N THR A 93 8.09 -5.97 1.24
CA THR A 93 7.59 -6.20 -0.17
C THR A 93 6.18 -6.86 -0.22
N GLN A 94 5.16 -6.05 0.16
CA GLN A 94 3.76 -6.51 0.29
C GLN A 94 3.03 -6.65 -1.08
N THR A 95 3.28 -7.76 -1.77
CA THR A 95 3.12 -7.85 -3.24
C THR A 95 1.67 -8.26 -3.61
N GLN A 96 0.93 -7.33 -4.22
CA GLN A 96 -0.55 -7.51 -4.37
C GLN A 96 -0.91 -8.48 -5.53
N VAL A 97 -1.66 -9.53 -5.22
CA VAL A 97 -2.02 -10.60 -6.18
C VAL A 97 -3.49 -10.32 -6.60
N ASP A 98 -3.62 -9.52 -7.65
CA ASP A 98 -4.90 -9.00 -8.15
C ASP A 98 -5.43 -9.89 -9.34
N PRO A 99 -6.67 -9.74 -9.88
CA PRO A 99 -7.02 -10.33 -11.23
C PRO A 99 -6.19 -9.89 -12.48
N LYS A 100 -5.33 -8.87 -12.35
CA LYS A 100 -4.21 -8.62 -13.30
C LYS A 100 -2.75 -8.91 -12.73
N ASN A 101 -2.57 -9.21 -11.43
CA ASN A 101 -1.26 -9.23 -10.72
C ASN A 101 -0.55 -7.84 -10.63
N THR A 102 -0.37 -7.31 -9.41
CA THR A 102 0.55 -6.16 -9.18
C THR A 102 2.00 -6.71 -8.91
N THR A 103 2.98 -6.17 -9.62
CA THR A 103 4.40 -6.59 -9.45
C THR A 103 5.06 -5.96 -8.17
N VAL A 104 6.10 -6.63 -7.63
CA VAL A 104 6.72 -6.34 -6.30
C VAL A 104 6.80 -4.86 -5.81
N ILE A 105 5.96 -4.48 -4.84
CA ILE A 105 5.77 -3.03 -4.47
C ILE A 105 6.76 -2.42 -3.40
N VAL A 106 8.00 -2.92 -3.45
CA VAL A 106 9.12 -2.66 -2.49
C VAL A 106 9.07 -1.34 -1.63
N ARG A 107 8.81 -1.57 -0.35
CA ARG A 107 8.41 -0.57 0.65
C ARG A 107 9.62 -0.26 1.57
N GLU A 108 10.35 0.79 1.20
CA GLU A 108 11.65 1.16 1.83
C GLU A 108 11.51 2.57 2.47
N VAL A 109 11.54 2.70 3.80
CA VAL A 109 11.46 4.04 4.46
C VAL A 109 12.85 4.71 4.53
N ASP A 110 12.99 5.82 3.80
CA ASP A 110 14.30 6.51 3.65
C ASP A 110 14.54 7.62 4.75
N GLY A 111 14.26 7.28 6.03
CA GLY A 111 14.27 8.26 7.15
C GLY A 111 13.01 9.14 7.24
N ASP A 112 11.89 8.51 7.63
CA ASP A 112 10.51 9.04 7.49
C ASP A 112 10.15 9.80 6.14
N THR A 113 10.45 9.09 5.05
CA THR A 113 10.03 9.43 3.68
C THR A 113 9.77 8.06 3.00
N MET A 114 8.52 7.59 3.17
CA MET A 114 8.18 6.15 3.04
C MET A 114 8.05 5.74 1.55
N LYS A 115 9.11 5.18 0.98
CA LYS A 115 9.21 4.96 -0.49
C LYS A 115 8.71 3.53 -0.87
N THR A 116 7.42 3.43 -1.23
CA THR A 116 6.79 2.15 -1.67
C THR A 116 6.46 2.20 -3.17
N THR A 117 7.43 1.77 -3.97
CA THR A 117 7.42 1.94 -5.44
C THR A 117 6.53 0.88 -6.12
N VAL A 118 5.34 1.28 -6.58
CA VAL A 118 4.38 0.31 -7.19
C VAL A 118 4.65 0.12 -8.70
N THR A 119 5.28 -1.00 -9.07
CA THR A 119 5.43 -1.43 -10.48
C THR A 119 4.41 -2.53 -10.86
N VAL A 120 4.10 -2.64 -12.16
CA VAL A 120 3.14 -3.68 -12.67
C VAL A 120 3.64 -4.17 -14.05
N GLY A 121 4.70 -5.01 -14.04
CA GLY A 121 5.56 -5.23 -15.22
C GLY A 121 6.45 -4.04 -15.67
N ASP A 122 5.80 -2.89 -15.89
CA ASP A 122 6.29 -1.81 -16.80
C ASP A 122 5.80 -0.38 -16.42
N VAL A 123 5.86 0.00 -15.14
CA VAL A 123 5.37 1.35 -14.68
C VAL A 123 6.35 1.98 -13.64
N THR A 124 6.51 1.35 -12.46
CA THR A 124 7.39 1.85 -11.36
C THR A 124 6.94 3.23 -10.79
N ALA A 125 5.87 3.25 -10.00
CA ALA A 125 5.23 4.49 -9.50
C ALA A 125 5.69 4.78 -8.06
N ILE A 126 6.62 5.73 -7.94
CA ILE A 126 7.38 5.93 -6.68
C ILE A 126 6.56 6.68 -5.62
N ARG A 127 5.97 5.91 -4.69
CA ARG A 127 5.03 6.47 -3.69
C ARG A 127 5.79 6.87 -2.41
N ASN A 128 5.84 8.17 -2.12
CA ASN A 128 6.61 8.73 -0.97
C ASN A 128 5.61 9.32 0.06
N TYR A 129 5.72 8.99 1.35
CA TYR A 129 4.73 9.41 2.38
C TYR A 129 5.48 10.00 3.66
N LYS A 130 4.81 10.91 4.38
CA LYS A 130 5.36 11.46 5.66
C LYS A 130 4.71 10.78 6.91
N ARG A 131 5.50 10.54 7.98
CA ARG A 131 5.00 9.92 9.22
C ARG A 131 4.22 10.92 10.12
N LEU A 132 3.02 10.52 10.55
CA LEU A 132 2.07 11.41 11.27
C LEU A 132 1.63 10.79 12.63
N SER A 133 1.44 11.65 13.63
CA SER A 133 1.02 11.26 14.99
C SER A 133 -0.48 11.49 15.21
N MET A 1 7.58 -5.67 10.98
CA MET A 1 8.25 -4.39 11.27
C MET A 1 7.66 -3.69 12.53
N SER A 2 8.56 -3.22 13.41
CA SER A 2 8.20 -2.34 14.55
C SER A 2 8.53 -0.82 14.33
N SER A 3 9.60 -0.48 13.62
CA SER A 3 10.00 0.92 13.30
C SER A 3 8.96 1.82 12.54
N PHE A 4 8.05 1.21 11.78
CA PHE A 4 6.99 1.92 11.03
C PHE A 4 5.57 1.89 11.70
N LEU A 5 5.43 1.55 13.00
CA LEU A 5 4.11 1.55 13.71
C LEU A 5 3.55 2.99 13.89
N GLY A 6 2.37 3.23 13.30
CA GLY A 6 1.93 4.58 12.88
C GLY A 6 1.35 4.61 11.45
N LYS A 7 0.86 5.79 11.06
CA LYS A 7 0.30 6.02 9.70
C LYS A 7 1.33 6.67 8.74
N TRP A 8 1.48 6.09 7.55
CA TRP A 8 2.23 6.73 6.45
C TRP A 8 1.24 7.06 5.31
N LYS A 9 1.00 8.35 5.05
CA LYS A 9 -0.06 8.80 4.11
C LYS A 9 0.55 9.66 2.97
N LEU A 10 0.01 9.48 1.76
CA LEU A 10 0.70 9.82 0.48
C LEU A 10 1.18 11.28 0.34
N SER A 11 2.49 11.45 0.11
CA SER A 11 3.12 12.76 -0.16
C SER A 11 3.07 13.21 -1.65
N GLU A 12 3.29 12.30 -2.61
CA GLU A 12 3.21 12.60 -4.06
C GLU A 12 2.72 11.37 -4.90
N SER A 13 2.26 11.65 -6.14
CA SER A 13 2.01 10.58 -7.15
C SER A 13 2.96 10.75 -8.36
N HIS A 14 4.06 9.97 -8.40
CA HIS A 14 5.01 10.04 -9.55
C HIS A 14 4.49 9.38 -10.85
N ASN A 15 4.05 8.12 -10.77
CA ASN A 15 2.93 7.64 -11.65
C ASN A 15 1.92 6.73 -10.87
N PHE A 16 1.52 7.08 -9.62
CA PHE A 16 0.42 6.37 -8.90
C PHE A 16 -1.01 6.78 -9.38
N ASP A 17 -1.23 6.51 -10.67
CA ASP A 17 -2.21 7.23 -11.51
C ASP A 17 -2.57 6.37 -12.76
N ALA A 18 -1.60 6.00 -13.61
CA ALA A 18 -1.78 4.91 -14.59
C ALA A 18 -1.45 3.46 -14.11
N VAL A 19 -0.63 3.29 -13.07
CA VAL A 19 -0.26 1.95 -12.52
C VAL A 19 -1.44 1.01 -12.11
N MET A 20 -2.43 1.59 -11.44
CA MET A 20 -3.70 0.90 -11.15
C MET A 20 -4.67 0.84 -12.37
N SER A 21 -4.79 1.87 -13.22
CA SER A 21 -5.58 1.76 -14.47
C SER A 21 -5.08 0.73 -15.55
N LYS A 22 -3.76 0.53 -15.72
CA LYS A 22 -3.19 -0.66 -16.44
C LYS A 22 -3.59 -2.05 -15.87
N LEU A 23 -3.49 -2.18 -14.55
CA LEU A 23 -4.07 -3.32 -13.79
C LEU A 23 -5.62 -3.54 -14.00
N GLY A 24 -6.42 -2.47 -13.95
CA GLY A 24 -7.85 -2.50 -14.30
C GLY A 24 -8.78 -1.98 -13.20
N VAL A 25 -8.71 -0.66 -12.94
CA VAL A 25 -9.34 -0.03 -11.75
C VAL A 25 -10.30 1.11 -12.20
N SER A 26 -11.48 1.17 -11.58
CA SER A 26 -12.56 2.11 -11.99
C SER A 26 -12.24 3.61 -11.81
N TRP A 27 -12.65 4.44 -12.79
CA TRP A 27 -12.46 5.92 -12.70
C TRP A 27 -13.54 6.69 -11.85
N ALA A 28 -13.72 6.18 -10.62
CA ALA A 28 -14.17 6.96 -9.44
C ALA A 28 -13.15 6.81 -8.26
N THR A 29 -12.72 5.57 -7.91
CA THR A 29 -11.50 5.34 -7.10
C THR A 29 -10.15 5.93 -7.62
N ARG A 30 -9.96 5.97 -8.96
CA ARG A 30 -8.79 6.64 -9.57
C ARG A 30 -8.80 8.20 -9.58
N GLN A 31 -9.78 8.84 -8.93
CA GLN A 31 -9.63 10.21 -8.38
C GLN A 31 -8.98 10.18 -6.96
N ILE A 32 -9.58 9.44 -6.00
CA ILE A 32 -9.17 9.43 -4.57
C ILE A 32 -7.79 8.77 -4.31
N GLY A 33 -7.42 7.70 -5.05
CA GLY A 33 -6.04 7.15 -5.04
C GLY A 33 -4.86 8.15 -5.09
N ASN A 34 -4.90 9.12 -6.01
CA ASN A 34 -4.02 10.31 -5.99
C ASN A 34 -4.70 11.67 -5.62
N THR A 35 -5.56 11.68 -4.59
CA THR A 35 -6.25 12.91 -4.10
C THR A 35 -6.42 12.79 -2.57
N VAL A 36 -7.35 11.94 -2.08
CA VAL A 36 -7.61 11.81 -0.62
C VAL A 36 -6.93 10.49 -0.16
N THR A 37 -5.78 10.67 0.48
CA THR A 37 -4.67 9.68 0.46
C THR A 37 -4.96 8.20 0.87
N PRO A 38 -4.25 7.17 0.35
CA PRO A 38 -4.10 5.86 1.07
C PRO A 38 -3.42 5.99 2.45
N THR A 39 -4.24 6.15 3.49
CA THR A 39 -3.74 6.43 4.87
C THR A 39 -3.49 5.09 5.63
N VAL A 40 -2.42 4.39 5.24
CA VAL A 40 -2.17 3.00 5.69
C VAL A 40 -1.56 2.98 7.12
N THR A 41 -2.45 2.68 8.08
CA THR A 41 -2.24 3.01 9.52
C THR A 41 -1.84 1.74 10.29
N PHE A 42 -0.54 1.48 10.36
CA PHE A 42 0.04 0.17 10.72
C PHE A 42 0.26 0.05 12.24
N THR A 43 -0.49 -0.84 12.87
CA THR A 43 -0.65 -0.81 14.35
C THR A 43 -0.69 -2.26 14.92
N MET A 44 0.07 -2.54 15.99
CA MET A 44 0.16 -3.91 16.56
C MET A 44 -1.08 -4.32 17.41
N ASP A 45 -1.98 -5.13 16.83
CA ASP A 45 -3.22 -5.59 17.52
C ASP A 45 -2.97 -6.94 18.27
N GLY A 46 -2.36 -6.84 19.47
CA GLY A 46 -2.09 -8.00 20.34
C GLY A 46 -0.91 -8.89 19.91
N ASP A 47 -1.16 -9.70 18.89
CA ASP A 47 -0.15 -10.55 18.21
C ASP A 47 0.52 -9.82 17.00
N LYS A 48 -0.31 -9.31 16.07
CA LYS A 48 0.12 -9.02 14.69
C LYS A 48 -0.48 -7.68 14.17
N MET A 49 0.15 -7.15 13.11
CA MET A 49 -0.01 -5.73 12.76
C MET A 49 -1.19 -5.47 11.78
N THR A 50 -1.93 -4.38 12.05
CA THR A 50 -3.20 -4.07 11.37
C THR A 50 -3.05 -2.71 10.67
N MET A 51 -3.22 -2.70 9.34
CA MET A 51 -3.41 -1.44 8.58
C MET A 51 -4.87 -0.95 8.70
N LEU A 52 -5.05 0.13 9.46
CA LEU A 52 -6.36 0.79 9.66
C LEU A 52 -6.57 1.88 8.55
N THR A 53 -6.69 1.40 7.31
CA THR A 53 -6.56 2.23 6.08
C THR A 53 -7.72 3.23 5.92
N GLU A 54 -7.39 4.51 5.75
CA GLU A 54 -8.36 5.61 5.94
C GLU A 54 -8.31 6.55 4.69
N SER A 55 -9.10 6.19 3.68
CA SER A 55 -9.31 7.02 2.47
C SER A 55 -10.84 7.30 2.29
N THR A 56 -11.24 8.32 1.50
CA THR A 56 -12.71 8.55 1.20
C THR A 56 -13.46 7.35 0.51
N PHE A 57 -12.81 6.66 -0.43
CA PHE A 57 -13.34 5.41 -1.05
C PHE A 57 -12.90 4.10 -0.32
N LYS A 58 -11.69 4.03 0.26
CA LYS A 58 -11.27 2.85 1.06
C LYS A 58 -10.96 3.23 2.54
N ASN A 59 -12.02 3.47 3.33
CA ASN A 59 -11.92 3.66 4.80
C ASN A 59 -12.25 2.30 5.51
N LEU A 60 -11.24 1.45 5.68
CA LEU A 60 -11.41 0.03 6.03
C LEU A 60 -10.14 -0.60 6.69
N SER A 61 -10.32 -1.51 7.67
CA SER A 61 -9.18 -2.15 8.38
C SER A 61 -8.84 -3.59 7.91
N VAL A 62 -7.55 -3.95 7.95
CA VAL A 62 -7.05 -5.28 7.55
C VAL A 62 -5.88 -5.74 8.50
N THR A 63 -6.02 -6.94 9.09
CA THR A 63 -5.00 -7.51 10.04
C THR A 63 -4.16 -8.62 9.35
N PHE A 64 -2.86 -8.65 9.69
CA PHE A 64 -1.84 -9.49 9.01
C PHE A 64 -0.52 -9.60 9.83
N LYS A 65 0.35 -10.54 9.43
CA LYS A 65 1.78 -10.54 9.86
C LYS A 65 2.75 -10.50 8.65
N PHE A 66 4.07 -10.44 8.93
CA PHE A 66 5.11 -10.73 7.91
C PHE A 66 5.17 -12.23 7.48
N GLY A 67 4.19 -12.61 6.66
CA GLY A 67 4.11 -13.93 6.03
C GLY A 67 2.93 -14.05 5.03
N GLU A 68 1.71 -13.89 5.55
CA GLU A 68 0.46 -14.22 4.83
C GLU A 68 0.06 -13.20 3.70
N GLU A 69 -0.70 -13.71 2.71
CA GLU A 69 -1.38 -12.88 1.69
C GLU A 69 -2.67 -12.20 2.26
N PHE A 70 -2.58 -10.90 2.61
CA PHE A 70 -3.71 -10.20 3.28
C PHE A 70 -4.69 -9.55 2.26
N ASP A 71 -5.94 -10.03 2.17
CA ASP A 71 -6.95 -9.46 1.25
C ASP A 71 -7.52 -8.06 1.70
N GLU A 72 -7.44 -7.05 0.83
CA GLU A 72 -8.18 -5.77 0.98
C GLU A 72 -9.25 -5.64 -0.14
N LYS A 73 -10.51 -5.36 0.24
CA LYS A 73 -11.64 -5.30 -0.72
C LYS A 73 -11.97 -3.83 -1.09
N THR A 74 -11.95 -3.53 -2.39
CA THR A 74 -11.95 -2.13 -2.89
C THR A 74 -13.39 -1.59 -3.19
N SER A 75 -13.59 -0.27 -3.11
CA SER A 75 -14.81 0.39 -3.66
C SER A 75 -15.03 0.34 -5.22
N ASP A 76 -13.98 0.11 -6.01
CA ASP A 76 -14.06 -0.46 -7.37
C ASP A 76 -14.74 -1.86 -7.47
N GLY A 77 -14.36 -2.81 -6.59
CA GLY A 77 -14.98 -4.13 -6.46
C GLY A 77 -14.02 -5.30 -6.72
N ARG A 78 -12.93 -5.37 -5.95
CA ARG A 78 -11.83 -6.33 -6.15
C ARG A 78 -11.30 -6.69 -4.71
N ASN A 79 -11.34 -7.96 -4.29
CA ASN A 79 -10.50 -8.45 -3.17
C ASN A 79 -9.06 -8.72 -3.65
N VAL A 80 -8.10 -7.87 -3.26
CA VAL A 80 -6.70 -7.96 -3.74
C VAL A 80 -5.79 -8.24 -2.53
N LYS A 81 -4.93 -9.24 -2.67
CA LYS A 81 -4.12 -9.75 -1.54
C LYS A 81 -2.67 -9.24 -1.60
N SER A 82 -1.86 -9.58 -0.59
CA SER A 82 -0.52 -8.94 -0.43
C SER A 82 0.45 -9.81 0.40
N VAL A 83 1.42 -10.45 -0.28
CA VAL A 83 2.44 -11.32 0.39
C VAL A 83 3.57 -10.47 1.04
N VAL A 84 3.72 -10.59 2.36
CA VAL A 84 4.54 -9.66 3.17
C VAL A 84 5.83 -10.39 3.65
N GLU A 85 7.01 -9.83 3.35
CA GLU A 85 8.23 -10.17 4.14
C GLU A 85 9.28 -9.01 4.07
N LYS A 86 9.90 -8.83 5.23
CA LYS A 86 11.00 -7.88 5.49
C LYS A 86 12.35 -8.34 4.89
N ASN A 87 13.04 -7.42 4.22
CA ASN A 87 14.47 -7.63 3.79
C ASN A 87 15.44 -7.05 4.87
N SER A 88 15.37 -5.74 5.13
CA SER A 88 15.89 -5.14 6.39
C SER A 88 14.72 -4.48 7.20
N GLU A 89 14.99 -4.08 8.44
CA GLU A 89 14.09 -3.16 9.21
C GLU A 89 13.94 -1.67 8.68
N SER A 90 14.56 -1.36 7.53
CA SER A 90 14.13 -0.25 6.64
C SER A 90 13.94 -0.63 5.12
N LYS A 91 13.60 -1.88 4.80
CA LYS A 91 13.40 -2.34 3.39
C LYS A 91 12.49 -3.60 3.46
N LEU A 92 11.21 -3.47 3.11
CA LEU A 92 10.25 -4.62 3.02
C LEU A 92 9.83 -4.86 1.54
N THR A 93 9.05 -5.92 1.27
CA THR A 93 8.48 -6.19 -0.09
C THR A 93 7.08 -6.84 0.11
N GLN A 94 6.07 -5.98 0.14
CA GLN A 94 4.65 -6.37 0.36
C GLN A 94 3.90 -6.59 -0.99
N THR A 95 4.23 -7.68 -1.70
CA THR A 95 3.88 -7.83 -3.15
C THR A 95 2.37 -8.06 -3.35
N GLN A 96 1.72 -7.12 -4.05
CA GLN A 96 0.25 -7.07 -4.15
C GLN A 96 -0.25 -8.09 -5.24
N VAL A 97 -1.08 -9.05 -4.84
CA VAL A 97 -1.52 -10.16 -5.72
C VAL A 97 -3.01 -9.84 -6.09
N ASP A 98 -3.14 -9.21 -7.24
CA ASP A 98 -4.41 -8.65 -7.75
C ASP A 98 -5.01 -9.57 -8.88
N PRO A 99 -6.25 -9.40 -9.41
CA PRO A 99 -6.70 -10.12 -10.66
C PRO A 99 -5.90 -9.89 -11.98
N LYS A 100 -4.97 -8.93 -12.01
CA LYS A 100 -3.88 -8.87 -13.01
C LYS A 100 -2.43 -9.19 -12.46
N ASN A 101 -2.25 -9.37 -11.13
CA ASN A 101 -0.92 -9.44 -10.45
C ASN A 101 -0.10 -8.12 -10.53
N THR A 102 0.04 -7.41 -9.40
CA THR A 102 0.97 -6.24 -9.30
C THR A 102 2.42 -6.74 -9.05
N THR A 103 3.37 -6.27 -9.86
CA THR A 103 4.78 -6.78 -9.84
C THR A 103 5.60 -6.20 -8.65
N VAL A 104 6.43 -7.05 -8.01
CA VAL A 104 7.14 -6.78 -6.73
C VAL A 104 7.23 -5.33 -6.16
N ILE A 105 6.32 -4.98 -5.23
CA ILE A 105 6.24 -3.60 -4.70
C ILE A 105 7.15 -3.56 -3.45
N VAL A 106 8.44 -3.33 -3.70
CA VAL A 106 9.44 -3.05 -2.63
C VAL A 106 9.04 -1.81 -1.73
N ARG A 107 9.42 -1.80 -0.45
CA ARG A 107 8.97 -0.76 0.52
C ARG A 107 10.22 -0.18 1.28
N GLU A 108 10.74 0.95 0.82
CA GLU A 108 11.96 1.61 1.42
C GLU A 108 11.57 2.90 2.22
N VAL A 109 12.55 3.66 2.72
CA VAL A 109 12.32 5.00 3.34
C VAL A 109 13.53 5.95 3.10
N ASP A 110 13.25 7.18 2.68
CA ASP A 110 14.25 8.29 2.74
C ASP A 110 13.99 9.21 4.00
N GLY A 111 14.22 8.68 5.21
CA GLY A 111 13.98 9.42 6.47
C GLY A 111 12.53 9.36 6.98
N ASP A 112 11.75 10.40 6.70
CA ASP A 112 10.27 10.39 6.91
C ASP A 112 9.38 10.19 5.62
N THR A 113 9.96 9.75 4.49
CA THR A 113 9.25 9.62 3.19
C THR A 113 9.40 8.16 2.73
N MET A 114 8.43 7.35 3.15
CA MET A 114 8.38 5.90 2.86
C MET A 114 8.14 5.63 1.35
N LYS A 115 9.25 5.26 0.71
CA LYS A 115 9.38 5.14 -0.77
C LYS A 115 9.08 3.69 -1.21
N THR A 116 7.83 3.41 -1.61
CA THR A 116 7.41 2.06 -2.06
C THR A 116 7.13 2.05 -3.58
N THR A 117 8.06 1.48 -4.33
CA THR A 117 8.05 1.48 -5.80
C THR A 117 7.04 0.45 -6.36
N VAL A 118 5.88 0.89 -6.88
CA VAL A 118 4.92 -0.04 -7.52
C VAL A 118 5.19 -0.17 -9.03
N THR A 119 5.78 -1.29 -9.45
CA THR A 119 5.82 -1.66 -10.90
C THR A 119 4.77 -2.74 -11.25
N VAL A 120 4.35 -2.81 -12.52
CA VAL A 120 3.33 -3.82 -12.98
C VAL A 120 3.71 -4.26 -14.41
N GLY A 121 4.71 -5.16 -14.50
CA GLY A 121 5.49 -5.37 -15.74
C GLY A 121 6.39 -4.19 -16.19
N ASP A 122 5.75 -3.05 -16.44
CA ASP A 122 6.33 -1.89 -17.13
C ASP A 122 5.66 -0.54 -16.69
N VAL A 123 5.85 -0.12 -15.43
CA VAL A 123 5.39 1.22 -14.94
C VAL A 123 6.45 1.85 -14.00
N THR A 124 6.69 1.23 -12.84
CA THR A 124 7.57 1.76 -11.75
C THR A 124 7.09 3.13 -11.16
N ALA A 125 6.09 3.12 -10.28
CA ALA A 125 5.59 4.36 -9.63
C ALA A 125 6.19 4.50 -8.21
N ILE A 126 7.11 5.47 -8.07
CA ILE A 126 7.91 5.66 -6.82
C ILE A 126 7.10 6.32 -5.68
N ARG A 127 6.24 5.51 -4.98
CA ARG A 127 5.22 6.06 -4.07
C ARG A 127 5.86 6.59 -2.75
N ASN A 128 5.77 7.89 -2.53
CA ASN A 128 6.35 8.53 -1.33
C ASN A 128 5.22 8.90 -0.34
N TYR A 129 5.39 8.54 0.93
CA TYR A 129 4.34 8.65 1.97
C TYR A 129 4.97 9.25 3.28
N LYS A 130 4.32 10.24 3.88
CA LYS A 130 4.87 10.95 5.07
C LYS A 130 4.63 10.14 6.39
N ARG A 131 5.70 9.76 7.09
CA ARG A 131 5.62 8.91 8.31
C ARG A 131 5.15 9.71 9.57
N LEU A 132 3.99 9.30 10.12
CA LEU A 132 3.32 10.05 11.19
C LEU A 132 3.00 9.11 12.41
N SER A 133 3.30 9.61 13.62
CA SER A 133 3.04 8.87 14.89
C SER A 133 1.70 9.28 15.51
N MET A 1 10.62 -5.75 12.85
CA MET A 1 9.58 -5.02 12.04
C MET A 1 9.16 -3.61 12.62
N SER A 2 9.41 -3.36 13.91
CA SER A 2 8.90 -2.19 14.65
C SER A 2 9.46 -0.77 14.32
N SER A 3 10.64 -0.65 13.68
CA SER A 3 11.21 0.65 13.26
C SER A 3 10.29 1.60 12.44
N PHE A 4 9.53 1.07 11.47
CA PHE A 4 8.43 1.80 10.81
C PHE A 4 7.00 1.31 11.21
N LEU A 5 6.57 1.65 12.43
CA LEU A 5 5.15 1.64 12.85
C LEU A 5 4.59 3.11 12.85
N GLY A 6 3.41 3.32 12.25
CA GLY A 6 2.79 4.66 12.17
C GLY A 6 1.77 4.82 11.05
N LYS A 7 1.04 5.95 11.11
CA LYS A 7 0.27 6.45 9.95
C LYS A 7 1.16 7.27 8.99
N TRP A 8 1.29 6.79 7.75
CA TRP A 8 2.02 7.50 6.68
C TRP A 8 1.06 7.69 5.49
N LYS A 9 0.84 8.95 5.09
CA LYS A 9 -0.11 9.29 4.01
C LYS A 9 0.62 10.01 2.85
N LEU A 10 0.14 9.79 1.62
CA LEU A 10 0.89 10.10 0.38
C LEU A 10 1.34 11.59 0.24
N SER A 11 2.66 11.77 0.13
CA SER A 11 3.30 13.09 -0.06
C SER A 11 3.41 13.55 -1.55
N GLU A 12 3.76 12.64 -2.47
CA GLU A 12 3.83 12.92 -3.91
C GLU A 12 3.28 11.70 -4.73
N SER A 13 2.27 11.96 -5.57
CA SER A 13 1.73 10.95 -6.52
C SER A 13 2.54 10.95 -7.85
N HIS A 14 3.69 10.25 -7.87
CA HIS A 14 4.73 10.52 -8.91
C HIS A 14 4.47 9.82 -10.28
N ASN A 15 4.08 8.54 -10.33
CA ASN A 15 3.09 8.09 -11.36
C ASN A 15 1.99 7.16 -10.74
N PHE A 16 1.35 7.61 -9.65
CA PHE A 16 0.24 6.86 -9.01
C PHE A 16 -1.15 7.21 -9.63
N ASP A 17 -1.32 6.75 -10.89
CA ASP A 17 -2.38 7.25 -11.80
C ASP A 17 -2.69 6.17 -12.89
N ALA A 18 -1.77 5.98 -13.83
CA ALA A 18 -1.85 4.87 -14.82
C ALA A 18 -1.49 3.45 -14.31
N VAL A 19 -0.70 3.35 -13.24
CA VAL A 19 -0.50 2.12 -12.44
C VAL A 19 -1.78 1.34 -12.02
N MET A 20 -2.79 2.09 -11.56
CA MET A 20 -4.14 1.56 -11.28
C MET A 20 -4.93 1.28 -12.58
N SER A 21 -5.04 2.21 -13.53
CA SER A 21 -5.73 1.93 -14.82
C SER A 21 -5.16 0.78 -15.72
N LYS A 22 -3.83 0.58 -15.76
CA LYS A 22 -3.21 -0.62 -16.39
C LYS A 22 -3.36 -1.96 -15.62
N LEU A 23 -3.51 -1.92 -14.27
CA LEU A 23 -4.17 -3.02 -13.51
C LEU A 23 -5.68 -3.26 -13.92
N GLY A 24 -6.49 -2.19 -14.00
CA GLY A 24 -7.87 -2.24 -14.52
C GLY A 24 -8.92 -1.65 -13.57
N VAL A 25 -8.83 -0.35 -13.28
CA VAL A 25 -9.53 0.27 -12.11
C VAL A 25 -10.61 1.28 -12.57
N SER A 26 -11.74 1.28 -11.87
CA SER A 26 -12.86 2.23 -12.05
C SER A 26 -12.50 3.73 -12.00
N TRP A 27 -13.00 4.49 -12.99
CA TRP A 27 -12.69 5.96 -13.13
C TRP A 27 -13.44 6.95 -12.16
N ALA A 28 -13.78 6.46 -10.96
CA ALA A 28 -13.95 7.28 -9.74
C ALA A 28 -12.91 6.90 -8.62
N THR A 29 -12.70 5.60 -8.37
CA THR A 29 -11.64 5.10 -7.46
C THR A 29 -10.16 5.36 -7.88
N ARG A 30 -9.88 5.32 -9.20
CA ARG A 30 -8.60 5.77 -9.78
C ARG A 30 -8.20 7.28 -9.52
N GLN A 31 -9.17 8.12 -9.13
CA GLN A 31 -8.98 9.55 -8.84
C GLN A 31 -8.73 9.87 -7.34
N ILE A 32 -9.37 9.16 -6.38
CA ILE A 32 -9.03 9.27 -4.91
C ILE A 32 -7.57 8.85 -4.57
N GLY A 33 -7.00 7.87 -5.29
CA GLY A 33 -5.53 7.63 -5.28
C GLY A 33 -4.61 8.86 -5.46
N ASN A 34 -4.79 9.60 -6.55
CA ASN A 34 -4.12 10.91 -6.77
C ASN A 34 -4.84 12.21 -6.25
N THR A 35 -5.60 12.10 -5.16
CA THR A 35 -6.44 13.21 -4.64
C THR A 35 -6.46 13.16 -3.09
N VAL A 36 -7.02 12.09 -2.49
CA VAL A 36 -7.19 11.99 -1.03
C VAL A 36 -6.12 10.99 -0.53
N THR A 37 -5.08 11.55 0.10
CA THR A 37 -3.80 10.87 0.41
C THR A 37 -3.93 9.51 1.17
N PRO A 38 -3.63 8.29 0.60
CA PRO A 38 -3.93 6.98 1.28
C PRO A 38 -3.31 6.79 2.68
N THR A 39 -4.17 6.80 3.71
CA THR A 39 -3.72 6.89 5.12
C THR A 39 -3.40 5.48 5.71
N VAL A 40 -2.33 4.87 5.20
CA VAL A 40 -2.01 3.44 5.44
C VAL A 40 -1.33 3.28 6.83
N THR A 41 -2.15 2.90 7.81
CA THR A 41 -1.84 3.12 9.25
C THR A 41 -1.29 1.83 9.88
N PHE A 42 0.02 1.65 9.78
CA PHE A 42 0.70 0.37 10.05
C PHE A 42 1.07 0.23 11.53
N THR A 43 0.34 -0.63 12.23
CA THR A 43 0.37 -0.67 13.71
C THR A 43 0.30 -2.15 14.20
N MET A 44 1.08 -2.51 15.22
CA MET A 44 0.95 -3.85 15.88
C MET A 44 -0.32 -3.91 16.79
N ASP A 45 -1.41 -4.49 16.26
CA ASP A 45 -2.77 -4.35 16.83
C ASP A 45 -3.13 -5.63 17.62
N GLY A 46 -2.83 -5.61 18.93
CA GLY A 46 -2.88 -6.82 19.77
C GLY A 46 -1.61 -7.68 19.70
N ASP A 47 -1.45 -8.40 18.58
CA ASP A 47 -0.18 -9.07 18.22
C ASP A 47 0.32 -8.51 16.85
N LYS A 48 -0.44 -8.70 15.77
CA LYS A 48 0.09 -8.64 14.39
C LYS A 48 -0.15 -7.29 13.66
N MET A 49 0.68 -7.08 12.65
CA MET A 49 0.97 -5.74 12.07
C MET A 49 -0.07 -5.32 11.00
N THR A 50 -0.89 -4.32 11.35
CA THR A 50 -2.24 -4.12 10.74
C THR A 50 -2.26 -2.74 10.06
N MET A 51 -2.66 -2.68 8.79
CA MET A 51 -2.90 -1.40 8.09
C MET A 51 -4.36 -0.92 8.37
N LEU A 52 -4.47 0.13 9.19
CA LEU A 52 -5.79 0.74 9.54
C LEU A 52 -6.12 1.89 8.52
N THR A 53 -6.31 1.49 7.26
CA THR A 53 -6.32 2.39 6.07
C THR A 53 -7.55 3.32 6.04
N GLU A 54 -7.30 4.63 6.02
CA GLU A 54 -8.34 5.64 6.36
C GLU A 54 -8.42 6.68 5.21
N SER A 55 -9.14 6.30 4.15
CA SER A 55 -9.22 7.07 2.88
C SER A 55 -10.71 7.35 2.49
N THR A 56 -10.95 8.17 1.45
CA THR A 56 -12.35 8.43 0.95
C THR A 56 -13.10 7.17 0.40
N PHE A 57 -12.44 6.33 -0.43
CA PHE A 57 -13.03 5.05 -0.88
C PHE A 57 -12.71 3.83 0.02
N LYS A 58 -11.45 3.66 0.47
CA LYS A 58 -11.09 2.59 1.43
C LYS A 58 -10.83 3.18 2.85
N ASN A 59 -11.90 3.39 3.62
CA ASN A 59 -11.82 3.65 5.08
C ASN A 59 -12.10 2.31 5.84
N LEU A 60 -11.06 1.48 5.99
CA LEU A 60 -11.17 0.05 6.41
C LEU A 60 -9.83 -0.51 6.95
N SER A 61 -9.89 -1.46 7.89
CA SER A 61 -8.69 -2.16 8.39
C SER A 61 -8.40 -3.53 7.70
N VAL A 62 -7.11 -3.82 7.49
CA VAL A 62 -6.64 -5.15 7.03
C VAL A 62 -5.51 -5.65 8.00
N THR A 63 -5.73 -6.84 8.57
CA THR A 63 -4.87 -7.40 9.66
C THR A 63 -4.02 -8.60 9.13
N PHE A 64 -2.72 -8.62 9.50
CA PHE A 64 -1.74 -9.54 8.87
C PHE A 64 -0.42 -9.66 9.69
N LYS A 65 0.25 -10.82 9.57
CA LYS A 65 1.65 -11.00 10.04
C LYS A 65 2.72 -10.90 8.90
N PHE A 66 3.99 -11.01 9.27
CA PHE A 66 5.14 -11.16 8.34
C PHE A 66 5.26 -12.54 7.61
N GLY A 67 4.21 -12.87 6.86
CA GLY A 67 4.12 -14.11 6.06
C GLY A 67 2.72 -14.73 6.03
N GLU A 68 1.74 -14.00 5.49
CA GLU A 68 0.37 -14.51 5.28
C GLU A 68 0.07 -14.94 3.79
N GLU A 69 0.34 -14.04 2.83
CA GLU A 69 -0.59 -13.79 1.68
C GLU A 69 -2.02 -13.32 2.14
N PHE A 70 -2.13 -12.07 2.64
CA PHE A 70 -3.38 -11.59 3.29
C PHE A 70 -4.47 -11.18 2.27
N ASP A 71 -5.73 -11.52 2.52
CA ASP A 71 -6.85 -11.12 1.61
C ASP A 71 -7.34 -9.66 1.85
N GLU A 72 -7.56 -8.92 0.76
CA GLU A 72 -8.07 -7.52 0.77
C GLU A 72 -9.29 -7.44 -0.19
N LYS A 73 -10.31 -6.67 0.19
CA LYS A 73 -11.51 -6.45 -0.66
C LYS A 73 -11.59 -4.96 -1.05
N THR A 74 -11.54 -4.67 -2.36
CA THR A 74 -11.24 -3.32 -2.86
C THR A 74 -12.52 -2.48 -3.13
N SER A 75 -12.43 -1.16 -2.95
CA SER A 75 -13.48 -0.20 -3.37
C SER A 75 -13.91 -0.19 -4.87
N ASP A 76 -12.98 -0.47 -5.78
CA ASP A 76 -13.27 -0.87 -7.18
C ASP A 76 -14.17 -2.15 -7.39
N GLY A 77 -14.22 -3.06 -6.41
CA GLY A 77 -15.09 -4.25 -6.42
C GLY A 77 -14.38 -5.55 -6.76
N ARG A 78 -13.30 -5.90 -6.05
CA ARG A 78 -12.39 -6.99 -6.47
C ARG A 78 -11.69 -7.52 -5.18
N ASN A 79 -11.86 -8.80 -4.88
CA ASN A 79 -11.03 -9.52 -3.88
C ASN A 79 -9.57 -9.76 -4.38
N VAL A 80 -8.60 -9.26 -3.64
CA VAL A 80 -7.15 -9.36 -4.00
C VAL A 80 -6.40 -10.01 -2.79
N LYS A 81 -5.14 -10.40 -3.01
CA LYS A 81 -4.25 -10.90 -1.93
C LYS A 81 -2.97 -10.02 -1.82
N SER A 82 -2.09 -10.31 -0.84
CA SER A 82 -0.84 -9.53 -0.65
C SER A 82 0.23 -10.32 0.16
N VAL A 83 1.30 -10.76 -0.52
CA VAL A 83 2.42 -11.52 0.12
C VAL A 83 3.39 -10.59 0.89
N VAL A 84 3.27 -10.58 2.22
CA VAL A 84 4.04 -9.68 3.11
C VAL A 84 5.33 -10.42 3.59
N GLU A 85 6.47 -9.77 3.34
CA GLU A 85 7.80 -10.30 3.72
C GLU A 85 8.71 -9.09 4.00
N LYS A 86 9.28 -9.01 5.23
CA LYS A 86 10.33 -8.00 5.54
C LYS A 86 11.71 -8.43 4.98
N ASN A 87 12.33 -7.56 4.20
CA ASN A 87 13.72 -7.79 3.69
C ASN A 87 14.79 -7.37 4.77
N SER A 88 14.64 -6.17 5.34
CA SER A 88 15.07 -5.89 6.74
C SER A 88 13.93 -5.10 7.48
N GLU A 89 14.16 -4.73 8.74
CA GLU A 89 13.09 -4.17 9.63
C GLU A 89 12.63 -2.68 9.36
N SER A 90 13.31 -2.01 8.44
CA SER A 90 12.77 -0.85 7.70
C SER A 90 12.83 -0.96 6.13
N LYS A 91 12.69 -2.17 5.55
CA LYS A 91 12.71 -2.39 4.08
C LYS A 91 11.86 -3.67 3.82
N LEU A 92 10.58 -3.49 3.48
CA LEU A 92 9.60 -4.60 3.27
C LEU A 92 9.22 -4.75 1.77
N THR A 93 8.39 -5.73 1.43
CA THR A 93 7.88 -5.96 0.05
C THR A 93 6.53 -6.71 0.18
N GLN A 94 5.42 -5.96 0.32
CA GLN A 94 4.04 -6.53 0.40
C GLN A 94 3.35 -6.58 -0.98
N THR A 95 3.63 -7.65 -1.75
CA THR A 95 3.34 -7.70 -3.20
C THR A 95 1.87 -8.12 -3.45
N GLN A 96 1.07 -7.22 -4.05
CA GLN A 96 -0.39 -7.46 -4.21
C GLN A 96 -0.70 -8.52 -5.33
N VAL A 97 -1.47 -9.54 -4.99
CA VAL A 97 -1.83 -10.63 -5.93
C VAL A 97 -3.30 -10.38 -6.36
N ASP A 98 -3.44 -9.60 -7.42
CA ASP A 98 -4.75 -9.11 -7.93
C ASP A 98 -5.28 -10.04 -9.08
N PRO A 99 -6.52 -9.92 -9.63
CA PRO A 99 -6.86 -10.55 -10.95
C PRO A 99 -6.02 -10.17 -12.21
N LYS A 100 -5.22 -9.09 -12.13
CA LYS A 100 -4.06 -8.88 -13.04
C LYS A 100 -2.67 -9.38 -12.47
N ASN A 101 -2.45 -9.27 -11.14
CA ASN A 101 -1.14 -9.38 -10.45
C ASN A 101 -0.40 -8.01 -10.46
N THR A 102 -0.17 -7.42 -9.27
CA THR A 102 0.73 -6.24 -9.10
C THR A 102 2.19 -6.74 -8.92
N THR A 103 3.14 -6.12 -9.64
CA THR A 103 4.58 -6.51 -9.55
C THR A 103 5.25 -5.90 -8.28
N VAL A 104 6.26 -6.59 -7.72
CA VAL A 104 6.87 -6.34 -6.39
C VAL A 104 6.99 -4.86 -5.89
N ILE A 105 6.13 -4.48 -4.93
CA ILE A 105 5.95 -3.04 -4.55
C ILE A 105 6.96 -2.39 -3.52
N VAL A 106 7.97 -3.18 -3.14
CA VAL A 106 9.19 -2.79 -2.38
C VAL A 106 9.13 -1.53 -1.46
N ARG A 107 8.77 -1.76 -0.20
CA ARG A 107 8.40 -0.69 0.77
C ARG A 107 9.63 -0.18 1.58
N GLU A 108 10.23 0.91 1.11
CA GLU A 108 11.49 1.48 1.70
C GLU A 108 11.18 2.78 2.53
N VAL A 109 12.22 3.57 2.86
CA VAL A 109 12.07 4.81 3.70
C VAL A 109 13.24 5.82 3.50
N ASP A 110 12.90 7.08 3.21
CA ASP A 110 13.90 8.18 3.13
C ASP A 110 13.97 9.05 4.45
N GLY A 111 14.11 8.38 5.62
CA GLY A 111 14.05 9.07 6.93
C GLY A 111 12.65 9.57 7.33
N ASP A 112 11.80 8.64 7.79
CA ASP A 112 10.35 8.89 8.04
C ASP A 112 9.48 9.45 6.85
N THR A 113 9.80 9.05 5.61
CA THR A 113 9.01 9.36 4.39
C THR A 113 9.13 8.12 3.46
N MET A 114 8.15 7.23 3.58
CA MET A 114 8.18 5.85 3.04
C MET A 114 8.13 5.79 1.50
N LYS A 115 9.25 5.38 0.87
CA LYS A 115 9.37 5.23 -0.60
C LYS A 115 8.95 3.80 -1.04
N THR A 116 7.70 3.63 -1.47
CA THR A 116 7.14 2.29 -1.83
C THR A 116 6.74 2.25 -3.32
N THR A 117 7.67 1.76 -4.13
CA THR A 117 7.62 1.84 -5.61
C THR A 117 6.63 0.82 -6.22
N VAL A 118 5.42 1.26 -6.64
CA VAL A 118 4.44 0.32 -7.26
C VAL A 118 4.67 0.18 -8.78
N THR A 119 5.38 -0.87 -9.18
CA THR A 119 5.47 -1.29 -10.61
C THR A 119 4.46 -2.43 -10.95
N VAL A 120 4.05 -2.54 -12.22
CA VAL A 120 3.06 -3.58 -12.66
C VAL A 120 3.44 -4.08 -14.08
N GLY A 121 4.50 -4.91 -14.15
CA GLY A 121 5.29 -5.10 -15.38
C GLY A 121 6.16 -3.91 -15.84
N ASP A 122 5.50 -2.77 -16.03
CA ASP A 122 5.98 -1.65 -16.88
C ASP A 122 5.37 -0.27 -16.48
N VAL A 123 5.55 0.16 -15.22
CA VAL A 123 5.09 1.50 -14.75
C VAL A 123 6.14 2.15 -13.78
N THR A 124 6.34 1.53 -12.61
CA THR A 124 7.26 2.03 -11.54
C THR A 124 6.80 3.39 -10.93
N ALA A 125 5.76 3.35 -10.07
CA ALA A 125 5.16 4.56 -9.46
C ALA A 125 5.82 4.80 -8.09
N ILE A 126 6.75 5.76 -8.06
CA ILE A 126 7.66 6.00 -6.91
C ILE A 126 6.93 6.74 -5.77
N ARG A 127 6.22 5.98 -4.93
CA ARG A 127 5.26 6.55 -3.96
C ARG A 127 5.97 6.99 -2.66
N ASN A 128 5.97 8.28 -2.38
CA ASN A 128 6.51 8.83 -1.12
C ASN A 128 5.33 9.11 -0.15
N TYR A 129 5.39 8.61 1.09
CA TYR A 129 4.30 8.79 2.08
C TYR A 129 4.91 9.35 3.42
N LYS A 130 4.41 10.49 3.91
CA LYS A 130 5.00 11.14 5.12
C LYS A 130 4.50 10.49 6.43
N ARG A 131 5.40 9.94 7.23
CA ARG A 131 5.07 9.39 8.58
C ARG A 131 4.69 10.50 9.59
N LEU A 132 3.58 10.27 10.29
CA LEU A 132 2.94 11.27 11.15
C LEU A 132 2.77 10.70 12.60
N SER A 133 3.26 11.46 13.58
CA SER A 133 3.34 11.01 14.99
C SER A 133 2.20 11.62 15.83
N MET A 1 10.59 -4.35 11.93
CA MET A 1 9.25 -3.72 11.79
C MET A 1 9.02 -2.50 12.73
N SER A 2 9.22 -2.66 14.05
CA SER A 2 8.81 -1.64 15.06
C SER A 2 9.73 -0.38 15.11
N SER A 3 9.48 0.50 14.15
CA SER A 3 10.45 1.51 13.66
C SER A 3 9.74 2.40 12.59
N PHE A 4 9.19 1.80 11.51
CA PHE A 4 8.10 2.43 10.71
C PHE A 4 6.70 1.99 11.19
N LEU A 5 6.25 2.57 12.31
CA LEU A 5 4.90 2.36 12.87
C LEU A 5 4.09 3.70 12.80
N GLY A 6 2.87 3.64 12.28
CA GLY A 6 1.96 4.80 12.19
C GLY A 6 1.20 4.92 10.88
N LYS A 7 0.44 6.03 10.75
CA LYS A 7 -0.23 6.38 9.47
C LYS A 7 0.72 7.12 8.50
N TRP A 8 0.71 6.71 7.24
CA TRP A 8 1.72 7.20 6.26
C TRP A 8 0.92 8.06 5.25
N LYS A 9 1.10 9.40 5.27
CA LYS A 9 0.20 10.35 4.55
C LYS A 9 1.02 11.09 3.45
N LEU A 10 0.44 11.18 2.24
CA LEU A 10 1.22 11.29 0.98
C LEU A 10 2.01 12.63 0.82
N SER A 11 3.32 12.49 0.60
CA SER A 11 4.23 13.62 0.30
C SER A 11 4.33 13.98 -1.20
N GLU A 12 4.43 13.00 -2.11
CA GLU A 12 4.28 13.21 -3.57
C GLU A 12 3.62 11.97 -4.25
N SER A 13 2.81 12.25 -5.28
CA SER A 13 2.44 11.23 -6.30
C SER A 13 3.39 11.37 -7.52
N HIS A 14 4.38 10.46 -7.64
CA HIS A 14 5.39 10.57 -8.74
C HIS A 14 4.88 10.01 -10.08
N ASN A 15 4.54 8.71 -10.16
CA ASN A 15 3.81 8.15 -11.33
C ASN A 15 2.44 7.46 -10.91
N PHE A 16 1.79 7.85 -9.79
CA PHE A 16 0.60 7.14 -9.25
C PHE A 16 -0.73 7.66 -9.87
N ASP A 17 -0.97 7.23 -11.12
CA ASP A 17 -2.25 7.49 -11.86
C ASP A 17 -2.58 6.29 -12.80
N ALA A 18 -1.70 6.01 -13.79
CA ALA A 18 -1.90 4.91 -14.76
C ALA A 18 -1.54 3.48 -14.26
N VAL A 19 -0.67 3.38 -13.25
CA VAL A 19 -0.44 2.17 -12.44
C VAL A 19 -1.69 1.38 -11.94
N MET A 20 -2.68 2.11 -11.43
CA MET A 20 -4.00 1.56 -11.06
C MET A 20 -4.92 1.34 -12.29
N SER A 21 -5.06 2.31 -13.20
CA SER A 21 -5.85 2.13 -14.44
C SER A 21 -5.39 1.01 -15.43
N LYS A 22 -4.08 0.74 -15.57
CA LYS A 22 -3.57 -0.47 -16.25
C LYS A 22 -3.85 -1.84 -15.56
N LEU A 23 -4.00 -1.85 -14.23
CA LEU A 23 -4.63 -2.98 -13.50
C LEU A 23 -6.16 -3.15 -13.81
N GLY A 24 -6.94 -2.05 -13.83
CA GLY A 24 -8.34 -2.05 -14.28
C GLY A 24 -9.32 -1.41 -13.28
N VAL A 25 -9.12 -0.13 -12.96
CA VAL A 25 -9.76 0.51 -11.77
C VAL A 25 -10.86 1.50 -12.24
N SER A 26 -12.02 1.43 -11.56
CA SER A 26 -13.27 2.08 -12.00
C SER A 26 -13.26 3.63 -11.90
N TRP A 27 -13.96 4.33 -12.81
CA TRP A 27 -14.01 5.84 -12.79
C TRP A 27 -14.92 6.52 -11.68
N ALA A 28 -14.87 5.96 -10.47
CA ALA A 28 -14.99 6.72 -9.20
C ALA A 28 -13.65 6.60 -8.37
N THR A 29 -13.14 5.38 -8.14
CA THR A 29 -11.84 5.13 -7.47
C THR A 29 -10.53 5.53 -8.20
N ARG A 30 -10.52 5.51 -9.53
CA ARG A 30 -9.33 5.87 -10.35
C ARG A 30 -8.85 7.36 -10.22
N GLN A 31 -9.75 8.25 -9.78
CA GLN A 31 -9.41 9.65 -9.45
C GLN A 31 -9.06 9.93 -7.96
N ILE A 32 -9.63 9.19 -6.99
CA ILE A 32 -9.18 9.20 -5.55
C ILE A 32 -7.73 8.65 -5.37
N GLY A 33 -7.29 7.67 -6.17
CA GLY A 33 -5.84 7.37 -6.35
C GLY A 33 -4.91 8.59 -6.58
N ASN A 34 -5.15 9.38 -7.63
CA ASN A 34 -4.43 10.66 -7.84
C ASN A 34 -5.01 11.95 -7.15
N THR A 35 -5.57 11.81 -5.94
CA THR A 35 -6.27 12.92 -5.25
C THR A 35 -6.13 12.73 -3.72
N VAL A 36 -6.70 11.66 -3.15
CA VAL A 36 -6.82 11.49 -1.69
C VAL A 36 -5.80 10.40 -1.28
N THR A 37 -4.75 10.85 -0.59
CA THR A 37 -3.75 10.01 0.11
C THR A 37 -4.13 8.55 0.52
N PRO A 38 -3.60 7.46 -0.11
CA PRO A 38 -3.85 6.06 0.37
C PRO A 38 -3.08 5.77 1.68
N THR A 39 -3.78 6.02 2.80
CA THR A 39 -3.15 6.17 4.14
C THR A 39 -2.90 4.79 4.81
N VAL A 40 -1.85 4.15 4.33
CA VAL A 40 -1.58 2.70 4.57
C VAL A 40 -0.92 2.52 5.96
N THR A 41 -1.79 2.34 6.98
CA THR A 41 -1.46 2.75 8.38
C THR A 41 -0.92 1.55 9.17
N PHE A 42 0.41 1.45 9.20
CA PHE A 42 1.12 0.20 9.57
C PHE A 42 1.41 0.15 11.08
N THR A 43 0.72 -0.76 11.77
CA THR A 43 0.61 -0.73 13.25
C THR A 43 0.65 -2.16 13.83
N MET A 44 1.45 -2.42 14.88
CA MET A 44 1.46 -3.75 15.55
C MET A 44 0.30 -3.89 16.56
N ASP A 45 -0.75 -4.63 16.18
CA ASP A 45 -1.98 -4.79 17.02
C ASP A 45 -1.81 -6.01 17.97
N GLY A 46 -1.27 -5.72 19.17
CA GLY A 46 -0.81 -6.78 20.10
C GLY A 46 0.56 -7.37 19.76
N ASP A 47 0.59 -8.23 18.76
CA ASP A 47 1.82 -8.83 18.19
C ASP A 47 1.99 -8.48 16.68
N LYS A 48 1.00 -8.81 15.83
CA LYS A 48 1.15 -8.76 14.36
C LYS A 48 0.70 -7.44 13.69
N MET A 49 1.21 -7.21 12.49
CA MET A 49 1.14 -5.90 11.81
C MET A 49 -0.18 -5.69 11.01
N THR A 50 -0.82 -4.53 11.21
CA THR A 50 -2.18 -4.26 10.70
C THR A 50 -2.10 -2.95 9.90
N MET A 51 -2.46 -3.00 8.61
CA MET A 51 -2.72 -1.76 7.83
C MET A 51 -4.16 -1.25 8.11
N LEU A 52 -4.25 -0.14 8.84
CA LEU A 52 -5.54 0.53 9.16
C LEU A 52 -5.87 1.61 8.09
N THR A 53 -6.04 1.16 6.84
CA THR A 53 -6.00 2.00 5.62
C THR A 53 -7.14 3.05 5.57
N GLU A 54 -6.78 4.31 5.36
CA GLU A 54 -7.68 5.47 5.66
C GLU A 54 -7.73 6.42 4.45
N SER A 55 -8.60 6.08 3.51
CA SER A 55 -8.82 6.88 2.27
C SER A 55 -10.29 7.40 2.19
N THR A 56 -10.67 8.04 1.07
CA THR A 56 -12.12 8.29 0.77
C THR A 56 -12.90 6.97 0.45
N PHE A 57 -12.45 6.19 -0.53
CA PHE A 57 -13.08 4.92 -0.94
C PHE A 57 -12.60 3.66 -0.18
N LYS A 58 -11.28 3.52 0.06
CA LYS A 58 -10.77 2.45 0.95
C LYS A 58 -10.41 3.00 2.37
N ASN A 59 -11.45 3.26 3.17
CA ASN A 59 -11.31 3.49 4.64
C ASN A 59 -11.63 2.15 5.38
N LEU A 60 -10.62 1.27 5.51
CA LEU A 60 -10.81 -0.14 5.92
C LEU A 60 -9.53 -0.78 6.52
N SER A 61 -9.66 -1.65 7.53
CA SER A 61 -8.50 -2.30 8.20
C SER A 61 -8.26 -3.80 7.82
N VAL A 62 -6.99 -4.20 7.71
CA VAL A 62 -6.59 -5.59 7.41
C VAL A 62 -5.41 -6.03 8.37
N THR A 63 -5.59 -7.16 9.08
CA THR A 63 -4.57 -7.70 10.04
C THR A 63 -3.79 -8.91 9.43
N PHE A 64 -2.47 -8.95 9.66
CA PHE A 64 -1.56 -9.91 8.98
C PHE A 64 -0.15 -10.02 9.66
N LYS A 65 0.63 -11.01 9.21
CA LYS A 65 2.08 -11.14 9.59
C LYS A 65 2.97 -11.38 8.36
N PHE A 66 4.31 -11.33 8.54
CA PHE A 66 5.27 -11.83 7.52
C PHE A 66 5.29 -13.39 7.42
N GLY A 67 4.22 -13.91 6.80
CA GLY A 67 3.84 -15.33 6.84
C GLY A 67 2.34 -15.59 7.13
N GLU A 68 1.44 -14.89 6.43
CA GLU A 68 -0.01 -15.24 6.34
C GLU A 68 -0.48 -15.32 4.83
N GLU A 69 -0.20 -14.25 4.04
CA GLU A 69 -0.84 -13.96 2.74
C GLU A 69 -2.27 -13.37 2.94
N PHE A 70 -2.36 -12.04 3.09
CA PHE A 70 -3.67 -11.36 3.34
C PHE A 70 -4.48 -11.09 2.05
N ASP A 71 -5.79 -10.91 2.16
CA ASP A 71 -6.61 -10.33 1.07
C ASP A 71 -7.40 -9.07 1.53
N GLU A 72 -7.43 -8.03 0.66
CA GLU A 72 -8.27 -6.83 0.87
C GLU A 72 -9.44 -6.83 -0.15
N LYS A 73 -10.67 -6.61 0.34
CA LYS A 73 -11.84 -6.40 -0.56
C LYS A 73 -12.03 -4.89 -0.85
N THR A 74 -11.99 -4.53 -2.13
CA THR A 74 -11.74 -3.14 -2.56
C THR A 74 -13.04 -2.41 -3.02
N SER A 75 -13.05 -1.07 -2.91
CA SER A 75 -14.12 -0.21 -3.45
C SER A 75 -14.35 -0.19 -5.01
N ASP A 76 -13.34 -0.56 -5.82
CA ASP A 76 -13.54 -1.00 -7.22
C ASP A 76 -14.36 -2.33 -7.44
N GLY A 77 -14.48 -3.18 -6.41
CA GLY A 77 -15.21 -4.46 -6.47
C GLY A 77 -14.34 -5.70 -6.70
N ARG A 78 -13.28 -5.88 -5.89
CA ARG A 78 -12.21 -6.86 -6.18
C ARG A 78 -11.65 -7.33 -4.79
N ASN A 79 -11.77 -8.63 -4.48
CA ASN A 79 -10.89 -9.28 -3.47
C ASN A 79 -9.48 -9.52 -4.08
N VAL A 80 -8.45 -8.87 -3.52
CA VAL A 80 -7.07 -8.94 -4.08
C VAL A 80 -6.11 -9.43 -2.98
N LYS A 81 -5.28 -10.41 -3.35
CA LYS A 81 -4.42 -11.15 -2.39
C LYS A 81 -3.04 -10.47 -2.27
N SER A 82 -2.21 -10.81 -1.27
CA SER A 82 -0.99 -10.02 -0.93
C SER A 82 0.03 -10.83 -0.10
N VAL A 83 1.18 -11.20 -0.70
CA VAL A 83 2.16 -12.13 -0.07
C VAL A 83 3.24 -11.38 0.73
N VAL A 84 3.19 -11.50 2.06
CA VAL A 84 3.86 -10.55 2.97
C VAL A 84 5.33 -10.99 3.27
N GLU A 85 6.26 -10.15 2.85
CA GLU A 85 7.67 -10.20 3.27
C GLU A 85 7.96 -8.88 4.05
N LYS A 86 8.27 -8.98 5.34
CA LYS A 86 9.00 -7.88 6.04
C LYS A 86 10.47 -8.34 6.12
N ASN A 87 11.40 -7.61 5.48
CA ASN A 87 12.85 -7.91 5.66
C ASN A 87 13.40 -7.13 6.90
N SER A 88 13.50 -5.81 6.79
CA SER A 88 14.09 -4.94 7.84
C SER A 88 13.06 -3.90 8.38
N GLU A 89 13.49 -3.06 9.32
CA GLU A 89 12.83 -1.77 9.67
C GLU A 89 12.52 -0.74 8.50
N SER A 90 13.23 -0.91 7.38
CA SER A 90 12.99 -0.16 6.13
C SER A 90 13.01 -1.03 4.84
N LYS A 91 12.39 -2.24 4.84
CA LYS A 91 12.11 -2.99 3.60
C LYS A 91 10.96 -3.97 3.93
N LEU A 92 9.74 -3.66 3.51
CA LEU A 92 8.62 -4.65 3.42
C LEU A 92 8.21 -4.81 1.92
N THR A 93 7.57 -5.91 1.53
CA THR A 93 7.10 -6.14 0.13
C THR A 93 5.88 -7.09 0.19
N GLN A 94 4.68 -6.53 0.33
CA GLN A 94 3.41 -7.31 0.42
C GLN A 94 2.71 -7.62 -0.93
N THR A 95 3.48 -8.26 -1.82
CA THR A 95 3.24 -8.36 -3.29
C THR A 95 1.81 -8.72 -3.72
N GLN A 96 1.08 -7.76 -4.32
CA GLN A 96 -0.39 -7.86 -4.47
C GLN A 96 -0.78 -8.73 -5.70
N VAL A 97 -1.54 -9.79 -5.44
CA VAL A 97 -1.92 -10.79 -6.46
C VAL A 97 -3.42 -10.51 -6.79
N ASP A 98 -3.60 -9.65 -7.79
CA ASP A 98 -4.92 -9.11 -8.20
C ASP A 98 -5.50 -9.93 -9.40
N PRO A 99 -6.75 -9.74 -9.90
CA PRO A 99 -7.15 -10.27 -11.26
C PRO A 99 -6.35 -9.80 -12.51
N LYS A 100 -5.49 -8.78 -12.37
CA LYS A 100 -4.38 -8.51 -13.32
C LYS A 100 -2.92 -8.87 -12.80
N ASN A 101 -2.72 -9.12 -11.50
CA ASN A 101 -1.38 -9.24 -10.84
C ASN A 101 -0.59 -7.89 -10.77
N THR A 102 -0.33 -7.38 -9.54
CA THR A 102 0.56 -6.21 -9.33
C THR A 102 2.03 -6.73 -9.12
N THR A 103 2.99 -6.09 -9.79
CA THR A 103 4.43 -6.44 -9.62
C THR A 103 5.01 -5.87 -8.29
N VAL A 104 5.99 -6.58 -7.70
CA VAL A 104 6.56 -6.32 -6.35
C VAL A 104 6.53 -4.86 -5.77
N ILE A 105 5.59 -4.57 -4.85
CA ILE A 105 5.43 -3.20 -4.30
C ILE A 105 6.29 -3.04 -3.02
N VAL A 106 7.59 -2.91 -3.27
CA VAL A 106 8.61 -2.68 -2.21
C VAL A 106 8.29 -1.40 -1.33
N ARG A 107 8.52 -1.51 -0.02
CA ARG A 107 8.16 -0.48 0.97
C ARG A 107 9.41 -0.11 1.83
N GLU A 108 10.06 1.01 1.50
CA GLU A 108 11.30 1.48 2.20
C GLU A 108 11.01 2.79 3.02
N VAL A 109 12.02 3.36 3.69
CA VAL A 109 11.91 4.70 4.36
C VAL A 109 13.30 5.38 4.42
N ASP A 110 13.43 6.57 3.81
CA ASP A 110 14.71 7.34 3.83
C ASP A 110 14.73 8.42 4.96
N GLY A 111 14.48 8.01 6.22
CA GLY A 111 14.38 8.94 7.36
C GLY A 111 13.10 9.79 7.40
N ASP A 112 11.98 9.16 7.77
CA ASP A 112 10.61 9.78 7.71
C ASP A 112 10.06 10.25 6.30
N THR A 113 10.70 9.83 5.20
CA THR A 113 10.15 9.88 3.83
C THR A 113 9.99 8.41 3.35
N MET A 114 8.84 7.86 3.73
CA MET A 114 8.40 6.48 3.46
C MET A 114 8.20 6.23 1.95
N LYS A 115 9.23 5.62 1.36
CA LYS A 115 9.40 5.49 -0.11
C LYS A 115 8.92 4.09 -0.57
N THR A 116 7.67 3.97 -1.00
CA THR A 116 7.09 2.69 -1.47
C THR A 116 6.75 2.77 -2.97
N THR A 117 7.59 2.12 -3.79
CA THR A 117 7.28 1.85 -5.21
C THR A 117 5.98 1.01 -5.39
N VAL A 118 5.11 1.46 -6.30
CA VAL A 118 4.14 0.52 -6.96
C VAL A 118 4.47 0.37 -8.45
N THR A 119 5.03 -0.78 -8.84
CA THR A 119 5.26 -1.15 -10.27
C THR A 119 4.29 -2.25 -10.75
N VAL A 120 4.02 -2.30 -12.06
CA VAL A 120 3.12 -3.34 -12.67
C VAL A 120 3.71 -3.71 -14.07
N GLY A 121 4.75 -4.55 -14.08
CA GLY A 121 5.63 -4.73 -15.26
C GLY A 121 6.59 -3.58 -15.63
N ASP A 122 6.02 -2.39 -15.76
CA ASP A 122 6.55 -1.30 -16.61
C ASP A 122 6.13 0.17 -16.22
N VAL A 123 5.94 0.44 -14.91
CA VAL A 123 5.41 1.75 -14.43
C VAL A 123 6.30 2.38 -13.34
N THR A 124 6.49 1.68 -12.20
CA THR A 124 7.35 2.13 -11.07
C THR A 124 6.92 3.51 -10.48
N ALA A 125 5.84 3.52 -9.70
CA ALA A 125 5.32 4.76 -9.09
C ALA A 125 5.90 4.91 -7.68
N ILE A 126 6.98 5.72 -7.60
CA ILE A 126 7.77 5.89 -6.36
C ILE A 126 7.02 6.75 -5.33
N ARG A 127 6.21 6.09 -4.47
CA ARG A 127 5.28 6.81 -3.57
C ARG A 127 6.03 7.28 -2.30
N ASN A 128 6.26 8.59 -2.18
CA ASN A 128 6.80 9.18 -0.94
C ASN A 128 5.62 9.58 0.00
N TYR A 129 5.72 9.13 1.25
CA TYR A 129 4.75 9.44 2.32
C TYR A 129 5.52 10.02 3.56
N LYS A 130 4.85 10.82 4.39
CA LYS A 130 5.41 11.21 5.72
C LYS A 130 4.90 10.23 6.82
N ARG A 131 5.82 9.74 7.67
CA ARG A 131 5.49 8.80 8.78
C ARG A 131 4.89 9.55 10.01
N LEU A 132 3.59 9.36 10.26
CA LEU A 132 2.83 10.20 11.22
C LEU A 132 2.19 9.34 12.36
N SER A 133 2.18 9.89 13.58
CA SER A 133 1.73 9.18 14.79
C SER A 133 0.22 8.87 14.86
N MET A 1 11.04 -3.87 11.00
CA MET A 1 9.56 -3.75 11.07
C MET A 1 9.09 -2.52 11.89
N SER A 2 9.58 -2.34 13.13
CA SER A 2 9.29 -1.13 13.95
C SER A 2 9.68 0.28 13.37
N SER A 3 10.63 0.33 12.43
CA SER A 3 10.78 1.46 11.46
C SER A 3 9.48 2.06 10.80
N PHE A 4 8.46 1.23 10.57
CA PHE A 4 7.24 1.61 9.79
C PHE A 4 5.93 1.88 10.61
N LEU A 5 5.92 1.80 11.95
CA LEU A 5 4.66 1.77 12.74
C LEU A 5 4.02 3.19 12.90
N GLY A 6 2.82 3.36 12.33
CA GLY A 6 2.14 4.68 12.25
C GLY A 6 1.24 4.86 11.01
N LYS A 7 0.54 6.01 10.97
CA LYS A 7 -0.23 6.43 9.76
C LYS A 7 0.66 7.14 8.71
N TRP A 8 0.53 6.74 7.44
CA TRP A 8 1.42 7.25 6.37
C TRP A 8 0.58 8.22 5.49
N LYS A 9 0.96 9.51 5.45
CA LYS A 9 0.29 10.48 4.55
C LYS A 9 1.25 10.81 3.38
N LEU A 10 0.72 10.77 2.14
CA LEU A 10 1.53 10.90 0.91
C LEU A 10 2.14 12.33 0.73
N SER A 11 3.48 12.36 0.66
CA SER A 11 4.24 13.61 0.41
C SER A 11 4.32 14.04 -1.08
N GLU A 12 4.49 13.10 -2.02
CA GLU A 12 4.34 13.37 -3.47
C GLU A 12 3.81 12.11 -4.22
N SER A 13 3.07 12.38 -5.31
CA SER A 13 2.65 11.34 -6.27
C SER A 13 3.48 11.47 -7.58
N HIS A 14 4.39 10.52 -7.83
CA HIS A 14 5.31 10.61 -9.00
C HIS A 14 4.73 10.02 -10.31
N ASN A 15 4.16 8.81 -10.28
CA ASN A 15 3.17 8.37 -11.32
C ASN A 15 1.99 7.54 -10.68
N PHE A 16 1.37 8.01 -9.58
CA PHE A 16 0.26 7.24 -8.94
C PHE A 16 -1.15 7.51 -9.57
N ASP A 17 -1.32 6.99 -10.80
CA ASP A 17 -2.59 7.02 -11.57
C ASP A 17 -2.60 5.89 -12.65
N ALA A 18 -1.63 5.90 -13.59
CA ALA A 18 -1.49 4.82 -14.60
C ALA A 18 -1.05 3.42 -14.04
N VAL A 19 -0.36 3.39 -12.89
CA VAL A 19 -0.22 2.18 -12.04
C VAL A 19 -1.53 1.41 -11.70
N MET A 20 -2.57 2.16 -11.32
CA MET A 20 -3.93 1.64 -11.16
C MET A 20 -4.61 1.36 -12.53
N SER A 21 -4.71 2.35 -13.43
CA SER A 21 -5.37 2.16 -14.74
C SER A 21 -4.80 1.09 -15.71
N LYS A 22 -3.49 0.78 -15.68
CA LYS A 22 -2.93 -0.43 -16.34
C LYS A 22 -3.46 -1.79 -15.79
N LEU A 23 -3.55 -1.94 -14.46
CA LEU A 23 -4.34 -3.02 -13.85
C LEU A 23 -5.89 -2.97 -14.20
N GLY A 24 -6.51 -1.79 -14.12
CA GLY A 24 -7.87 -1.55 -14.65
C GLY A 24 -8.87 -1.08 -13.59
N VAL A 25 -8.65 0.13 -13.07
CA VAL A 25 -9.34 0.61 -11.83
C VAL A 25 -10.48 1.60 -12.18
N SER A 26 -11.61 1.45 -11.47
CA SER A 26 -12.89 2.10 -11.83
C SER A 26 -12.91 3.66 -11.81
N TRP A 27 -13.77 4.27 -12.65
CA TRP A 27 -13.81 5.75 -12.85
C TRP A 27 -14.56 6.54 -11.72
N ALA A 28 -13.85 6.59 -10.59
CA ALA A 28 -14.27 7.16 -9.29
C ALA A 28 -13.19 6.75 -8.21
N THR A 29 -12.90 5.45 -8.10
CA THR A 29 -11.80 4.91 -7.26
C THR A 29 -10.35 5.15 -7.77
N ARG A 30 -10.12 5.10 -9.09
CA ARG A 30 -8.90 5.65 -9.69
C ARG A 30 -8.68 7.20 -9.46
N GLN A 31 -9.79 7.96 -9.32
CA GLN A 31 -9.75 9.40 -9.03
C GLN A 31 -9.42 9.73 -7.55
N ILE A 32 -10.02 9.04 -6.56
CA ILE A 32 -9.52 9.06 -5.14
C ILE A 32 -8.06 8.50 -4.99
N GLY A 33 -7.68 7.46 -5.76
CA GLY A 33 -6.26 7.12 -6.00
C GLY A 33 -5.30 8.29 -6.34
N ASN A 34 -5.60 9.07 -7.39
CA ASN A 34 -4.87 10.32 -7.70
C ASN A 34 -5.24 11.64 -6.93
N THR A 35 -5.86 11.54 -5.74
CA THR A 35 -6.49 12.70 -5.05
C THR A 35 -6.34 12.55 -3.52
N VAL A 36 -7.01 11.55 -2.91
CA VAL A 36 -7.13 11.44 -1.45
C VAL A 36 -6.19 10.29 -0.99
N THR A 37 -5.11 10.69 -0.32
CA THR A 37 -3.97 9.80 0.04
C THR A 37 -4.32 8.36 0.55
N PRO A 38 -3.66 7.26 0.11
CA PRO A 38 -3.87 5.91 0.72
C PRO A 38 -3.31 5.80 2.15
N THR A 39 -4.19 6.05 3.14
CA THR A 39 -3.75 6.29 4.55
C THR A 39 -3.51 4.96 5.33
N VAL A 40 -2.50 4.21 4.88
CA VAL A 40 -2.36 2.76 5.20
C VAL A 40 -1.67 2.60 6.58
N THR A 41 -2.52 2.56 7.62
CA THR A 41 -2.08 2.95 8.99
C THR A 41 -1.59 1.72 9.75
N PHE A 42 -0.25 1.58 9.77
CA PHE A 42 0.41 0.27 9.93
C PHE A 42 0.82 0.08 11.40
N THR A 43 0.09 -0.77 12.12
CA THR A 43 0.06 -0.72 13.60
C THR A 43 0.03 -2.16 14.21
N MET A 44 0.81 -2.43 15.26
CA MET A 44 0.77 -3.75 15.94
C MET A 44 -0.45 -3.89 16.89
N ASP A 45 -1.46 -4.68 16.48
CA ASP A 45 -2.69 -4.93 17.29
C ASP A 45 -2.48 -6.15 18.24
N GLY A 46 -1.86 -5.87 19.40
CA GLY A 46 -1.52 -6.93 20.39
C GLY A 46 -0.29 -7.79 20.05
N ASP A 47 -0.50 -8.71 19.11
CA ASP A 47 0.58 -9.54 18.51
C ASP A 47 1.00 -9.01 17.10
N LYS A 48 0.04 -8.88 16.17
CA LYS A 48 0.33 -8.82 14.72
C LYS A 48 -0.14 -7.50 14.05
N MET A 49 0.44 -7.22 12.88
CA MET A 49 0.38 -5.87 12.27
C MET A 49 -0.93 -5.64 11.45
N THR A 50 -1.48 -4.42 11.55
CA THR A 50 -2.82 -4.10 11.00
C THR A 50 -2.72 -2.76 10.23
N MET A 51 -3.12 -2.80 8.96
CA MET A 51 -3.31 -1.58 8.14
C MET A 51 -4.74 -1.01 8.39
N LEU A 52 -4.81 0.09 9.13
CA LEU A 52 -6.09 0.77 9.46
C LEU A 52 -6.38 1.88 8.38
N THR A 53 -6.66 1.39 7.16
CA THR A 53 -6.63 2.20 5.92
C THR A 53 -7.80 3.21 5.83
N GLU A 54 -7.47 4.50 5.88
CA GLU A 54 -8.47 5.58 5.98
C GLU A 54 -8.41 6.54 4.74
N SER A 55 -9.01 6.08 3.64
CA SER A 55 -9.21 6.87 2.40
C SER A 55 -10.74 7.10 2.13
N THR A 56 -11.09 8.00 1.21
CA THR A 56 -12.54 8.30 0.90
C THR A 56 -13.38 7.11 0.33
N PHE A 57 -12.79 6.27 -0.53
CA PHE A 57 -13.43 4.99 -0.96
C PHE A 57 -13.10 3.74 -0.08
N LYS A 58 -11.87 3.63 0.45
CA LYS A 58 -11.54 2.57 1.44
C LYS A 58 -11.22 3.21 2.83
N ASN A 59 -12.26 3.44 3.64
CA ASN A 59 -12.11 3.69 5.10
C ASN A 59 -12.40 2.38 5.89
N LEU A 60 -11.36 1.53 6.03
CA LEU A 60 -11.52 0.12 6.49
C LEU A 60 -10.19 -0.49 7.03
N SER A 61 -10.28 -1.37 8.04
CA SER A 61 -9.11 -2.07 8.62
C SER A 61 -8.85 -3.50 8.07
N VAL A 62 -7.58 -3.92 8.04
CA VAL A 62 -7.20 -5.31 7.63
C VAL A 62 -5.96 -5.78 8.48
N THR A 63 -6.04 -7.00 9.00
CA THR A 63 -5.06 -7.57 9.98
C THR A 63 -4.25 -8.75 9.36
N PHE A 64 -2.97 -8.84 9.75
CA PHE A 64 -1.97 -9.74 9.11
C PHE A 64 -0.67 -9.90 9.98
N LYS A 65 0.21 -10.82 9.59
CA LYS A 65 1.63 -10.84 10.06
C LYS A 65 2.65 -10.85 8.89
N PHE A 66 3.94 -10.67 9.21
CA PHE A 66 5.05 -10.94 8.24
C PHE A 66 5.23 -12.46 7.97
N GLY A 67 4.39 -12.93 7.05
CA GLY A 67 4.11 -14.36 6.83
C GLY A 67 2.84 -14.63 5.98
N GLU A 68 1.74 -13.91 6.22
CA GLU A 68 0.43 -14.19 5.59
C GLU A 68 0.32 -13.65 4.11
N GLU A 69 -0.51 -14.32 3.30
CA GLU A 69 -1.14 -13.68 2.13
C GLU A 69 -2.56 -13.13 2.56
N PHE A 70 -2.62 -11.87 3.03
CA PHE A 70 -3.88 -11.32 3.61
C PHE A 70 -4.88 -10.82 2.53
N ASP A 71 -6.14 -11.23 2.61
CA ASP A 71 -7.16 -10.90 1.58
C ASP A 71 -7.97 -9.58 1.84
N GLU A 72 -8.37 -8.91 0.75
CA GLU A 72 -9.44 -7.88 0.79
C GLU A 72 -10.24 -7.89 -0.56
N LYS A 73 -11.53 -7.50 -0.52
CA LYS A 73 -12.23 -7.02 -1.75
C LYS A 73 -12.23 -5.47 -1.77
N THR A 74 -11.80 -4.92 -2.90
CA THR A 74 -11.50 -3.46 -3.01
C THR A 74 -12.78 -2.60 -3.23
N SER A 75 -12.72 -1.31 -2.91
CA SER A 75 -13.73 -0.33 -3.41
C SER A 75 -14.05 -0.30 -4.94
N ASP A 76 -13.04 -0.56 -5.79
CA ASP A 76 -13.22 -0.90 -7.21
C ASP A 76 -14.14 -2.11 -7.54
N GLY A 77 -14.12 -3.18 -6.72
CA GLY A 77 -14.92 -4.39 -6.93
C GLY A 77 -14.09 -5.58 -7.41
N ARG A 78 -13.14 -6.05 -6.58
CA ARG A 78 -12.18 -7.09 -7.01
C ARG A 78 -11.51 -7.70 -5.75
N ASN A 79 -11.62 -9.02 -5.59
CA ASN A 79 -10.92 -9.79 -4.52
C ASN A 79 -9.39 -9.93 -4.79
N VAL A 80 -8.58 -9.53 -3.82
CA VAL A 80 -7.10 -9.46 -3.99
C VAL A 80 -6.44 -9.98 -2.68
N LYS A 81 -5.18 -10.42 -2.78
CA LYS A 81 -4.37 -10.79 -1.60
C LYS A 81 -3.02 -10.03 -1.59
N SER A 82 -2.19 -10.21 -0.55
CA SER A 82 -0.89 -9.49 -0.45
C SER A 82 0.11 -10.25 0.45
N VAL A 83 1.25 -10.67 -0.11
CA VAL A 83 2.27 -11.49 0.60
C VAL A 83 3.23 -10.59 1.42
N VAL A 84 3.15 -10.66 2.75
CA VAL A 84 3.85 -9.69 3.64
C VAL A 84 5.24 -10.29 4.05
N GLU A 85 6.32 -9.52 3.83
CA GLU A 85 7.62 -9.79 4.48
C GLU A 85 8.45 -8.48 4.60
N LYS A 86 9.22 -8.38 5.71
CA LYS A 86 10.36 -7.45 5.79
C LYS A 86 11.59 -8.05 5.06
N ASN A 87 11.95 -7.41 3.95
CA ASN A 87 13.20 -7.73 3.19
C ASN A 87 14.50 -7.27 3.93
N SER A 88 14.48 -6.07 4.51
CA SER A 88 15.18 -5.83 5.81
C SER A 88 14.22 -5.06 6.78
N GLU A 89 14.66 -4.82 8.01
CA GLU A 89 13.86 -4.07 9.03
C GLU A 89 13.68 -2.51 8.80
N SER A 90 14.23 -2.01 7.68
CA SER A 90 13.71 -0.80 6.99
C SER A 90 13.46 -0.97 5.45
N LYS A 91 13.03 -2.16 4.97
CA LYS A 91 12.50 -2.34 3.60
C LYS A 91 11.49 -3.52 3.63
N LEU A 92 10.20 -3.22 3.56
CA LEU A 92 9.12 -4.23 3.37
C LEU A 92 8.82 -4.50 1.86
N THR A 93 8.08 -5.55 1.52
CA THR A 93 7.68 -5.84 0.10
C THR A 93 6.34 -6.63 0.15
N GLN A 94 5.23 -5.89 0.29
CA GLN A 94 3.89 -6.49 0.56
C GLN A 94 3.09 -6.81 -0.74
N THR A 95 3.65 -7.74 -1.54
CA THR A 95 3.35 -7.93 -2.97
C THR A 95 1.89 -8.30 -3.27
N GLN A 96 1.17 -7.39 -3.93
CA GLN A 96 -0.31 -7.41 -4.02
C GLN A 96 -0.76 -8.32 -5.19
N VAL A 97 -1.36 -9.46 -4.87
CA VAL A 97 -1.75 -10.48 -5.88
C VAL A 97 -3.24 -10.22 -6.23
N ASP A 98 -3.42 -9.38 -7.25
CA ASP A 98 -4.72 -9.07 -7.87
C ASP A 98 -5.11 -10.16 -8.93
N PRO A 99 -6.32 -10.17 -9.56
CA PRO A 99 -6.56 -10.96 -10.82
C PRO A 99 -5.65 -10.71 -12.06
N LYS A 100 -4.85 -9.62 -12.07
CA LYS A 100 -3.66 -9.49 -12.94
C LYS A 100 -2.26 -9.68 -12.25
N ASN A 101 -2.15 -9.59 -10.91
CA ASN A 101 -0.87 -9.39 -10.18
C ASN A 101 -0.35 -7.92 -10.31
N THR A 102 -0.41 -7.16 -9.21
CA THR A 102 0.43 -5.92 -9.02
C THR A 102 1.89 -6.35 -8.71
N THR A 103 2.85 -5.83 -9.48
CA THR A 103 4.25 -6.31 -9.49
C THR A 103 5.08 -5.77 -8.29
N VAL A 104 5.89 -6.63 -7.66
CA VAL A 104 6.65 -6.36 -6.40
C VAL A 104 6.80 -4.90 -5.88
N ILE A 105 5.89 -4.46 -5.00
CA ILE A 105 5.85 -3.04 -4.55
C ILE A 105 6.72 -2.90 -3.28
N VAL A 106 8.03 -2.91 -3.51
CA VAL A 106 9.08 -2.74 -2.48
C VAL A 106 8.91 -1.39 -1.67
N ARG A 107 8.69 -1.49 -0.36
CA ARG A 107 8.26 -0.35 0.48
C ARG A 107 9.42 0.02 1.47
N GLU A 108 10.21 1.03 1.10
CA GLU A 108 11.42 1.44 1.89
C GLU A 108 11.14 2.69 2.79
N VAL A 109 12.09 3.07 3.64
CA VAL A 109 12.09 4.41 4.30
C VAL A 109 13.50 5.03 4.23
N ASP A 110 13.59 6.25 3.68
CA ASP A 110 14.89 6.92 3.43
C ASP A 110 15.19 8.03 4.48
N GLY A 111 15.05 7.69 5.79
CA GLY A 111 15.12 8.68 6.89
C GLY A 111 13.87 9.54 7.05
N ASP A 112 12.78 8.93 7.54
CA ASP A 112 11.41 9.53 7.56
C ASP A 112 10.86 10.16 6.22
N THR A 113 11.17 9.48 5.10
CA THR A 113 10.54 9.69 3.78
C THR A 113 10.34 8.27 3.20
N MET A 114 9.15 7.73 3.49
CA MET A 114 8.71 6.36 3.15
C MET A 114 8.61 6.14 1.61
N LYS A 115 9.70 5.64 1.02
CA LYS A 115 9.87 5.54 -0.45
C LYS A 115 9.40 4.15 -0.96
N THR A 116 8.19 4.09 -1.50
CA THR A 116 7.56 2.83 -1.93
C THR A 116 7.38 2.85 -3.47
N THR A 117 8.21 2.10 -4.16
CA THR A 117 8.21 2.03 -5.64
C THR A 117 7.05 1.13 -6.14
N VAL A 118 5.91 1.72 -6.53
CA VAL A 118 4.70 0.91 -6.88
C VAL A 118 4.65 0.62 -8.40
N THR A 119 5.05 -0.60 -8.81
CA THR A 119 5.16 -0.99 -10.25
C THR A 119 4.15 -2.10 -10.68
N VAL A 120 3.82 -2.17 -11.98
CA VAL A 120 2.85 -3.19 -12.52
C VAL A 120 3.31 -3.60 -13.94
N GLY A 121 4.22 -4.58 -14.01
CA GLY A 121 4.95 -4.93 -15.25
C GLY A 121 6.01 -3.89 -15.72
N ASP A 122 5.48 -2.71 -16.05
CA ASP A 122 6.23 -1.56 -16.58
C ASP A 122 5.50 -0.24 -16.19
N VAL A 123 5.62 0.20 -14.92
CA VAL A 123 5.15 1.55 -14.48
C VAL A 123 6.22 2.21 -13.56
N THR A 124 6.44 1.64 -12.37
CA THR A 124 7.40 2.18 -11.34
C THR A 124 7.00 3.59 -10.84
N ALA A 125 5.99 3.66 -9.96
CA ALA A 125 5.50 4.94 -9.40
C ALA A 125 6.18 5.16 -8.03
N ILE A 126 7.23 6.00 -8.03
CA ILE A 126 8.09 6.20 -6.82
C ILE A 126 7.37 7.04 -5.76
N ARG A 127 6.68 6.37 -4.80
CA ARG A 127 5.81 7.09 -3.83
C ARG A 127 6.61 7.48 -2.56
N ASN A 128 6.64 8.77 -2.21
CA ASN A 128 7.11 9.23 -0.89
C ASN A 128 5.89 9.51 0.04
N TYR A 129 5.87 8.89 1.22
CA TYR A 129 4.95 9.27 2.32
C TYR A 129 5.80 9.80 3.55
N LYS A 130 5.14 10.43 4.52
CA LYS A 130 5.73 10.64 5.88
C LYS A 130 4.99 9.71 6.88
N ARG A 131 5.77 8.86 7.56
CA ARG A 131 5.25 7.90 8.58
C ARG A 131 5.05 8.60 9.95
N LEU A 132 3.80 8.71 10.38
CA LEU A 132 3.40 9.60 11.49
C LEU A 132 2.88 8.78 12.69
N SER A 133 3.42 9.10 13.88
CA SER A 133 3.11 8.37 15.13
C SER A 133 1.99 9.04 15.92
N MET A 1 8.36 -3.65 10.32
CA MET A 1 7.94 -3.82 11.74
C MET A 1 8.00 -2.44 12.48
N SER A 2 9.04 -2.11 13.24
CA SER A 2 9.08 -0.92 14.12
C SER A 2 9.40 0.44 13.45
N SER A 3 10.45 0.53 12.61
CA SER A 3 10.69 1.69 11.72
C SER A 3 9.51 2.22 10.84
N PHE A 4 8.63 1.29 10.40
CA PHE A 4 7.44 1.59 9.59
C PHE A 4 6.13 2.01 10.36
N LEU A 5 6.08 2.05 11.71
CA LEU A 5 4.82 2.26 12.47
C LEU A 5 4.19 3.69 12.29
N GLY A 6 2.89 3.74 11.92
CA GLY A 6 2.13 5.00 11.79
C GLY A 6 1.19 5.07 10.58
N LYS A 7 0.40 6.16 10.53
CA LYS A 7 -0.40 6.49 9.31
C LYS A 7 0.42 7.22 8.23
N TRP A 8 0.04 7.05 6.95
CA TRP A 8 0.97 7.30 5.83
C TRP A 8 0.26 8.20 4.78
N LYS A 9 0.50 9.51 4.82
CA LYS A 9 -0.12 10.46 3.86
C LYS A 9 0.96 11.00 2.88
N LEU A 10 0.55 11.08 1.61
CA LEU A 10 1.47 11.13 0.46
C LEU A 10 2.15 12.50 0.24
N SER A 11 3.49 12.47 0.15
CA SER A 11 4.31 13.66 -0.16
C SER A 11 4.43 14.00 -1.68
N GLU A 12 4.63 12.99 -2.54
CA GLU A 12 4.61 13.14 -4.01
C GLU A 12 3.86 11.94 -4.66
N SER A 13 2.83 12.26 -5.47
CA SER A 13 2.21 11.27 -6.40
C SER A 13 2.96 11.32 -7.77
N HIS A 14 4.04 10.52 -7.90
CA HIS A 14 5.01 10.72 -9.01
C HIS A 14 4.53 10.14 -10.36
N ASN A 15 4.19 8.84 -10.42
CA ASN A 15 3.24 8.33 -11.45
C ASN A 15 2.19 7.37 -10.81
N PHE A 16 1.48 7.82 -9.75
CA PHE A 16 0.32 7.06 -9.20
C PHE A 16 -1.00 7.39 -9.97
N ASP A 17 -1.07 6.88 -11.21
CA ASP A 17 -1.99 7.39 -12.26
C ASP A 17 -2.33 6.23 -13.26
N ALA A 18 -1.36 5.87 -14.11
CA ALA A 18 -1.43 4.70 -15.01
C ALA A 18 -1.08 3.32 -14.37
N VAL A 19 -0.29 3.30 -13.28
CA VAL A 19 -0.15 2.12 -12.38
C VAL A 19 -1.48 1.42 -11.93
N MET A 20 -2.45 2.25 -11.53
CA MET A 20 -3.82 1.80 -11.23
C MET A 20 -4.61 1.44 -12.51
N SER A 21 -4.70 2.32 -13.52
CA SER A 21 -5.39 1.98 -14.80
C SER A 21 -4.87 0.75 -15.61
N LYS A 22 -3.56 0.48 -15.62
CA LYS A 22 -2.99 -0.78 -16.19
C LYS A 22 -3.25 -2.08 -15.35
N LEU A 23 -3.37 -1.97 -14.02
CA LEU A 23 -4.10 -2.97 -13.19
C LEU A 23 -5.66 -3.08 -13.46
N GLY A 24 -6.32 -1.98 -13.81
CA GLY A 24 -7.71 -1.95 -14.29
C GLY A 24 -8.73 -1.29 -13.35
N VAL A 25 -8.46 -0.04 -12.93
CA VAL A 25 -9.14 0.55 -11.74
C VAL A 25 -10.26 1.54 -12.16
N SER A 26 -11.39 1.48 -11.44
CA SER A 26 -12.66 2.12 -11.85
C SER A 26 -12.66 3.68 -11.84
N TRP A 27 -13.52 4.27 -12.69
CA TRP A 27 -13.57 5.76 -12.90
C TRP A 27 -14.34 6.55 -11.77
N ALA A 28 -13.66 6.60 -10.63
CA ALA A 28 -14.08 7.24 -9.36
C ALA A 28 -13.02 6.87 -8.26
N THR A 29 -12.76 5.56 -8.09
CA THR A 29 -11.69 5.03 -7.21
C THR A 29 -10.24 5.29 -7.65
N ARG A 30 -9.96 5.25 -8.97
CA ARG A 30 -8.68 5.74 -9.51
C ARG A 30 -8.40 7.27 -9.27
N GLN A 31 -9.48 8.08 -9.21
CA GLN A 31 -9.40 9.53 -8.93
C GLN A 31 -9.14 9.85 -7.43
N ILE A 32 -9.79 9.16 -6.47
CA ILE A 32 -9.38 9.16 -5.03
C ILE A 32 -7.94 8.60 -4.80
N GLY A 33 -7.52 7.57 -5.56
CA GLY A 33 -6.08 7.23 -5.72
C GLY A 33 -5.08 8.39 -5.90
N ASN A 34 -5.27 9.22 -6.94
CA ASN A 34 -4.51 10.49 -7.10
C ASN A 34 -5.10 11.78 -6.44
N THR A 35 -5.77 11.67 -5.29
CA THR A 35 -6.49 12.81 -4.64
C THR A 35 -6.49 12.62 -3.10
N VAL A 36 -7.23 11.63 -2.58
CA VAL A 36 -7.40 11.45 -1.12
C VAL A 36 -6.55 10.22 -0.71
N THR A 37 -5.44 10.51 -0.06
CA THR A 37 -4.28 9.59 0.10
C THR A 37 -4.57 8.10 0.51
N PRO A 38 -3.87 7.06 -0.01
CA PRO A 38 -3.97 5.66 0.52
C PRO A 38 -3.30 5.50 1.90
N THR A 39 -4.08 5.78 2.95
CA THR A 39 -3.53 6.00 4.31
C THR A 39 -3.42 4.67 5.11
N VAL A 40 -2.54 3.79 4.64
CA VAL A 40 -2.54 2.34 5.03
C VAL A 40 -1.76 2.19 6.36
N THR A 41 -2.51 2.29 7.47
CA THR A 41 -1.97 2.83 8.75
C THR A 41 -1.36 1.71 9.60
N PHE A 42 -0.04 1.61 9.56
CA PHE A 42 0.68 0.36 9.90
C PHE A 42 1.01 0.30 11.40
N THR A 43 0.35 -0.63 12.10
CA THR A 43 0.34 -0.62 13.58
C THR A 43 0.37 -2.07 14.13
N MET A 44 1.26 -2.37 15.09
CA MET A 44 1.34 -3.75 15.69
C MET A 44 0.28 -3.98 16.82
N ASP A 45 -0.78 -4.74 16.51
CA ASP A 45 -1.88 -5.00 17.47
C ASP A 45 -1.69 -6.37 18.19
N GLY A 46 -0.91 -6.33 19.29
CA GLY A 46 -0.68 -7.51 20.16
C GLY A 46 0.30 -8.56 19.63
N ASP A 47 -0.21 -9.36 18.68
CA ASP A 47 0.63 -10.27 17.86
C ASP A 47 1.08 -9.58 16.54
N LYS A 48 0.12 -9.09 15.72
CA LYS A 48 0.36 -8.89 14.27
C LYS A 48 -0.10 -7.51 13.75
N MET A 49 0.43 -7.18 12.56
CA MET A 49 0.43 -5.79 12.04
C MET A 49 -0.90 -5.48 11.30
N THR A 50 -1.48 -4.34 11.64
CA THR A 50 -2.85 -3.98 11.25
C THR A 50 -2.74 -2.65 10.48
N MET A 51 -3.13 -2.69 9.19
CA MET A 51 -3.32 -1.47 8.39
C MET A 51 -4.73 -0.89 8.63
N LEU A 52 -4.77 0.20 9.39
CA LEU A 52 -6.03 0.90 9.74
C LEU A 52 -6.36 1.98 8.65
N THR A 53 -6.63 1.49 7.44
CA THR A 53 -6.64 2.29 6.19
C THR A 53 -7.71 3.40 6.19
N GLU A 54 -7.28 4.63 5.88
CA GLU A 54 -8.12 5.84 6.08
C GLU A 54 -8.12 6.70 4.78
N SER A 55 -8.98 6.29 3.84
CA SER A 55 -9.15 6.96 2.54
C SER A 55 -10.66 7.25 2.29
N THR A 56 -11.02 8.11 1.32
CA THR A 56 -12.47 8.33 0.95
C THR A 56 -13.25 7.06 0.48
N PHE A 57 -12.63 6.20 -0.36
CA PHE A 57 -13.24 4.92 -0.77
C PHE A 57 -12.90 3.69 0.13
N LYS A 58 -11.69 3.62 0.71
CA LYS A 58 -11.37 2.58 1.73
C LYS A 58 -11.02 3.26 3.10
N ASN A 59 -12.04 3.63 3.89
CA ASN A 59 -11.85 3.99 5.32
C ASN A 59 -12.23 2.73 6.20
N LEU A 60 -11.26 1.81 6.35
CA LEU A 60 -11.51 0.44 6.88
C LEU A 60 -10.21 -0.26 7.40
N SER A 61 -10.32 -1.18 8.38
CA SER A 61 -9.13 -1.90 8.92
C SER A 61 -8.87 -3.31 8.32
N VAL A 62 -7.59 -3.68 8.17
CA VAL A 62 -7.17 -5.04 7.72
C VAL A 62 -5.97 -5.55 8.61
N THR A 63 -5.96 -6.83 8.96
CA THR A 63 -4.98 -7.42 9.94
C THR A 63 -4.22 -8.64 9.34
N PHE A 64 -2.92 -8.76 9.67
CA PHE A 64 -1.98 -9.66 8.96
C PHE A 64 -0.60 -9.83 9.69
N LYS A 65 0.11 -10.95 9.47
CA LYS A 65 1.53 -11.11 9.90
C LYS A 65 2.55 -11.21 8.72
N PHE A 66 3.85 -11.15 9.07
CA PHE A 66 4.99 -11.28 8.11
C PHE A 66 5.17 -12.72 7.57
N GLY A 67 4.30 -13.06 6.63
CA GLY A 67 4.10 -14.44 6.16
C GLY A 67 2.77 -14.68 5.40
N GLU A 68 1.67 -14.05 5.83
CA GLU A 68 0.33 -14.25 5.26
C GLU A 68 0.16 -13.67 3.81
N GLU A 69 -0.61 -14.39 2.99
CA GLU A 69 -1.28 -13.79 1.80
C GLU A 69 -2.65 -13.15 2.18
N PHE A 70 -2.63 -11.95 2.79
CA PHE A 70 -3.84 -11.35 3.42
C PHE A 70 -4.86 -10.79 2.40
N ASP A 71 -6.16 -11.03 2.58
CA ASP A 71 -7.20 -10.57 1.62
C ASP A 71 -7.61 -9.07 1.75
N GLU A 72 -7.97 -8.44 0.61
CA GLU A 72 -8.80 -7.21 0.61
C GLU A 72 -9.91 -7.38 -0.48
N LYS A 73 -11.18 -7.19 -0.09
CA LYS A 73 -12.25 -6.88 -1.09
C LYS A 73 -12.29 -5.35 -1.33
N THR A 74 -12.04 -4.94 -2.57
CA THR A 74 -11.66 -3.53 -2.89
C THR A 74 -12.90 -2.64 -3.19
N SER A 75 -12.78 -1.34 -2.93
CA SER A 75 -13.72 -0.31 -3.47
C SER A 75 -13.95 -0.28 -5.01
N ASP A 76 -12.91 -0.57 -5.80
CA ASP A 76 -13.03 -0.91 -7.24
C ASP A 76 -14.00 -2.10 -7.62
N GLY A 77 -14.13 -3.08 -6.73
CA GLY A 77 -15.08 -4.21 -6.87
C GLY A 77 -14.43 -5.56 -7.18
N ARG A 78 -13.37 -5.93 -6.44
CA ARG A 78 -12.41 -6.96 -6.88
C ARG A 78 -11.75 -7.54 -5.59
N ASN A 79 -11.88 -8.85 -5.37
CA ASN A 79 -11.12 -9.56 -4.31
C ASN A 79 -9.62 -9.75 -4.66
N VAL A 80 -8.73 -9.33 -3.75
CA VAL A 80 -7.26 -9.38 -3.97
C VAL A 80 -6.60 -10.02 -2.71
N LYS A 81 -5.36 -10.50 -2.85
CA LYS A 81 -4.53 -10.95 -1.69
C LYS A 81 -3.14 -10.27 -1.68
N SER A 82 -2.31 -10.49 -0.65
CA SER A 82 -1.01 -9.77 -0.55
C SER A 82 0.05 -10.49 0.34
N VAL A 83 1.17 -10.92 -0.26
CA VAL A 83 2.30 -11.57 0.46
C VAL A 83 3.17 -10.56 1.24
N VAL A 84 3.12 -10.64 2.57
CA VAL A 84 3.79 -9.67 3.48
C VAL A 84 5.20 -10.22 3.85
N GLU A 85 6.19 -9.35 3.69
CA GLU A 85 7.61 -9.69 3.91
C GLU A 85 8.31 -8.42 4.47
N LYS A 86 8.88 -8.44 5.70
CA LYS A 86 9.98 -7.48 6.03
C LYS A 86 11.34 -8.14 5.70
N ASN A 87 11.99 -7.64 4.64
CA ASN A 87 13.25 -8.24 4.13
C ASN A 87 14.48 -7.79 4.99
N SER A 88 14.68 -6.47 5.11
CA SER A 88 15.20 -5.87 6.38
C SER A 88 14.05 -5.06 7.08
N GLU A 89 14.27 -4.59 8.32
CA GLU A 89 13.41 -3.49 8.90
C GLU A 89 13.73 -2.03 8.38
N SER A 90 14.35 -1.92 7.21
CA SER A 90 14.16 -0.77 6.29
C SER A 90 13.85 -1.18 4.80
N LYS A 91 13.22 -2.35 4.55
CA LYS A 91 12.97 -2.84 3.17
C LYS A 91 11.83 -3.91 3.28
N LEU A 92 10.57 -3.50 3.12
CA LEU A 92 9.38 -4.41 3.28
C LEU A 92 8.67 -4.58 1.92
N THR A 93 8.27 -5.79 1.53
CA THR A 93 7.78 -6.08 0.15
C THR A 93 6.39 -6.76 0.25
N GLN A 94 5.35 -5.93 0.41
CA GLN A 94 3.96 -6.40 0.62
C GLN A 94 3.20 -6.58 -0.73
N THR A 95 3.49 -7.67 -1.44
CA THR A 95 3.20 -7.76 -2.90
C THR A 95 1.73 -8.18 -3.16
N GLN A 96 0.93 -7.25 -3.68
CA GLN A 96 -0.53 -7.46 -3.87
C GLN A 96 -0.80 -8.40 -5.10
N VAL A 97 -1.44 -9.55 -4.87
CA VAL A 97 -1.75 -10.53 -5.93
C VAL A 97 -3.25 -10.31 -6.30
N ASP A 98 -3.43 -9.47 -7.32
CA ASP A 98 -4.75 -9.03 -7.81
C ASP A 98 -5.21 -9.93 -9.01
N PRO A 99 -6.45 -9.85 -9.58
CA PRO A 99 -6.73 -10.42 -10.94
C PRO A 99 -5.96 -9.84 -12.18
N LYS A 100 -5.17 -8.77 -11.99
CA LYS A 100 -4.03 -8.44 -12.89
C LYS A 100 -2.58 -8.71 -12.30
N ASN A 101 -2.42 -9.02 -11.01
CA ASN A 101 -1.13 -9.13 -10.28
C ASN A 101 -0.33 -7.80 -10.21
N THR A 102 -0.29 -7.13 -9.04
CA THR A 102 0.61 -5.97 -8.81
C THR A 102 2.06 -6.48 -8.55
N THR A 103 3.02 -5.99 -9.34
CA THR A 103 4.43 -6.48 -9.29
C THR A 103 5.22 -5.90 -8.08
N VAL A 104 6.06 -6.73 -7.45
CA VAL A 104 6.75 -6.47 -6.15
C VAL A 104 6.84 -5.01 -5.60
N ILE A 105 5.91 -4.65 -4.70
CA ILE A 105 5.76 -3.23 -4.26
C ILE A 105 6.71 -2.94 -3.05
N VAL A 106 8.02 -2.98 -3.33
CA VAL A 106 9.08 -2.87 -2.29
C VAL A 106 9.06 -1.45 -1.62
N ARG A 107 8.88 -1.42 -0.31
CA ARG A 107 8.81 -0.17 0.48
C ARG A 107 10.08 0.04 1.32
N GLU A 108 10.85 1.06 0.96
CA GLU A 108 12.05 1.48 1.72
C GLU A 108 11.70 2.66 2.71
N VAL A 109 12.70 3.24 3.39
CA VAL A 109 12.53 4.48 4.20
C VAL A 109 13.69 5.48 3.94
N ASP A 110 13.36 6.77 3.77
CA ASP A 110 14.36 7.87 3.90
C ASP A 110 14.04 8.72 5.18
N GLY A 111 14.23 8.12 6.37
CA GLY A 111 14.05 8.83 7.66
C GLY A 111 12.59 8.88 8.15
N ASP A 112 11.88 9.97 7.82
CA ASP A 112 10.40 10.04 7.91
C ASP A 112 9.58 9.74 6.59
N THR A 113 10.25 9.65 5.44
CA THR A 113 9.64 9.52 4.12
C THR A 113 9.82 8.10 3.58
N MET A 114 8.87 7.25 3.99
CA MET A 114 8.67 5.88 3.50
C MET A 114 8.52 5.85 1.94
N LYS A 115 9.52 5.29 1.26
CA LYS A 115 9.60 5.35 -0.22
C LYS A 115 9.30 3.98 -0.86
N THR A 116 8.07 3.77 -1.40
CA THR A 116 7.75 2.54 -2.18
C THR A 116 7.66 2.84 -3.68
N THR A 117 8.49 2.14 -4.45
CA THR A 117 8.18 1.88 -5.88
C THR A 117 6.94 0.94 -6.00
N VAL A 118 5.79 1.48 -6.41
CA VAL A 118 4.62 0.63 -6.79
C VAL A 118 4.66 0.35 -8.31
N THR A 119 5.12 -0.85 -8.71
CA THR A 119 5.29 -1.23 -10.15
C THR A 119 4.31 -2.36 -10.58
N VAL A 120 4.02 -2.49 -11.89
CA VAL A 120 3.09 -3.54 -12.42
C VAL A 120 3.61 -4.04 -13.79
N GLY A 121 4.65 -4.88 -13.78
CA GLY A 121 5.42 -5.23 -14.99
C GLY A 121 6.34 -4.12 -15.56
N ASP A 122 5.72 -2.96 -15.82
CA ASP A 122 6.27 -1.90 -16.68
C ASP A 122 5.73 -0.48 -16.31
N VAL A 123 5.85 -0.07 -15.02
CA VAL A 123 5.41 1.29 -14.58
C VAL A 123 6.47 1.91 -13.64
N THR A 124 6.63 1.38 -12.42
CA THR A 124 7.47 2.00 -11.34
C THR A 124 6.94 3.40 -10.91
N ALA A 125 5.97 3.43 -9.99
CA ALA A 125 5.40 4.70 -9.47
C ALA A 125 6.03 4.98 -8.10
N ILE A 126 6.96 5.93 -8.04
CA ILE A 126 7.78 6.16 -6.82
C ILE A 126 6.96 6.94 -5.76
N ARG A 127 6.33 6.17 -4.85
CA ARG A 127 5.48 6.76 -3.79
C ARG A 127 6.32 7.16 -2.55
N ASN A 128 6.23 8.43 -2.16
CA ASN A 128 7.02 8.99 -1.04
C ASN A 128 6.02 9.56 0.02
N TYR A 129 6.07 9.15 1.29
CA TYR A 129 4.93 9.36 2.24
C TYR A 129 5.39 9.44 3.72
N LYS A 130 4.72 10.30 4.50
CA LYS A 130 5.19 10.67 5.87
C LYS A 130 4.75 9.64 6.96
N ARG A 131 5.67 9.32 7.89
CA ARG A 131 5.30 8.59 9.14
C ARG A 131 4.55 9.50 10.15
N LEU A 132 3.24 9.30 10.29
CA LEU A 132 2.37 10.20 11.08
C LEU A 132 1.73 9.45 12.29
N SER A 133 1.76 10.10 13.46
CA SER A 133 1.33 9.49 14.74
C SER A 133 -0.14 9.82 15.07
N MET A 1 7.65 -3.78 11.55
CA MET A 1 6.86 -3.89 12.80
C MET A 1 6.93 -2.60 13.67
N SER A 2 8.12 -2.22 14.17
CA SER A 2 8.31 -1.06 15.06
C SER A 2 8.87 0.22 14.37
N SER A 3 9.88 0.12 13.48
CA SER A 3 10.41 1.31 12.75
C SER A 3 9.47 2.01 11.70
N PHE A 4 8.32 1.44 11.37
CA PHE A 4 7.28 2.10 10.53
C PHE A 4 5.85 2.10 11.16
N LEU A 5 5.74 2.53 12.43
CA LEU A 5 4.44 2.71 13.12
C LEU A 5 3.76 4.07 12.76
N GLY A 6 2.47 4.03 12.43
CA GLY A 6 1.63 5.23 12.27
C GLY A 6 0.92 5.41 10.92
N LYS A 7 0.09 6.45 10.86
CA LYS A 7 -0.60 6.88 9.61
C LYS A 7 0.31 7.75 8.71
N TRP A 8 0.28 7.54 7.40
CA TRP A 8 1.11 8.29 6.45
C TRP A 8 0.25 8.99 5.38
N LYS A 9 0.78 10.09 4.83
CA LYS A 9 0.19 10.72 3.62
C LYS A 9 1.26 10.82 2.49
N LEU A 10 0.81 10.57 1.27
CA LEU A 10 1.63 10.64 0.04
C LEU A 10 2.26 12.05 -0.21
N SER A 11 3.59 12.11 -0.33
CA SER A 11 4.33 13.38 -0.57
C SER A 11 4.50 13.82 -2.05
N GLU A 12 4.58 12.86 -2.99
CA GLU A 12 4.71 13.16 -4.44
C GLU A 12 3.84 12.22 -5.32
N SER A 13 3.69 12.54 -6.62
CA SER A 13 3.47 11.49 -7.64
C SER A 13 4.48 11.58 -8.84
N HIS A 14 5.29 10.52 -8.97
CA HIS A 14 6.07 10.25 -10.20
C HIS A 14 5.17 9.57 -11.28
N ASN A 15 4.56 8.41 -10.95
CA ASN A 15 3.41 7.88 -11.76
C ASN A 15 2.37 7.11 -10.88
N PHE A 16 1.98 7.67 -9.71
CA PHE A 16 0.87 7.11 -8.87
C PHE A 16 -0.55 7.52 -9.37
N ASP A 17 -0.90 6.97 -10.53
CA ASP A 17 -1.87 7.59 -11.47
C ASP A 17 -2.11 6.59 -12.64
N ALA A 18 -1.08 6.27 -13.45
CA ALA A 18 -1.15 5.12 -14.39
C ALA A 18 -0.90 3.72 -13.77
N VAL A 19 -0.14 3.60 -12.66
CA VAL A 19 -0.03 2.33 -11.87
C VAL A 19 -1.37 1.63 -11.47
N MET A 20 -2.34 2.46 -11.07
CA MET A 20 -3.73 2.04 -10.84
C MET A 20 -4.51 1.83 -12.15
N SER A 21 -4.58 2.83 -13.05
CA SER A 21 -5.31 2.68 -14.34
C SER A 21 -4.83 1.55 -15.31
N LYS A 22 -3.53 1.27 -15.39
CA LYS A 22 -2.99 0.10 -16.15
C LYS A 22 -3.16 -1.29 -15.47
N LEU A 23 -3.18 -1.36 -14.12
CA LEU A 23 -3.87 -2.47 -13.40
C LEU A 23 -5.40 -2.60 -13.72
N GLY A 24 -6.15 -1.50 -13.78
CA GLY A 24 -7.56 -1.49 -14.20
C GLY A 24 -8.53 -1.03 -13.10
N VAL A 25 -8.46 0.25 -12.73
CA VAL A 25 -9.22 0.80 -11.58
C VAL A 25 -10.52 1.49 -12.06
N SER A 26 -11.62 1.25 -11.36
CA SER A 26 -12.97 1.67 -11.81
C SER A 26 -13.21 3.21 -11.75
N TRP A 27 -14.03 3.78 -12.64
CA TRP A 27 -14.28 5.26 -12.66
C TRP A 27 -15.20 5.86 -11.51
N ALA A 28 -14.98 5.37 -10.30
CA ALA A 28 -15.25 6.08 -9.03
C ALA A 28 -13.97 6.10 -8.12
N THR A 29 -13.32 4.93 -7.90
CA THR A 29 -11.97 4.86 -7.29
C THR A 29 -10.78 5.47 -8.07
N ARG A 30 -10.83 5.60 -9.40
CA ARG A 30 -9.77 6.30 -10.18
C ARG A 30 -9.74 7.87 -10.02
N GLN A 31 -10.64 8.42 -9.18
CA GLN A 31 -10.52 9.78 -8.61
C GLN A 31 -10.55 9.83 -7.03
N ILE A 32 -10.28 8.71 -6.33
CA ILE A 32 -9.92 8.68 -4.89
C ILE A 32 -8.51 8.03 -4.71
N GLY A 33 -8.21 6.86 -5.31
CA GLY A 33 -6.85 6.24 -5.22
C GLY A 33 -5.65 7.12 -5.64
N ASN A 34 -5.72 7.70 -6.84
CA ASN A 34 -4.81 8.79 -7.28
C ASN A 34 -5.36 10.22 -7.00
N THR A 35 -5.76 10.52 -5.75
CA THR A 35 -6.41 11.80 -5.38
C THR A 35 -6.36 11.97 -3.84
N VAL A 36 -7.07 11.12 -3.08
CA VAL A 36 -7.14 11.20 -1.61
C VAL A 36 -6.06 10.23 -1.06
N THR A 37 -5.01 10.80 -0.47
CA THR A 37 -3.78 10.06 -0.08
C THR A 37 -4.02 8.77 0.77
N PRO A 38 -3.63 7.53 0.37
CA PRO A 38 -4.11 6.29 1.06
C PRO A 38 -3.56 6.11 2.49
N THR A 39 -4.47 6.28 3.47
CA THR A 39 -4.09 6.43 4.90
C THR A 39 -3.85 5.04 5.60
N VAL A 40 -2.89 4.26 5.08
CA VAL A 40 -2.77 2.82 5.42
C VAL A 40 -1.97 2.68 6.75
N THR A 41 -2.72 2.71 7.86
CA THR A 41 -2.19 3.21 9.16
C THR A 41 -1.58 2.05 9.93
N PHE A 42 -0.23 2.01 9.95
CA PHE A 42 0.53 0.77 10.20
C PHE A 42 0.81 0.58 11.70
N THR A 43 0.21 -0.45 12.28
CA THR A 43 0.11 -0.58 13.76
C THR A 43 0.21 -2.08 14.19
N MET A 44 1.08 -2.44 15.14
CA MET A 44 1.20 -3.85 15.61
C MET A 44 0.15 -4.23 16.68
N ASP A 45 -0.81 -5.10 16.32
CA ASP A 45 -1.90 -5.53 17.24
C ASP A 45 -1.60 -6.94 17.82
N GLY A 46 -0.84 -6.97 18.94
CA GLY A 46 -0.53 -8.22 19.67
C GLY A 46 0.53 -9.13 19.02
N ASP A 47 0.07 -9.85 17.99
CA ASP A 47 0.96 -10.59 17.06
C ASP A 47 1.49 -9.68 15.91
N LYS A 48 0.59 -9.00 15.17
CA LYS A 48 0.83 -8.70 13.74
C LYS A 48 0.39 -7.29 13.29
N MET A 49 1.00 -6.85 12.17
CA MET A 49 0.86 -5.47 11.66
C MET A 49 -0.50 -5.23 10.94
N THR A 50 -1.16 -4.14 11.32
CA THR A 50 -2.57 -3.87 10.93
C THR A 50 -2.56 -2.51 10.19
N MET A 51 -2.92 -2.54 8.91
CA MET A 51 -3.20 -1.31 8.14
C MET A 51 -4.63 -0.81 8.47
N LEU A 52 -4.73 0.26 9.25
CA LEU A 52 -6.05 0.87 9.62
C LEU A 52 -6.41 1.94 8.55
N THR A 53 -6.75 1.44 7.36
CA THR A 53 -6.86 2.22 6.11
C THR A 53 -8.06 3.18 6.11
N GLU A 54 -7.77 4.48 6.21
CA GLU A 54 -8.82 5.53 6.30
C GLU A 54 -8.78 6.45 5.04
N SER A 55 -9.32 5.91 3.95
CA SER A 55 -9.48 6.60 2.65
C SER A 55 -10.99 6.86 2.35
N THR A 56 -11.31 7.75 1.40
CA THR A 56 -12.75 8.08 1.07
C THR A 56 -13.64 6.88 0.57
N PHE A 57 -13.06 5.93 -0.18
CA PHE A 57 -13.75 4.69 -0.60
C PHE A 57 -13.39 3.42 0.24
N LYS A 58 -12.16 3.29 0.76
CA LYS A 58 -11.83 2.26 1.78
C LYS A 58 -11.52 2.94 3.16
N ASN A 59 -12.56 3.15 3.97
CA ASN A 59 -12.40 3.45 5.42
C ASN A 59 -12.61 2.16 6.27
N LEU A 60 -11.54 1.36 6.42
CA LEU A 60 -11.61 -0.03 6.93
C LEU A 60 -10.25 -0.58 7.43
N SER A 61 -10.25 -1.49 8.42
CA SER A 61 -9.01 -2.14 8.91
C SER A 61 -8.69 -3.51 8.25
N VAL A 62 -7.40 -3.78 7.99
CA VAL A 62 -6.94 -5.12 7.51
C VAL A 62 -5.71 -5.56 8.38
N THR A 63 -5.73 -6.82 8.83
CA THR A 63 -4.74 -7.37 9.82
C THR A 63 -3.94 -8.57 9.21
N PHE A 64 -2.61 -8.57 9.43
CA PHE A 64 -1.67 -9.46 8.69
C PHE A 64 -0.24 -9.48 9.31
N LYS A 65 0.53 -10.58 9.11
CA LYS A 65 1.98 -10.61 9.48
C LYS A 65 2.95 -10.49 8.29
N PHE A 66 4.26 -10.36 8.59
CA PHE A 66 5.36 -10.54 7.61
C PHE A 66 5.63 -12.02 7.19
N GLY A 67 4.60 -12.60 6.57
CA GLY A 67 4.54 -14.02 6.17
C GLY A 67 3.08 -14.56 6.11
N GLU A 68 2.22 -13.85 5.39
CA GLU A 68 0.76 -14.12 5.31
C GLU A 68 0.24 -13.47 3.99
N GLU A 69 -0.43 -14.26 3.15
CA GLU A 69 -1.06 -13.76 1.90
C GLU A 69 -2.50 -13.19 2.13
N PHE A 70 -2.57 -11.99 2.71
CA PHE A 70 -3.83 -11.46 3.32
C PHE A 70 -4.90 -11.01 2.29
N ASP A 71 -6.16 -11.44 2.45
CA ASP A 71 -7.23 -11.16 1.45
C ASP A 71 -8.05 -9.85 1.78
N GLU A 72 -8.49 -9.11 0.74
CA GLU A 72 -9.48 -8.02 0.90
C GLU A 72 -10.41 -7.90 -0.35
N LYS A 73 -11.66 -7.46 -0.11
CA LYS A 73 -12.58 -7.05 -1.22
C LYS A 73 -12.51 -5.51 -1.39
N THR A 74 -12.24 -5.06 -2.62
CA THR A 74 -11.93 -3.64 -2.88
C THR A 74 -13.22 -2.82 -3.17
N SER A 75 -13.24 -1.56 -2.71
CA SER A 75 -14.19 -0.52 -3.19
C SER A 75 -14.29 -0.24 -4.72
N ASP A 76 -13.20 -0.48 -5.45
CA ASP A 76 -13.19 -0.65 -6.93
C ASP A 76 -14.15 -1.75 -7.49
N GLY A 77 -14.15 -2.94 -6.88
CA GLY A 77 -15.07 -4.05 -7.21
C GLY A 77 -14.36 -5.33 -7.65
N ARG A 78 -13.52 -5.91 -6.79
CA ARG A 78 -12.58 -6.98 -7.18
C ARG A 78 -11.91 -7.50 -5.87
N ASN A 79 -12.01 -8.81 -5.62
CA ASN A 79 -11.26 -9.49 -4.54
C ASN A 79 -9.75 -9.62 -4.86
N VAL A 80 -8.90 -9.23 -3.90
CA VAL A 80 -7.43 -9.21 -4.08
C VAL A 80 -6.76 -9.84 -2.83
N LYS A 81 -5.51 -10.29 -2.95
CA LYS A 81 -4.69 -10.67 -1.78
C LYS A 81 -3.31 -10.00 -1.79
N SER A 82 -2.42 -10.33 -0.84
CA SER A 82 -1.12 -9.60 -0.71
C SER A 82 -0.07 -10.44 0.04
N VAL A 83 0.93 -10.98 -0.70
CA VAL A 83 2.02 -11.81 -0.12
C VAL A 83 3.14 -10.93 0.51
N VAL A 84 3.28 -11.00 1.84
CA VAL A 84 4.09 -10.02 2.61
C VAL A 84 5.43 -10.67 3.08
N GLU A 85 6.51 -9.94 2.84
CA GLU A 85 7.86 -10.26 3.39
C GLU A 85 8.48 -8.96 3.95
N LYS A 86 8.90 -8.98 5.23
CA LYS A 86 9.74 -7.91 5.81
C LYS A 86 11.24 -8.32 5.71
N ASN A 87 12.00 -7.53 4.95
CA ASN A 87 13.41 -7.88 4.60
C ASN A 87 14.49 -7.44 5.64
N SER A 88 14.25 -6.40 6.45
CA SER A 88 14.97 -6.22 7.75
C SER A 88 13.97 -5.60 8.76
N GLU A 89 13.99 -4.27 9.01
CA GLU A 89 12.97 -3.58 9.87
C GLU A 89 12.32 -2.28 9.28
N SER A 90 12.78 -1.79 8.12
CA SER A 90 12.01 -0.84 7.28
C SER A 90 12.27 -1.07 5.77
N LYS A 91 12.07 -2.31 5.30
CA LYS A 91 12.22 -2.69 3.87
C LYS A 91 11.26 -3.88 3.63
N LEU A 92 10.01 -3.62 3.23
CA LEU A 92 8.94 -4.65 3.24
C LEU A 92 8.23 -4.74 1.86
N THR A 93 8.05 -5.94 1.33
CA THR A 93 7.41 -6.15 0.00
C THR A 93 6.02 -6.82 0.13
N GLN A 94 5.04 -5.95 0.38
CA GLN A 94 3.61 -6.34 0.53
C GLN A 94 2.93 -6.54 -0.87
N THR A 95 3.21 -7.67 -1.53
CA THR A 95 3.07 -7.78 -3.00
C THR A 95 1.62 -8.17 -3.38
N GLN A 96 0.90 -7.23 -4.00
CA GLN A 96 -0.58 -7.32 -4.10
C GLN A 96 -1.01 -8.25 -5.27
N VAL A 97 -1.69 -9.34 -4.94
CA VAL A 97 -2.11 -10.36 -5.94
C VAL A 97 -3.57 -10.01 -6.36
N ASP A 98 -3.64 -9.13 -7.36
CA ASP A 98 -4.91 -8.65 -7.94
C ASP A 98 -5.34 -9.58 -9.15
N PRO A 99 -6.55 -9.49 -9.75
CA PRO A 99 -6.80 -10.07 -11.13
C PRO A 99 -5.91 -9.58 -12.32
N LYS A 100 -5.13 -8.50 -12.14
CA LYS A 100 -3.96 -8.20 -13.01
C LYS A 100 -2.53 -8.51 -12.38
N ASN A 101 -2.41 -8.79 -11.06
CA ASN A 101 -1.13 -8.96 -10.33
C ASN A 101 -0.28 -7.66 -10.23
N THR A 102 -0.28 -6.99 -9.06
CA THR A 102 0.63 -5.85 -8.80
C THR A 102 2.07 -6.38 -8.46
N THR A 103 3.07 -5.88 -9.17
CA THR A 103 4.47 -6.41 -9.09
C THR A 103 5.27 -5.83 -7.88
N VAL A 104 6.10 -6.68 -7.24
CA VAL A 104 6.77 -6.42 -5.93
C VAL A 104 6.95 -4.95 -5.40
N ILE A 105 6.06 -4.53 -4.48
CA ILE A 105 5.96 -3.08 -4.11
C ILE A 105 6.87 -2.67 -2.91
N VAL A 106 8.16 -2.99 -3.00
CA VAL A 106 9.18 -2.80 -1.92
C VAL A 106 9.16 -1.41 -1.17
N ARG A 107 8.60 -1.40 0.05
CA ARG A 107 8.49 -0.19 0.90
C ARG A 107 9.76 0.05 1.75
N GLU A 108 10.69 0.82 1.19
CA GLU A 108 12.01 1.17 1.80
C GLU A 108 11.98 2.62 2.38
N VAL A 109 13.10 3.34 2.53
CA VAL A 109 13.15 4.64 3.27
C VAL A 109 14.41 5.51 2.96
N ASP A 110 14.19 6.80 2.65
CA ASP A 110 15.29 7.80 2.53
C ASP A 110 15.36 8.79 3.75
N GLY A 111 15.45 8.25 4.98
CA GLY A 111 15.43 9.07 6.22
C GLY A 111 14.04 9.54 6.67
N ASP A 112 13.24 8.61 7.21
CA ASP A 112 11.79 8.79 7.53
C ASP A 112 10.76 8.98 6.35
N THR A 113 11.24 9.37 5.16
CA THR A 113 10.45 9.49 3.91
C THR A 113 10.47 8.13 3.18
N MET A 114 9.48 7.33 3.58
CA MET A 114 9.41 5.89 3.31
C MET A 114 8.97 5.61 1.85
N LYS A 115 9.92 5.16 1.01
CA LYS A 115 9.70 5.00 -0.44
C LYS A 115 9.21 3.57 -0.86
N THR A 116 7.96 3.46 -1.35
CA THR A 116 7.50 2.21 -2.04
C THR A 116 7.62 2.37 -3.57
N THR A 117 8.54 1.59 -4.15
CA THR A 117 8.71 1.53 -5.63
C THR A 117 7.54 0.73 -6.26
N VAL A 118 6.40 1.41 -6.53
CA VAL A 118 5.11 0.68 -6.76
C VAL A 118 4.96 0.39 -8.27
N THR A 119 5.34 -0.84 -8.67
CA THR A 119 5.46 -1.23 -10.10
C THR A 119 4.45 -2.34 -10.50
N VAL A 120 4.14 -2.46 -11.80
CA VAL A 120 3.19 -3.50 -12.31
C VAL A 120 3.69 -4.01 -13.68
N GLY A 121 4.70 -4.91 -13.66
CA GLY A 121 5.48 -5.27 -14.87
C GLY A 121 6.42 -4.16 -15.42
N ASP A 122 5.78 -3.07 -15.81
CA ASP A 122 6.40 -1.91 -16.47
C ASP A 122 5.66 -0.60 -16.06
N VAL A 123 5.84 -0.14 -14.80
CA VAL A 123 5.37 1.22 -14.37
C VAL A 123 6.47 1.88 -13.50
N THR A 124 6.73 1.34 -12.29
CA THR A 124 7.68 1.90 -11.29
C THR A 124 7.32 3.33 -10.82
N ALA A 125 6.39 3.43 -9.86
CA ALA A 125 5.98 4.72 -9.27
C ALA A 125 6.70 4.92 -7.92
N ILE A 126 7.83 5.63 -7.96
CA ILE A 126 8.77 5.74 -6.79
C ILE A 126 8.20 6.58 -5.63
N ARG A 127 7.65 5.93 -4.58
CA ARG A 127 6.88 6.68 -3.54
C ARG A 127 7.75 7.58 -2.63
N ASN A 128 7.06 8.56 -2.04
CA ASN A 128 7.58 9.30 -0.87
C ASN A 128 6.34 9.54 0.07
N TYR A 129 6.50 9.30 1.37
CA TYR A 129 5.41 9.51 2.37
C TYR A 129 6.01 9.68 3.80
N LYS A 130 5.42 10.57 4.62
CA LYS A 130 5.88 10.74 6.02
C LYS A 130 4.82 10.11 6.99
N ARG A 131 5.26 9.29 7.95
CA ARG A 131 4.40 8.83 9.07
C ARG A 131 4.20 9.94 10.16
N LEU A 132 3.00 9.94 10.74
CA LEU A 132 2.49 11.08 11.53
C LEU A 132 2.05 10.64 12.96
N SER A 133 2.22 11.54 13.93
CA SER A 133 1.83 11.32 15.34
C SER A 133 0.41 11.86 15.61
N MET A 1 6.86 -2.97 12.02
CA MET A 1 7.64 -3.50 13.19
C MET A 1 8.15 -2.38 14.14
N SER A 2 8.92 -1.41 13.65
CA SER A 2 9.29 -0.19 14.42
C SER A 2 9.56 1.03 13.51
N SER A 3 10.46 0.91 12.52
CA SER A 3 10.41 1.73 11.28
C SER A 3 9.01 1.83 10.60
N PHE A 4 8.34 0.68 10.38
CA PHE A 4 6.98 0.61 9.81
C PHE A 4 5.83 0.67 10.89
N LEU A 5 5.90 1.60 11.85
CA LEU A 5 4.78 1.93 12.76
C LEU A 5 4.27 3.39 12.52
N GLY A 6 2.94 3.57 12.45
CA GLY A 6 2.30 4.89 12.38
C GLY A 6 1.38 5.11 11.16
N LYS A 7 0.56 6.17 11.24
CA LYS A 7 -0.16 6.69 10.05
C LYS A 7 0.73 7.63 9.20
N TRP A 8 0.48 7.67 7.89
CA TRP A 8 1.24 8.54 6.98
C TRP A 8 0.35 8.91 5.77
N LYS A 9 0.43 10.19 5.38
CA LYS A 9 -0.21 10.69 4.16
C LYS A 9 0.88 11.04 3.11
N LEU A 10 0.50 10.94 1.84
CA LEU A 10 1.44 10.94 0.70
C LEU A 10 2.25 12.27 0.55
N SER A 11 3.57 12.16 0.66
CA SER A 11 4.51 13.30 0.53
C SER A 11 4.82 13.74 -0.92
N GLU A 12 4.89 12.79 -1.88
CA GLU A 12 4.80 13.11 -3.32
C GLU A 12 4.05 11.96 -4.07
N SER A 13 3.23 12.35 -5.06
CA SER A 13 2.75 11.40 -6.09
C SER A 13 3.66 11.47 -7.34
N HIS A 14 4.63 10.54 -7.45
CA HIS A 14 5.63 10.58 -8.55
C HIS A 14 5.04 10.11 -9.91
N ASN A 15 4.58 8.85 -9.98
CA ASN A 15 3.73 8.38 -11.12
C ASN A 15 2.51 7.52 -10.61
N PHE A 16 1.84 7.94 -9.51
CA PHE A 16 0.66 7.21 -8.98
C PHE A 16 -0.65 7.66 -9.69
N ASP A 17 -0.83 7.14 -10.91
CA ASP A 17 -1.76 7.71 -11.92
C ASP A 17 -2.18 6.58 -12.92
N ALA A 18 -1.26 6.16 -13.80
CA ALA A 18 -1.45 5.01 -14.70
C ALA A 18 -1.07 3.61 -14.15
N VAL A 19 -0.22 3.55 -13.12
CA VAL A 19 0.13 2.31 -12.37
C VAL A 19 -1.03 1.36 -11.99
N MET A 20 -2.09 1.94 -11.40
CA MET A 20 -3.33 1.23 -11.07
C MET A 20 -4.34 1.11 -12.25
N SER A 21 -4.52 2.15 -13.09
CA SER A 21 -5.30 2.03 -14.35
C SER A 21 -4.80 0.99 -15.40
N LYS A 22 -3.49 0.75 -15.53
CA LYS A 22 -2.95 -0.36 -16.35
C LYS A 22 -3.25 -1.81 -15.87
N LEU A 23 -3.47 -1.99 -14.55
CA LEU A 23 -4.15 -3.19 -14.01
C LEU A 23 -5.67 -3.26 -14.38
N GLY A 24 -6.44 -2.20 -14.11
CA GLY A 24 -7.89 -2.15 -14.43
C GLY A 24 -8.75 -1.61 -13.29
N VAL A 25 -8.62 -0.31 -13.01
CA VAL A 25 -9.36 0.37 -11.90
C VAL A 25 -10.76 0.84 -12.36
N SER A 26 -11.73 0.78 -11.45
CA SER A 26 -13.07 1.38 -11.68
C SER A 26 -13.06 2.92 -11.97
N TRP A 27 -14.00 3.44 -12.78
CA TRP A 27 -14.27 4.91 -12.80
C TRP A 27 -15.09 5.42 -11.55
N ALA A 28 -14.45 5.22 -10.40
CA ALA A 28 -14.92 5.59 -9.06
C ALA A 28 -13.70 5.79 -8.11
N THR A 29 -12.75 4.83 -8.04
CA THR A 29 -11.44 5.02 -7.36
C THR A 29 -10.27 5.57 -8.24
N ARG A 30 -10.37 5.56 -9.58
CA ARG A 30 -9.31 6.16 -10.46
C ARG A 30 -9.06 7.70 -10.26
N GLN A 31 -10.08 8.39 -9.72
CA GLN A 31 -9.97 9.76 -9.21
C GLN A 31 -9.51 9.88 -7.73
N ILE A 32 -10.04 9.08 -6.77
CA ILE A 32 -9.60 9.11 -5.33
C ILE A 32 -8.14 8.64 -5.12
N GLY A 33 -7.64 7.65 -5.88
CA GLY A 33 -6.20 7.33 -5.95
C GLY A 33 -5.23 8.50 -6.19
N ASN A 34 -5.41 9.26 -7.28
CA ASN A 34 -4.68 10.54 -7.51
C ASN A 34 -5.36 11.84 -6.97
N THR A 35 -6.00 11.77 -5.79
CA THR A 35 -6.72 12.90 -5.15
C THR A 35 -6.57 12.80 -3.61
N VAL A 36 -7.10 11.74 -2.99
CA VAL A 36 -7.24 11.65 -1.52
C VAL A 36 -6.12 10.73 -0.99
N THR A 37 -5.13 11.38 -0.37
CA THR A 37 -3.84 10.78 0.03
C THR A 37 -3.91 9.42 0.82
N PRO A 38 -3.49 8.23 0.29
CA PRO A 38 -3.82 6.91 0.92
C PRO A 38 -3.27 6.68 2.35
N THR A 39 -4.18 6.74 3.35
CA THR A 39 -3.82 6.82 4.80
C THR A 39 -3.50 5.41 5.40
N VAL A 40 -2.40 4.80 4.93
CA VAL A 40 -2.16 3.33 5.07
C VAL A 40 -1.46 3.01 6.43
N THR A 41 -2.29 2.91 7.47
CA THR A 41 -1.85 3.21 8.87
C THR A 41 -1.34 1.97 9.59
N PHE A 42 -0.02 1.86 9.73
CA PHE A 42 0.68 0.57 9.92
C PHE A 42 0.95 0.33 11.42
N THR A 43 0.27 -0.66 12.01
CA THR A 43 0.11 -0.73 13.49
C THR A 43 0.12 -2.20 14.01
N MET A 44 0.89 -2.54 15.06
CA MET A 44 0.85 -3.92 15.64
C MET A 44 -0.36 -4.10 16.61
N ASP A 45 -1.35 -4.90 16.20
CA ASP A 45 -2.49 -5.28 17.08
C ASP A 45 -2.14 -6.56 17.89
N GLY A 46 -1.40 -6.36 19.00
CA GLY A 46 -0.95 -7.47 19.88
C GLY A 46 0.19 -8.35 19.34
N ASP A 47 -0.19 -9.22 18.40
CA ASP A 47 0.74 -10.08 17.63
C ASP A 47 1.30 -9.38 16.36
N LYS A 48 0.42 -8.83 15.51
CA LYS A 48 0.70 -8.66 14.08
C LYS A 48 0.24 -7.32 13.49
N MET A 49 0.89 -6.95 12.39
CA MET A 49 0.79 -5.59 11.82
C MET A 49 -0.51 -5.40 10.99
N THR A 50 -1.11 -4.22 11.11
CA THR A 50 -2.47 -3.95 10.61
C THR A 50 -2.42 -2.57 9.91
N MET A 51 -2.72 -2.55 8.59
CA MET A 51 -2.98 -1.29 7.88
C MET A 51 -4.45 -0.83 8.15
N LEU A 52 -4.58 0.27 8.89
CA LEU A 52 -5.89 0.90 9.18
C LEU A 52 -6.16 2.00 8.09
N THR A 53 -6.42 1.51 6.87
CA THR A 53 -6.44 2.33 5.63
C THR A 53 -7.67 3.25 5.57
N GLU A 54 -7.44 4.55 5.69
CA GLU A 54 -8.53 5.55 5.81
C GLU A 54 -8.50 6.56 4.61
N SER A 55 -9.02 6.10 3.47
CA SER A 55 -9.27 6.92 2.26
C SER A 55 -10.80 7.15 2.04
N THR A 56 -11.17 8.06 1.11
CA THR A 56 -12.62 8.32 0.77
C THR A 56 -13.45 7.11 0.25
N PHE A 57 -12.87 6.24 -0.60
CA PHE A 57 -13.51 4.97 -1.00
C PHE A 57 -13.13 3.78 -0.08
N LYS A 58 -11.84 3.55 0.19
CA LYS A 58 -11.41 2.51 1.15
C LYS A 58 -11.11 3.13 2.55
N ASN A 59 -12.16 3.26 3.37
CA ASN A 59 -12.01 3.44 4.84
C ASN A 59 -12.21 2.08 5.56
N LEU A 60 -11.12 1.29 5.65
CA LEU A 60 -11.18 -0.13 6.05
C LEU A 60 -9.85 -0.68 6.63
N SER A 61 -9.92 -1.62 7.58
CA SER A 61 -8.72 -2.24 8.19
C SER A 61 -8.37 -3.65 7.64
N VAL A 62 -7.08 -3.91 7.42
CA VAL A 62 -6.57 -5.22 6.94
C VAL A 62 -5.38 -5.69 7.86
N THR A 63 -5.50 -6.91 8.40
CA THR A 63 -4.54 -7.47 9.40
C THR A 63 -3.64 -8.59 8.81
N PHE A 64 -2.36 -8.62 9.25
CA PHE A 64 -1.31 -9.43 8.57
C PHE A 64 -0.02 -9.68 9.41
N LYS A 65 0.59 -10.86 9.28
CA LYS A 65 2.00 -11.10 9.67
C LYS A 65 2.92 -11.43 8.46
N PHE A 66 4.26 -11.35 8.64
CA PHE A 66 5.23 -11.75 7.58
C PHE A 66 5.31 -13.29 7.35
N GLY A 67 4.30 -13.78 6.62
CA GLY A 67 4.05 -15.21 6.43
C GLY A 67 2.64 -15.50 5.86
N GLU A 68 1.60 -15.07 6.59
CA GLU A 68 0.18 -15.21 6.14
C GLU A 68 -0.18 -14.08 5.10
N GLU A 69 -0.63 -14.46 3.90
CA GLU A 69 -1.01 -13.48 2.85
C GLU A 69 -2.45 -12.93 3.07
N PHE A 70 -2.56 -11.63 3.39
CA PHE A 70 -3.86 -11.01 3.74
C PHE A 70 -4.76 -10.73 2.51
N ASP A 71 -6.09 -10.93 2.61
CA ASP A 71 -7.02 -10.41 1.59
C ASP A 71 -7.39 -8.91 1.79
N GLU A 72 -7.60 -8.22 0.66
CA GLU A 72 -8.02 -6.80 0.63
C GLU A 72 -9.24 -6.72 -0.31
N LYS A 73 -10.43 -6.58 0.29
CA LYS A 73 -11.71 -6.48 -0.45
C LYS A 73 -12.02 -4.99 -0.76
N THR A 74 -11.95 -4.60 -2.04
CA THR A 74 -11.74 -3.19 -2.39
C THR A 74 -13.06 -2.47 -2.73
N SER A 75 -13.16 -1.19 -2.32
CA SER A 75 -14.23 -0.27 -2.79
C SER A 75 -14.27 0.08 -4.32
N ASP A 76 -13.16 -0.14 -5.04
CA ASP A 76 -13.12 -0.34 -6.50
C ASP A 76 -13.93 -1.56 -7.08
N GLY A 77 -14.01 -2.68 -6.35
CA GLY A 77 -14.76 -3.89 -6.76
C GLY A 77 -13.88 -5.09 -7.14
N ARG A 78 -13.08 -5.60 -6.20
CA ARG A 78 -12.11 -6.70 -6.47
C ARG A 78 -11.54 -7.16 -5.10
N ASN A 79 -11.71 -8.45 -4.77
CA ASN A 79 -10.92 -9.10 -3.69
C ASN A 79 -9.50 -9.46 -4.21
N VAL A 80 -8.50 -8.85 -3.58
CA VAL A 80 -7.07 -9.10 -3.91
C VAL A 80 -6.40 -9.79 -2.69
N LYS A 81 -5.19 -10.30 -2.89
CA LYS A 81 -4.33 -10.74 -1.77
C LYS A 81 -2.97 -10.00 -1.77
N SER A 82 -2.14 -10.23 -0.74
CA SER A 82 -0.86 -9.50 -0.57
C SER A 82 0.11 -10.31 0.32
N VAL A 83 1.19 -10.85 -0.26
CA VAL A 83 2.13 -11.77 0.44
C VAL A 83 3.27 -10.98 1.14
N VAL A 84 3.31 -11.04 2.48
CA VAL A 84 4.14 -10.12 3.29
C VAL A 84 5.51 -10.80 3.61
N GLU A 85 6.59 -10.12 3.24
CA GLU A 85 7.97 -10.52 3.62
C GLU A 85 8.72 -9.22 4.02
N LYS A 86 9.02 -9.08 5.33
CA LYS A 86 9.87 -7.99 5.84
C LYS A 86 11.35 -8.38 5.71
N ASN A 87 12.10 -7.69 4.83
CA ASN A 87 13.55 -8.00 4.63
C ASN A 87 14.39 -7.12 5.59
N SER A 88 14.45 -5.81 5.32
CA SER A 88 15.02 -4.82 6.24
C SER A 88 13.89 -3.90 6.82
N GLU A 89 14.22 -3.14 7.85
CA GLU A 89 13.43 -1.94 8.28
C GLU A 89 13.34 -0.72 7.26
N SER A 90 14.00 -0.88 6.10
CA SER A 90 13.66 -0.13 4.86
C SER A 90 13.47 -1.05 3.60
N LYS A 91 12.88 -2.27 3.71
CA LYS A 91 12.51 -3.08 2.52
C LYS A 91 11.50 -4.19 2.96
N LEU A 92 10.22 -4.03 2.59
CA LEU A 92 9.13 -5.00 2.97
C LEU A 92 8.26 -5.27 1.72
N THR A 93 8.31 -6.49 1.17
CA THR A 93 7.81 -6.75 -0.24
C THR A 93 6.40 -7.37 -0.28
N GLN A 94 5.42 -6.50 -0.02
CA GLN A 94 4.00 -6.90 0.30
C GLN A 94 3.10 -7.33 -0.91
N THR A 95 3.63 -8.26 -1.71
CA THR A 95 3.34 -8.43 -3.16
C THR A 95 1.87 -8.74 -3.51
N GLN A 96 1.24 -7.83 -4.25
CA GLN A 96 -0.24 -7.81 -4.42
C GLN A 96 -0.70 -8.84 -5.48
N VAL A 97 -1.55 -9.76 -5.06
CA VAL A 97 -2.10 -10.82 -5.94
C VAL A 97 -3.53 -10.36 -6.33
N ASP A 98 -3.59 -9.53 -7.37
CA ASP A 98 -4.84 -8.99 -7.94
C ASP A 98 -5.47 -9.96 -8.99
N PRO A 99 -6.75 -9.82 -9.45
CA PRO A 99 -7.24 -10.52 -10.69
C PRO A 99 -6.52 -10.25 -12.05
N LYS A 100 -5.61 -9.27 -12.10
CA LYS A 100 -4.57 -9.16 -13.16
C LYS A 100 -3.08 -9.43 -12.70
N ASN A 101 -2.80 -9.62 -11.39
CA ASN A 101 -1.42 -9.73 -10.82
C ASN A 101 -0.66 -8.37 -10.80
N THR A 102 -0.32 -7.89 -9.60
CA THR A 102 0.51 -6.66 -9.42
C THR A 102 1.98 -7.09 -9.10
N THR A 103 2.95 -6.43 -9.74
CA THR A 103 4.39 -6.72 -9.52
C THR A 103 4.90 -6.21 -8.13
N VAL A 104 6.01 -6.77 -7.64
CA VAL A 104 6.56 -6.52 -6.28
C VAL A 104 6.57 -5.05 -5.76
N ILE A 105 5.64 -4.70 -4.87
CA ILE A 105 5.53 -3.33 -4.29
C ILE A 105 6.35 -3.27 -2.97
N VAL A 106 7.67 -3.15 -3.18
CA VAL A 106 8.65 -2.98 -2.07
C VAL A 106 8.36 -1.69 -1.21
N ARG A 107 8.01 -1.93 0.05
CA ARG A 107 7.63 -0.88 1.01
C ARG A 107 8.89 -0.49 1.82
N GLU A 108 9.41 0.72 1.58
CA GLU A 108 10.79 1.10 1.97
C GLU A 108 10.75 2.36 2.93
N VAL A 109 11.92 2.91 3.29
CA VAL A 109 12.03 4.29 3.89
C VAL A 109 13.44 4.89 3.60
N ASP A 110 13.47 6.13 3.10
CA ASP A 110 14.74 6.89 2.91
C ASP A 110 14.96 8.01 4.00
N GLY A 111 14.88 7.64 5.28
CA GLY A 111 15.03 8.61 6.40
C GLY A 111 13.78 9.47 6.68
N ASP A 112 12.77 8.87 7.31
CA ASP A 112 11.39 9.43 7.42
C ASP A 112 10.73 10.00 6.10
N THR A 113 10.78 9.18 5.05
CA THR A 113 10.07 9.36 3.78
C THR A 113 9.78 7.93 3.25
N MET A 114 8.64 7.35 3.67
CA MET A 114 8.37 5.90 3.53
C MET A 114 8.00 5.52 2.07
N LYS A 115 9.04 5.22 1.27
CA LYS A 115 8.90 5.08 -0.20
C LYS A 115 8.37 3.69 -0.61
N THR A 116 7.05 3.58 -0.80
CA THR A 116 6.41 2.31 -1.26
C THR A 116 6.31 2.29 -2.80
N THR A 117 7.37 1.75 -3.40
CA THR A 117 7.66 1.88 -4.84
C THR A 117 6.77 0.92 -5.66
N VAL A 118 5.64 1.43 -6.17
CA VAL A 118 4.60 0.57 -6.80
C VAL A 118 4.88 0.34 -8.29
N THR A 119 5.38 -0.85 -8.65
CA THR A 119 5.59 -1.25 -10.07
C THR A 119 4.59 -2.36 -10.52
N VAL A 120 4.27 -2.39 -11.82
CA VAL A 120 3.30 -3.37 -12.41
C VAL A 120 3.85 -3.76 -13.82
N GLY A 121 4.84 -4.65 -13.84
CA GLY A 121 5.73 -4.86 -15.01
C GLY A 121 6.76 -3.75 -15.31
N ASP A 122 6.26 -2.52 -15.44
CA ASP A 122 6.86 -1.46 -16.29
C ASP A 122 6.44 0.00 -15.95
N VAL A 123 6.30 0.35 -14.65
CA VAL A 123 5.80 1.70 -14.22
C VAL A 123 6.71 2.27 -13.08
N THR A 124 6.75 1.62 -11.92
CA THR A 124 7.62 2.00 -10.77
C THR A 124 7.28 3.41 -10.18
N ALA A 125 6.16 3.52 -9.44
CA ALA A 125 5.72 4.82 -8.90
C ALA A 125 6.15 4.98 -7.43
N ILE A 126 7.15 5.83 -7.21
CA ILE A 126 7.82 5.95 -5.88
C ILE A 126 6.96 6.74 -4.87
N ARG A 127 6.15 6.01 -4.08
CA ARG A 127 5.15 6.65 -3.19
C ARG A 127 5.80 7.05 -1.84
N ASN A 128 6.21 8.31 -1.74
CA ASN A 128 6.80 8.87 -0.51
C ASN A 128 5.71 9.31 0.50
N TYR A 129 6.04 9.26 1.80
CA TYR A 129 5.05 9.28 2.90
C TYR A 129 5.70 9.80 4.22
N LYS A 130 4.95 10.53 5.06
CA LYS A 130 5.52 11.17 6.29
C LYS A 130 4.77 10.71 7.58
N ARG A 131 5.49 10.21 8.61
CA ARG A 131 4.85 9.68 9.83
C ARG A 131 4.18 10.77 10.73
N LEU A 132 2.91 10.55 11.04
CA LEU A 132 2.11 11.47 11.88
C LEU A 132 1.69 10.76 13.21
N SER A 133 1.73 11.50 14.32
CA SER A 133 1.36 10.98 15.65
C SER A 133 0.03 11.61 16.13
N MET A 1 9.27 -2.94 10.12
CA MET A 1 8.07 -3.20 10.95
C MET A 1 8.05 -2.22 12.17
N SER A 2 8.78 -2.53 13.24
CA SER A 2 8.83 -1.69 14.48
C SER A 2 9.84 -0.51 14.38
N SER A 3 9.44 0.45 13.55
CA SER A 3 10.36 1.20 12.66
C SER A 3 9.46 2.10 11.74
N PHE A 4 8.64 1.49 10.87
CA PHE A 4 7.56 2.19 10.14
C PHE A 4 6.13 1.99 10.75
N LEU A 5 6.02 2.24 12.06
CA LEU A 5 4.73 2.32 12.77
C LEU A 5 4.10 3.76 12.64
N GLY A 6 2.81 3.83 12.33
CA GLY A 6 2.07 5.10 12.24
C GLY A 6 1.14 5.23 11.04
N LYS A 7 0.42 6.37 10.97
CA LYS A 7 -0.35 6.73 9.75
C LYS A 7 0.53 7.30 8.63
N TRP A 8 0.19 6.96 7.39
CA TRP A 8 1.05 7.20 6.21
C TRP A 8 0.18 7.95 5.17
N LYS A 9 0.62 9.14 4.71
CA LYS A 9 -0.15 9.91 3.71
C LYS A 9 0.79 10.50 2.62
N LEU A 10 0.30 10.50 1.37
CA LEU A 10 1.14 10.79 0.17
C LEU A 10 1.82 12.19 0.14
N SER A 11 3.16 12.20 0.01
CA SER A 11 3.96 13.42 -0.22
C SER A 11 4.17 13.80 -1.71
N GLU A 12 4.41 12.83 -2.60
CA GLU A 12 4.44 13.06 -4.07
C GLU A 12 3.76 11.90 -4.85
N SER A 13 3.33 12.19 -6.09
CA SER A 13 3.03 11.15 -7.09
C SER A 13 3.98 11.29 -8.31
N HIS A 14 4.99 10.40 -8.40
CA HIS A 14 5.89 10.35 -9.58
C HIS A 14 5.23 9.68 -10.81
N ASN A 15 4.84 8.39 -10.67
CA ASN A 15 3.93 7.72 -11.62
C ASN A 15 2.68 7.06 -10.91
N PHE A 16 2.27 7.55 -9.71
CA PHE A 16 1.10 7.00 -8.97
C PHE A 16 -0.24 7.63 -9.47
N ASP A 17 -0.70 7.11 -10.62
CA ASP A 17 -1.99 7.47 -11.25
C ASP A 17 -2.47 6.30 -12.17
N ALA A 18 -1.66 5.92 -13.18
CA ALA A 18 -1.95 4.81 -14.10
C ALA A 18 -1.55 3.37 -13.63
N VAL A 19 -0.66 3.28 -12.64
CA VAL A 19 -0.25 2.02 -11.97
C VAL A 19 -1.37 1.04 -11.55
N MET A 20 -2.41 1.58 -10.89
CA MET A 20 -3.62 0.80 -10.55
C MET A 20 -4.75 0.86 -11.62
N SER A 21 -4.90 1.95 -12.41
CA SER A 21 -5.77 1.93 -13.62
C SER A 21 -5.40 0.93 -14.75
N LYS A 22 -4.10 0.70 -15.03
CA LYS A 22 -3.62 -0.44 -15.87
C LYS A 22 -3.87 -1.88 -15.29
N LEU A 23 -3.93 -1.99 -13.96
CA LEU A 23 -4.48 -3.18 -13.26
C LEU A 23 -6.03 -3.35 -13.44
N GLY A 24 -6.83 -2.30 -13.18
CA GLY A 24 -8.28 -2.31 -13.48
C GLY A 24 -9.19 -1.62 -12.44
N VAL A 25 -9.00 -0.32 -12.25
CA VAL A 25 -9.73 0.50 -11.25
C VAL A 25 -10.93 1.23 -11.91
N SER A 26 -12.07 1.26 -11.20
CA SER A 26 -13.29 1.98 -11.67
C SER A 26 -13.16 3.51 -11.78
N TRP A 27 -13.84 4.14 -12.74
CA TRP A 27 -13.80 5.63 -12.92
C TRP A 27 -14.61 6.52 -11.91
N ALA A 28 -14.83 6.01 -10.68
CA ALA A 28 -14.97 6.84 -9.46
C ALA A 28 -13.75 6.68 -8.49
N THR A 29 -13.35 5.43 -8.15
CA THR A 29 -12.07 5.13 -7.43
C THR A 29 -10.74 5.67 -8.05
N ARG A 30 -10.65 5.72 -9.38
CA ARG A 30 -9.51 6.32 -10.13
C ARG A 30 -9.32 7.88 -9.94
N GLN A 31 -10.31 8.55 -9.32
CA GLN A 31 -10.21 9.95 -8.87
C GLN A 31 -10.21 10.14 -7.29
N ILE A 32 -10.06 9.07 -6.49
CA ILE A 32 -9.74 9.14 -5.03
C ILE A 32 -8.28 8.63 -4.79
N GLY A 33 -7.81 7.55 -5.45
CA GLY A 33 -6.41 7.07 -5.30
C GLY A 33 -5.27 8.10 -5.42
N ASN A 34 -5.23 8.85 -6.54
CA ASN A 34 -4.34 10.02 -6.68
C ASN A 34 -5.01 11.39 -6.32
N THR A 35 -5.69 11.48 -5.17
CA THR A 35 -6.52 12.67 -4.81
C THR A 35 -6.69 12.73 -3.28
N VAL A 36 -7.41 11.78 -2.67
CA VAL A 36 -7.64 11.78 -1.21
C VAL A 36 -6.55 10.86 -0.59
N THR A 37 -5.49 11.51 -0.10
CA THR A 37 -4.13 10.91 -0.04
C THR A 37 -4.03 9.61 0.81
N PRO A 38 -3.79 8.38 0.25
CA PRO A 38 -4.19 7.09 0.93
C PRO A 38 -3.66 6.86 2.34
N THR A 39 -4.59 6.82 3.32
CA THR A 39 -4.25 6.82 4.77
C THR A 39 -3.89 5.39 5.29
N VAL A 40 -2.82 4.81 4.72
CA VAL A 40 -2.51 3.36 4.82
C VAL A 40 -1.70 3.08 6.12
N THR A 41 -2.44 2.86 7.22
CA THR A 41 -1.97 3.26 8.58
C THR A 41 -1.47 2.04 9.37
N PHE A 42 -0.14 1.89 9.46
CA PHE A 42 0.51 0.61 9.79
C PHE A 42 0.87 0.51 11.29
N THR A 43 0.18 -0.40 11.98
CA THR A 43 0.09 -0.35 13.47
C THR A 43 0.11 -1.79 14.07
N MET A 44 0.86 -2.04 15.16
CA MET A 44 0.89 -3.39 15.80
C MET A 44 -0.32 -3.62 16.76
N ASP A 45 -1.26 -4.50 16.35
CA ASP A 45 -2.42 -4.87 17.21
C ASP A 45 -2.08 -6.13 18.06
N GLY A 46 -1.45 -5.89 19.23
CA GLY A 46 -1.05 -6.97 20.15
C GLY A 46 0.22 -7.74 19.77
N ASP A 47 0.06 -8.62 18.77
CA ASP A 47 1.17 -9.40 18.18
C ASP A 47 1.48 -8.90 16.73
N LYS A 48 0.50 -8.97 15.82
CA LYS A 48 0.71 -8.77 14.37
C LYS A 48 0.23 -7.39 13.88
N MET A 49 0.74 -6.99 12.70
CA MET A 49 0.59 -5.60 12.22
C MET A 49 -0.69 -5.37 11.37
N THR A 50 -1.17 -4.11 11.33
CA THR A 50 -2.50 -3.80 10.77
C THR A 50 -2.43 -2.49 9.95
N MET A 51 -2.83 -2.54 8.68
CA MET A 51 -3.14 -1.34 7.88
C MET A 51 -4.59 -0.85 8.17
N LEU A 52 -4.69 0.30 8.82
CA LEU A 52 -6.00 0.96 9.11
C LEU A 52 -6.30 2.00 7.98
N THR A 53 -6.57 1.46 6.78
CA THR A 53 -6.65 2.21 5.51
C THR A 53 -7.93 3.09 5.44
N GLU A 54 -7.74 4.39 5.60
CA GLU A 54 -8.85 5.35 5.78
C GLU A 54 -8.87 6.41 4.64
N SER A 55 -9.31 5.96 3.45
CA SER A 55 -9.62 6.83 2.29
C SER A 55 -11.17 7.00 2.12
N THR A 56 -11.62 7.94 1.26
CA THR A 56 -13.08 8.12 0.98
C THR A 56 -13.84 6.89 0.38
N PHE A 57 -13.19 6.09 -0.47
CA PHE A 57 -13.77 4.87 -1.07
C PHE A 57 -13.29 3.55 -0.39
N LYS A 58 -12.00 3.41 -0.01
CA LYS A 58 -11.57 2.35 0.94
C LYS A 58 -11.33 2.95 2.36
N ASN A 59 -12.39 3.00 3.18
CA ASN A 59 -12.27 3.17 4.66
C ASN A 59 -12.43 1.79 5.36
N LEU A 60 -11.32 1.07 5.53
CA LEU A 60 -11.32 -0.35 5.96
C LEU A 60 -10.00 -0.78 6.64
N SER A 61 -10.08 -1.63 7.68
CA SER A 61 -8.89 -2.19 8.36
C SER A 61 -8.56 -3.65 7.94
N VAL A 62 -7.27 -3.93 7.73
CA VAL A 62 -6.77 -5.27 7.34
C VAL A 62 -5.55 -5.66 8.23
N THR A 63 -5.63 -6.84 8.85
CA THR A 63 -4.65 -7.33 9.87
C THR A 63 -3.88 -8.58 9.33
N PHE A 64 -2.59 -8.65 9.65
CA PHE A 64 -1.64 -9.53 8.90
C PHE A 64 -0.28 -9.74 9.65
N LYS A 65 0.41 -10.85 9.33
CA LYS A 65 1.80 -11.12 9.80
C LYS A 65 2.86 -11.09 8.67
N PHE A 66 4.15 -11.11 9.04
CA PHE A 66 5.29 -11.17 8.07
C PHE A 66 5.60 -12.58 7.44
N GLY A 67 4.56 -13.24 6.94
CA GLY A 67 4.67 -14.42 6.08
C GLY A 67 3.30 -14.96 5.63
N GLU A 68 2.51 -14.09 4.98
CA GLU A 68 1.03 -14.30 4.82
C GLU A 68 0.52 -13.56 3.56
N GLU A 69 -0.33 -14.24 2.79
CA GLU A 69 -1.13 -13.60 1.71
C GLU A 69 -2.47 -13.03 2.28
N PHE A 70 -2.46 -11.77 2.76
CA PHE A 70 -3.67 -11.11 3.31
C PHE A 70 -4.65 -10.64 2.19
N ASP A 71 -5.97 -10.79 2.33
CA ASP A 71 -6.94 -10.21 1.34
C ASP A 71 -7.47 -8.79 1.70
N GLU A 72 -7.68 -7.95 0.68
CA GLU A 72 -8.34 -6.62 0.84
C GLU A 72 -9.35 -6.37 -0.33
N LYS A 73 -10.53 -5.85 0.00
CA LYS A 73 -11.65 -5.72 -0.97
C LYS A 73 -11.97 -4.25 -1.30
N THR A 74 -11.96 -3.90 -2.59
CA THR A 74 -12.03 -2.49 -3.03
C THR A 74 -13.48 -2.02 -3.33
N SER A 75 -13.72 -0.70 -3.24
CA SER A 75 -14.96 -0.09 -3.78
C SER A 75 -15.23 -0.20 -5.33
N ASP A 76 -14.23 -0.55 -6.15
CA ASP A 76 -14.43 -1.09 -7.51
C ASP A 76 -15.16 -2.51 -7.61
N GLY A 77 -14.94 -3.37 -6.60
CA GLY A 77 -15.25 -4.80 -6.66
C GLY A 77 -14.04 -5.68 -7.03
N ARG A 78 -13.02 -5.72 -6.16
CA ARG A 78 -11.77 -6.48 -6.41
C ARG A 78 -11.30 -7.03 -5.02
N ASN A 79 -11.45 -8.34 -4.76
CA ASN A 79 -10.90 -8.97 -3.53
C ASN A 79 -9.46 -9.48 -3.82
N VAL A 80 -8.45 -8.68 -3.47
CA VAL A 80 -7.05 -8.90 -3.93
C VAL A 80 -6.17 -9.35 -2.75
N LYS A 81 -5.30 -10.34 -2.99
CA LYS A 81 -4.39 -10.86 -1.92
C LYS A 81 -3.00 -10.20 -1.96
N SER A 82 -2.17 -10.40 -0.94
CA SER A 82 -0.95 -9.57 -0.75
C SER A 82 0.10 -10.27 0.15
N VAL A 83 1.17 -10.79 -0.46
CA VAL A 83 2.21 -11.60 0.26
C VAL A 83 3.22 -10.71 1.03
N VAL A 84 3.16 -10.76 2.36
CA VAL A 84 3.99 -9.93 3.25
C VAL A 84 5.32 -10.69 3.60
N GLU A 85 6.47 -10.08 3.36
CA GLU A 85 7.75 -10.53 3.99
C GLU A 85 8.76 -9.35 4.08
N LYS A 86 9.48 -9.25 5.20
CA LYS A 86 10.55 -8.25 5.38
C LYS A 86 11.92 -8.71 4.84
N ASN A 87 12.57 -7.83 4.09
CA ASN A 87 14.05 -7.92 3.84
C ASN A 87 14.87 -7.33 5.04
N SER A 88 14.49 -6.15 5.55
CA SER A 88 14.77 -5.76 6.95
C SER A 88 13.58 -4.91 7.50
N GLU A 89 13.65 -4.42 8.75
CA GLU A 89 12.66 -3.42 9.27
C GLU A 89 12.77 -1.95 8.70
N SER A 90 13.53 -1.77 7.61
CA SER A 90 13.32 -0.68 6.63
C SER A 90 13.28 -1.13 5.13
N LYS A 91 12.81 -2.35 4.79
CA LYS A 91 12.70 -2.83 3.39
C LYS A 91 11.75 -4.05 3.41
N LEU A 92 10.51 -3.91 2.91
CA LEU A 92 9.47 -4.99 3.02
C LEU A 92 8.71 -5.16 1.68
N THR A 93 8.49 -6.40 1.20
CA THR A 93 8.01 -6.66 -0.20
C THR A 93 6.54 -7.14 -0.30
N GLN A 94 5.61 -6.27 0.09
CA GLN A 94 4.19 -6.65 0.37
C GLN A 94 3.33 -6.82 -0.91
N THR A 95 3.51 -7.94 -1.61
CA THR A 95 3.28 -8.00 -3.08
C THR A 95 1.82 -8.41 -3.40
N GLN A 96 1.10 -7.47 -4.03
CA GLN A 96 -0.33 -7.66 -4.36
C GLN A 96 -0.56 -8.71 -5.49
N VAL A 97 -1.41 -9.70 -5.22
CA VAL A 97 -1.74 -10.78 -6.20
C VAL A 97 -3.26 -10.56 -6.53
N ASP A 98 -3.47 -9.85 -7.63
CA ASP A 98 -4.80 -9.31 -8.02
C ASP A 98 -5.38 -10.11 -9.24
N PRO A 99 -6.63 -9.90 -9.76
CA PRO A 99 -7.02 -10.40 -11.13
C PRO A 99 -6.21 -9.90 -12.37
N LYS A 100 -5.30 -8.93 -12.20
CA LYS A 100 -4.20 -8.64 -13.15
C LYS A 100 -2.73 -8.92 -12.63
N ASN A 101 -2.51 -9.23 -11.34
CA ASN A 101 -1.15 -9.41 -10.72
C ASN A 101 -0.31 -8.09 -10.62
N THR A 102 -0.05 -7.62 -9.40
CA THR A 102 0.85 -6.45 -9.16
C THR A 102 2.32 -6.93 -8.95
N THR A 103 3.29 -6.24 -9.56
CA THR A 103 4.73 -6.62 -9.48
C THR A 103 5.41 -6.07 -8.18
N VAL A 104 6.29 -6.87 -7.56
CA VAL A 104 6.91 -6.63 -6.21
C VAL A 104 7.02 -5.18 -5.67
N ILE A 105 6.14 -4.80 -4.73
CA ILE A 105 5.97 -3.36 -4.35
C ILE A 105 6.89 -2.90 -3.17
N VAL A 106 8.19 -3.21 -3.29
CA VAL A 106 9.21 -3.03 -2.22
C VAL A 106 9.18 -1.67 -1.45
N ARG A 107 8.82 -1.75 -0.16
CA ARG A 107 8.56 -0.56 0.68
C ARG A 107 9.76 -0.20 1.59
N GLU A 108 10.49 0.86 1.23
CA GLU A 108 11.69 1.33 1.97
C GLU A 108 11.38 2.60 2.83
N VAL A 109 12.31 3.04 3.69
CA VAL A 109 12.18 4.33 4.44
C VAL A 109 13.55 5.04 4.58
N ASP A 110 13.60 6.32 4.16
CA ASP A 110 14.80 7.18 4.33
C ASP A 110 14.72 8.14 5.58
N GLY A 111 14.30 7.61 6.75
CA GLY A 111 14.12 8.43 7.98
C GLY A 111 12.86 9.31 7.99
N ASP A 112 11.73 8.73 8.41
CA ASP A 112 10.38 9.39 8.29
C ASP A 112 9.88 9.79 6.85
N THR A 113 10.45 9.21 5.79
CA THR A 113 10.07 9.47 4.38
C THR A 113 10.12 8.11 3.66
N MET A 114 8.99 7.41 3.73
CA MET A 114 8.80 6.06 3.15
C MET A 114 8.80 6.09 1.60
N LYS A 115 9.90 5.60 1.04
CA LYS A 115 10.14 5.56 -0.43
C LYS A 115 9.74 4.15 -0.98
N THR A 116 8.51 4.01 -1.49
CA THR A 116 7.88 2.68 -1.68
C THR A 116 7.50 2.51 -3.17
N THR A 117 8.32 1.75 -3.88
CA THR A 117 8.25 1.63 -5.35
C THR A 117 7.09 0.70 -5.79
N VAL A 118 5.98 1.26 -6.28
CA VAL A 118 4.84 0.43 -6.75
C VAL A 118 4.90 0.22 -8.28
N THR A 119 5.35 -0.96 -8.72
CA THR A 119 5.48 -1.30 -10.18
C THR A 119 4.49 -2.41 -10.61
N VAL A 120 4.16 -2.47 -11.91
CA VAL A 120 3.25 -3.53 -12.47
C VAL A 120 3.76 -3.90 -13.89
N GLY A 121 4.82 -4.71 -13.96
CA GLY A 121 5.60 -4.91 -15.20
C GLY A 121 6.44 -3.72 -15.71
N ASP A 122 5.78 -2.57 -15.84
CA ASP A 122 6.18 -1.47 -16.75
C ASP A 122 5.79 -0.02 -16.28
N VAL A 123 5.80 0.25 -14.97
CA VAL A 123 5.31 1.55 -14.42
C VAL A 123 6.33 2.15 -13.41
N THR A 124 6.58 1.47 -12.28
CA THR A 124 7.55 1.94 -11.23
C THR A 124 7.20 3.33 -10.63
N ALA A 125 6.21 3.35 -9.73
CA ALA A 125 5.75 4.60 -9.09
C ALA A 125 6.47 4.75 -7.74
N ILE A 126 7.52 5.58 -7.75
CA ILE A 126 8.45 5.75 -6.60
C ILE A 126 7.84 6.59 -5.47
N ARG A 127 6.95 5.97 -4.67
CA ARG A 127 6.02 6.74 -3.80
C ARG A 127 6.75 7.29 -2.54
N ASN A 128 6.74 8.60 -2.36
CA ASN A 128 7.21 9.23 -1.10
C ASN A 128 5.98 9.51 -0.18
N TYR A 129 6.03 9.05 1.08
CA TYR A 129 4.97 9.32 2.07
C TYR A 129 5.52 9.32 3.52
N LYS A 130 4.95 10.15 4.40
CA LYS A 130 5.58 10.44 5.71
C LYS A 130 5.00 9.53 6.84
N ARG A 131 5.90 9.05 7.69
CA ARG A 131 5.55 8.32 8.95
C ARG A 131 5.01 9.30 10.03
N LEU A 132 3.71 9.24 10.31
CA LEU A 132 3.02 10.25 11.15
C LEU A 132 2.38 9.58 12.40
N SER A 133 2.53 10.24 13.56
CA SER A 133 1.94 9.78 14.84
C SER A 133 0.54 10.38 15.06
N MET A 1 7.76 -4.19 10.59
CA MET A 1 6.84 -4.03 11.74
C MET A 1 7.16 -2.71 12.53
N SER A 2 8.24 -2.69 13.35
CA SER A 2 8.41 -1.67 14.41
C SER A 2 9.08 -0.32 14.00
N SER A 3 10.10 -0.33 13.13
CA SER A 3 10.73 0.93 12.63
C SER A 3 9.79 1.94 11.91
N PHE A 4 8.80 1.49 11.12
CA PHE A 4 7.81 2.38 10.45
C PHE A 4 6.35 2.34 11.00
N LEU A 5 6.19 2.38 12.33
CA LEU A 5 4.86 2.49 12.98
C LEU A 5 4.27 3.94 12.87
N GLY A 6 3.00 4.05 12.44
CA GLY A 6 2.28 5.34 12.35
C GLY A 6 1.35 5.47 11.13
N LYS A 7 0.62 6.60 11.08
CA LYS A 7 -0.16 6.98 9.86
C LYS A 7 0.70 7.73 8.81
N TRP A 8 0.47 7.46 7.53
CA TRP A 8 1.37 7.93 6.45
C TRP A 8 0.50 8.75 5.44
N LYS A 9 0.86 10.03 5.18
CA LYS A 9 0.18 10.82 4.12
C LYS A 9 1.14 11.05 2.92
N LEU A 10 0.60 10.99 1.70
CA LEU A 10 1.40 11.06 0.45
C LEU A 10 2.14 12.42 0.25
N SER A 11 3.46 12.32 0.10
CA SER A 11 4.36 13.49 -0.07
C SER A 11 4.67 13.89 -1.53
N GLU A 12 4.84 12.92 -2.43
CA GLU A 12 4.90 13.15 -3.89
C GLU A 12 4.11 12.02 -4.63
N SER A 13 3.76 12.27 -5.90
CA SER A 13 3.08 11.25 -6.74
C SER A 13 3.73 11.18 -8.15
N HIS A 14 4.76 10.35 -8.32
CA HIS A 14 5.64 10.41 -9.54
C HIS A 14 4.99 9.85 -10.83
N ASN A 15 4.68 8.56 -10.84
CA ASN A 15 3.80 7.95 -11.86
C ASN A 15 2.49 7.33 -11.22
N PHE A 16 2.01 7.84 -10.06
CA PHE A 16 0.92 7.20 -9.29
C PHE A 16 -0.50 7.62 -9.76
N ASP A 17 -0.92 7.09 -10.92
CA ASP A 17 -2.31 7.24 -11.45
C ASP A 17 -2.76 5.99 -12.25
N ALA A 18 -2.00 5.61 -13.30
CA ALA A 18 -2.31 4.46 -14.18
C ALA A 18 -1.71 3.08 -13.79
N VAL A 19 -0.78 3.07 -12.84
CA VAL A 19 -0.20 1.87 -12.18
C VAL A 19 -1.20 0.77 -11.77
N MET A 20 -2.19 1.15 -10.97
CA MET A 20 -3.33 0.28 -10.65
C MET A 20 -4.51 0.37 -11.67
N SER A 21 -4.67 1.44 -12.47
CA SER A 21 -5.59 1.44 -13.64
C SER A 21 -5.30 0.37 -14.73
N LYS A 22 -4.03 0.21 -15.14
CA LYS A 22 -3.59 -0.86 -16.08
C LYS A 22 -3.70 -2.32 -15.55
N LEU A 23 -3.56 -2.50 -14.23
CA LEU A 23 -4.10 -3.68 -13.50
C LEU A 23 -5.67 -3.81 -13.59
N GLY A 24 -6.43 -2.77 -13.22
CA GLY A 24 -7.88 -2.72 -13.47
C GLY A 24 -8.73 -2.09 -12.35
N VAL A 25 -8.53 -0.79 -12.09
CA VAL A 25 -9.27 -0.03 -11.05
C VAL A 25 -10.49 0.72 -11.65
N SER A 26 -11.58 0.79 -10.88
CA SER A 26 -12.83 1.47 -11.29
C SER A 26 -12.79 3.01 -11.07
N TRP A 27 -13.52 3.78 -11.89
CA TRP A 27 -13.62 5.27 -11.73
C TRP A 27 -14.47 5.83 -10.52
N ALA A 28 -14.37 5.16 -9.36
CA ALA A 28 -14.53 5.78 -8.03
C ALA A 28 -13.12 5.97 -7.35
N THR A 29 -12.35 4.89 -7.20
CA THR A 29 -10.97 4.93 -6.67
C THR A 29 -9.83 5.37 -7.64
N ARG A 30 -10.03 5.35 -8.97
CA ARG A 30 -9.00 5.82 -9.94
C ARG A 30 -8.73 7.36 -9.95
N GLN A 31 -9.57 8.16 -9.25
CA GLN A 31 -9.25 9.55 -8.90
C GLN A 31 -8.98 9.78 -7.38
N ILE A 32 -9.66 9.10 -6.44
CA ILE A 32 -9.40 9.25 -4.96
C ILE A 32 -7.97 8.83 -4.52
N GLY A 33 -7.40 7.76 -5.11
CA GLY A 33 -5.94 7.47 -4.95
C GLY A 33 -4.95 8.63 -5.23
N ASN A 34 -5.12 9.29 -6.37
CA ASN A 34 -4.44 10.56 -6.73
C ASN A 34 -5.21 11.89 -6.44
N THR A 35 -5.91 11.95 -5.30
CA THR A 35 -6.72 13.13 -4.87
C THR A 35 -6.75 13.18 -3.32
N VAL A 36 -7.35 12.17 -2.68
CA VAL A 36 -7.49 12.10 -1.22
C VAL A 36 -6.38 11.13 -0.74
N THR A 37 -5.34 11.70 -0.14
CA THR A 37 -4.14 10.98 0.35
C THR A 37 -4.35 9.56 0.96
N PRO A 38 -3.85 8.43 0.38
CA PRO A 38 -4.12 7.07 0.95
C PRO A 38 -3.51 6.83 2.35
N THR A 39 -4.38 6.83 3.37
CA THR A 39 -3.94 6.95 4.80
C THR A 39 -3.47 5.59 5.40
N VAL A 40 -2.36 5.07 4.83
CA VAL A 40 -1.95 3.64 4.99
C VAL A 40 -1.23 3.44 6.34
N THR A 41 -2.02 3.11 7.36
CA THR A 41 -1.64 3.40 8.77
C THR A 41 -1.09 2.14 9.46
N PHE A 42 0.24 2.07 9.52
CA PHE A 42 0.99 0.85 9.85
C PHE A 42 1.19 0.68 11.37
N THR A 43 0.58 -0.38 11.93
CA THR A 43 0.41 -0.50 13.39
C THR A 43 0.53 -1.99 13.83
N MET A 44 1.31 -2.31 14.86
CA MET A 44 1.43 -3.72 15.37
C MET A 44 0.32 -4.06 16.40
N ASP A 45 -0.67 -4.88 16.00
CA ASP A 45 -1.81 -5.26 16.87
C ASP A 45 -1.50 -6.62 17.59
N GLY A 46 -0.74 -6.54 18.70
CA GLY A 46 -0.39 -7.72 19.52
C GLY A 46 0.68 -8.67 18.93
N ASP A 47 0.22 -9.45 17.95
CA ASP A 47 1.08 -10.33 17.12
C ASP A 47 1.66 -9.60 15.87
N LYS A 48 0.81 -8.94 15.08
CA LYS A 48 1.10 -8.69 13.65
C LYS A 48 0.70 -7.27 13.15
N MET A 49 1.33 -6.88 12.04
CA MET A 49 1.20 -5.51 11.48
C MET A 49 -0.11 -5.28 10.69
N THR A 50 -0.73 -4.13 10.92
CA THR A 50 -2.12 -3.86 10.47
C THR A 50 -2.10 -2.48 9.78
N MET A 51 -2.42 -2.47 8.48
CA MET A 51 -2.65 -1.22 7.74
C MET A 51 -4.12 -0.73 7.96
N LEU A 52 -4.26 0.35 8.74
CA LEU A 52 -5.58 0.94 9.07
C LEU A 52 -5.93 2.03 8.01
N THR A 53 -6.20 1.57 6.78
CA THR A 53 -6.21 2.40 5.56
C THR A 53 -7.50 3.23 5.46
N GLU A 54 -7.37 4.54 5.68
CA GLU A 54 -8.53 5.45 5.84
C GLU A 54 -8.57 6.51 4.69
N SER A 55 -9.09 6.06 3.54
CA SER A 55 -9.34 6.92 2.35
C SER A 55 -10.87 7.16 2.13
N THR A 56 -11.26 8.09 1.24
CA THR A 56 -12.73 8.35 0.95
C THR A 56 -13.55 7.11 0.47
N PHE A 57 -13.05 6.34 -0.49
CA PHE A 57 -13.67 5.07 -0.94
C PHE A 57 -13.09 3.80 -0.24
N LYS A 58 -11.76 3.67 -0.11
CA LYS A 58 -11.17 2.59 0.74
C LYS A 58 -10.87 3.09 2.19
N ASN A 59 -11.93 3.19 3.01
CA ASN A 59 -11.81 3.26 4.50
C ASN A 59 -11.96 1.83 5.10
N LEU A 60 -10.84 1.12 5.24
CA LEU A 60 -10.83 -0.31 5.63
C LEU A 60 -9.51 -0.72 6.32
N SER A 61 -9.60 -1.49 7.42
CA SER A 61 -8.42 -2.09 8.07
C SER A 61 -8.12 -3.53 7.57
N VAL A 62 -6.82 -3.85 7.41
CA VAL A 62 -6.36 -5.17 6.96
C VAL A 62 -5.16 -5.64 7.87
N THR A 63 -5.30 -6.82 8.47
CA THR A 63 -4.36 -7.34 9.50
C THR A 63 -3.55 -8.55 8.92
N PHE A 64 -2.23 -8.57 9.11
CA PHE A 64 -1.32 -9.47 8.34
C PHE A 64 0.07 -9.68 8.96
N LYS A 65 0.66 -10.88 8.71
CA LYS A 65 2.09 -11.16 9.03
C LYS A 65 2.94 -11.55 7.80
N PHE A 66 4.27 -11.47 7.95
CA PHE A 66 5.25 -11.89 6.90
C PHE A 66 5.34 -13.42 6.68
N GLY A 67 4.31 -13.93 6.00
CA GLY A 67 4.07 -15.38 5.87
C GLY A 67 2.63 -15.70 5.42
N GLU A 68 1.64 -15.27 6.22
CA GLU A 68 0.21 -15.44 5.88
C GLU A 68 -0.25 -14.36 4.84
N GLU A 69 -0.68 -14.79 3.65
CA GLU A 69 -1.16 -13.87 2.59
C GLU A 69 -2.58 -13.31 2.85
N PHE A 70 -2.68 -11.98 3.00
CA PHE A 70 -3.97 -11.30 3.33
C PHE A 70 -4.80 -10.90 2.08
N ASP A 71 -6.13 -10.74 2.22
CA ASP A 71 -6.98 -10.08 1.19
C ASP A 71 -7.36 -8.61 1.52
N GLU A 72 -7.43 -7.72 0.49
CA GLU A 72 -8.23 -6.47 0.57
C GLU A 72 -9.47 -6.59 -0.36
N LYS A 73 -10.66 -6.47 0.22
CA LYS A 73 -11.93 -6.38 -0.55
C LYS A 73 -12.29 -4.89 -0.76
N THR A 74 -12.38 -4.41 -2.01
CA THR A 74 -12.18 -2.96 -2.27
C THR A 74 -13.45 -2.22 -2.76
N SER A 75 -13.52 -0.91 -2.48
CA SER A 75 -14.39 0.02 -3.26
C SER A 75 -14.01 0.30 -4.76
N ASP A 76 -12.88 -0.20 -5.26
CA ASP A 76 -12.71 -0.54 -6.70
C ASP A 76 -13.75 -1.63 -7.26
N GLY A 77 -14.10 -2.60 -6.42
CA GLY A 77 -14.94 -3.77 -6.76
C GLY A 77 -14.14 -5.06 -7.01
N ARG A 78 -13.26 -5.45 -6.09
CA ARG A 78 -12.24 -6.50 -6.32
C ARG A 78 -11.86 -7.09 -4.92
N ASN A 79 -11.87 -8.41 -4.80
CA ASN A 79 -11.07 -9.11 -3.75
C ASN A 79 -9.65 -9.41 -4.31
N VAL A 80 -8.61 -8.81 -3.73
CA VAL A 80 -7.20 -9.01 -4.19
C VAL A 80 -6.32 -9.43 -3.00
N LYS A 81 -5.41 -10.39 -3.21
CA LYS A 81 -4.54 -10.89 -2.13
C LYS A 81 -3.11 -10.30 -2.18
N SER A 82 -2.29 -10.60 -1.17
CA SER A 82 -0.97 -9.95 -1.00
C SER A 82 0.00 -10.85 -0.20
N VAL A 83 1.09 -11.31 -0.83
CA VAL A 83 2.06 -12.25 -0.20
C VAL A 83 3.23 -11.46 0.42
N VAL A 84 3.28 -11.45 1.76
CA VAL A 84 4.01 -10.42 2.53
C VAL A 84 5.44 -10.93 2.88
N GLU A 85 6.41 -10.11 2.50
CA GLU A 85 7.84 -10.28 2.88
C GLU A 85 8.24 -9.01 3.69
N LYS A 86 8.76 -9.19 4.90
CA LYS A 86 9.29 -8.07 5.72
C LYS A 86 10.81 -8.34 5.82
N ASN A 87 11.62 -7.49 5.20
CA ASN A 87 13.09 -7.73 5.13
C ASN A 87 13.75 -7.24 6.45
N SER A 88 14.07 -5.94 6.53
CA SER A 88 14.11 -5.22 7.83
C SER A 88 12.70 -4.67 8.21
N GLU A 89 12.55 -4.25 9.47
CA GLU A 89 11.28 -3.72 10.03
C GLU A 89 10.82 -2.29 9.56
N SER A 90 11.60 -1.69 8.65
CA SER A 90 11.09 -0.71 7.66
C SER A 90 11.66 -0.96 6.23
N LYS A 91 11.56 -2.20 5.71
CA LYS A 91 11.83 -2.52 4.28
C LYS A 91 10.97 -3.78 3.92
N LEU A 92 9.72 -3.57 3.52
CA LEU A 92 8.71 -4.66 3.35
C LEU A 92 8.24 -4.74 1.87
N THR A 93 7.71 -5.89 1.46
CA THR A 93 7.29 -6.14 0.05
C THR A 93 5.92 -6.90 0.08
N GLN A 94 4.84 -6.12 -0.01
CA GLN A 94 3.43 -6.63 0.18
C GLN A 94 2.75 -7.15 -1.14
N THR A 95 3.40 -8.14 -1.76
CA THR A 95 3.28 -8.48 -3.20
C THR A 95 1.86 -8.90 -3.66
N GLN A 96 1.18 -8.00 -4.39
CA GLN A 96 -0.28 -8.11 -4.66
C GLN A 96 -0.59 -9.16 -5.77
N VAL A 97 -1.51 -10.08 -5.48
CA VAL A 97 -1.88 -11.17 -6.42
C VAL A 97 -3.40 -10.95 -6.73
N ASP A 98 -3.63 -10.24 -7.85
CA ASP A 98 -4.95 -9.65 -8.20
C ASP A 98 -5.58 -10.43 -9.43
N PRO A 99 -6.80 -10.17 -9.95
CA PRO A 99 -7.22 -10.69 -11.31
C PRO A 99 -6.39 -10.28 -12.57
N LYS A 100 -5.45 -9.33 -12.43
CA LYS A 100 -4.31 -9.17 -13.37
C LYS A 100 -2.86 -9.54 -12.82
N ASN A 101 -2.68 -9.75 -11.50
CA ASN A 101 -1.36 -9.93 -10.83
C ASN A 101 -0.46 -8.65 -10.85
N THR A 102 -0.17 -8.10 -9.66
CA THR A 102 0.75 -6.94 -9.52
C THR A 102 2.23 -7.42 -9.35
N THR A 103 3.19 -6.63 -9.85
CA THR A 103 4.63 -6.85 -9.53
C THR A 103 4.99 -6.48 -8.05
N VAL A 104 6.21 -6.80 -7.60
CA VAL A 104 6.68 -6.51 -6.22
C VAL A 104 6.60 -5.00 -5.79
N ILE A 105 5.60 -4.64 -4.97
CA ILE A 105 5.37 -3.24 -4.54
C ILE A 105 6.05 -2.96 -3.17
N VAL A 106 7.39 -2.92 -3.23
CA VAL A 106 8.27 -2.71 -2.05
C VAL A 106 7.97 -1.37 -1.27
N ARG A 107 8.35 -1.35 0.00
CA ARG A 107 8.15 -0.18 0.89
C ARG A 107 9.30 0.05 1.89
N GLU A 108 10.10 1.08 1.60
CA GLU A 108 11.29 1.46 2.41
C GLU A 108 11.05 2.79 3.20
N VAL A 109 12.09 3.32 3.86
CA VAL A 109 12.06 4.67 4.50
C VAL A 109 13.40 5.42 4.28
N ASP A 110 13.32 6.72 3.98
CA ASP A 110 14.52 7.57 3.77
C ASP A 110 14.61 8.71 4.84
N GLY A 111 14.42 8.36 6.14
CA GLY A 111 14.32 9.35 7.24
C GLY A 111 12.90 9.92 7.46
N ASP A 112 12.01 9.07 8.00
CA ASP A 112 10.52 9.32 8.04
C ASP A 112 9.82 9.90 6.74
N THR A 113 10.29 9.42 5.58
CA THR A 113 9.76 9.73 4.24
C THR A 113 9.77 8.39 3.47
N MET A 114 8.62 7.73 3.53
CA MET A 114 8.46 6.28 3.22
C MET A 114 8.50 6.03 1.69
N LYS A 115 9.67 5.60 1.19
CA LYS A 115 9.89 5.43 -0.26
C LYS A 115 9.36 4.04 -0.73
N THR A 116 8.16 4.03 -1.31
CA THR A 116 7.44 2.79 -1.69
C THR A 116 7.15 2.77 -3.21
N THR A 117 8.06 2.11 -3.92
CA THR A 117 8.03 1.98 -5.39
C THR A 117 6.89 1.04 -5.86
N VAL A 118 5.80 1.61 -6.41
CA VAL A 118 4.66 0.79 -6.89
C VAL A 118 4.81 0.53 -8.41
N THR A 119 5.23 -0.69 -8.80
CA THR A 119 5.42 -1.10 -10.22
C THR A 119 4.51 -2.31 -10.60
N VAL A 120 4.18 -2.41 -11.89
CA VAL A 120 3.32 -3.50 -12.44
C VAL A 120 3.89 -3.86 -13.84
N GLY A 121 4.96 -4.66 -13.87
CA GLY A 121 5.79 -4.86 -15.08
C GLY A 121 6.69 -3.68 -15.51
N ASP A 122 6.06 -2.52 -15.68
CA ASP A 122 6.54 -1.44 -16.57
C ASP A 122 6.16 0.05 -16.20
N VAL A 123 5.73 0.29 -14.96
CA VAL A 123 5.16 1.61 -14.55
C VAL A 123 6.09 2.33 -13.53
N THR A 124 6.36 1.71 -12.38
CA THR A 124 7.34 2.19 -11.37
C THR A 124 7.04 3.60 -10.81
N ALA A 125 6.09 3.68 -9.88
CA ALA A 125 5.69 4.94 -9.24
C ALA A 125 6.43 5.06 -7.89
N ILE A 126 7.50 5.87 -7.90
CA ILE A 126 8.45 6.02 -6.76
C ILE A 126 7.88 6.86 -5.60
N ARG A 127 6.96 6.26 -4.83
CA ARG A 127 6.07 7.04 -3.92
C ARG A 127 6.80 7.44 -2.60
N ASN A 128 6.73 8.71 -2.24
CA ASN A 128 7.10 9.17 -0.87
C ASN A 128 5.80 9.42 -0.02
N TYR A 129 5.85 9.04 1.26
CA TYR A 129 4.78 9.40 2.24
C TYR A 129 5.46 9.94 3.57
N LYS A 130 4.93 11.03 4.14
CA LYS A 130 5.43 11.53 5.46
C LYS A 130 4.69 10.81 6.63
N ARG A 131 5.49 10.27 7.55
CA ARG A 131 5.01 9.54 8.74
C ARG A 131 4.54 10.50 9.89
N LEU A 132 3.37 10.19 10.43
CA LEU A 132 2.64 11.09 11.35
C LEU A 132 2.16 10.33 12.63
N SER A 133 2.22 11.02 13.77
CA SER A 133 1.77 10.50 15.08
C SER A 133 0.43 11.13 15.49
N MET A 1 9.45 -3.55 10.36
CA MET A 1 8.29 -3.17 11.20
C MET A 1 8.48 -1.80 11.92
N SER A 2 9.45 -1.68 12.84
CA SER A 2 9.53 -0.57 13.82
C SER A 2 9.88 0.85 13.30
N SER A 3 10.78 0.99 12.32
CA SER A 3 10.94 2.28 11.58
C SER A 3 9.71 2.79 10.74
N PHE A 4 8.66 1.97 10.54
CA PHE A 4 7.43 2.37 9.82
C PHE A 4 6.07 2.12 10.56
N LEU A 5 6.04 2.14 11.90
CA LEU A 5 4.79 2.19 12.71
C LEU A 5 4.15 3.64 12.67
N GLY A 6 2.87 3.72 12.30
CA GLY A 6 2.14 5.00 12.11
C GLY A 6 1.39 5.11 10.76
N LYS A 7 0.58 6.18 10.59
CA LYS A 7 0.00 6.54 9.27
C LYS A 7 0.86 7.52 8.42
N TRP A 8 0.36 7.80 7.21
CA TRP A 8 1.21 8.27 6.09
C TRP A 8 0.38 9.23 5.19
N LYS A 9 0.94 10.40 4.81
CA LYS A 9 0.31 11.27 3.78
C LYS A 9 1.34 11.77 2.71
N LEU A 10 0.89 11.83 1.45
CA LEU A 10 1.75 11.88 0.25
C LEU A 10 2.62 13.16 0.08
N SER A 11 3.92 12.93 -0.17
CA SER A 11 4.88 13.98 -0.57
C SER A 11 5.07 14.13 -2.12
N GLU A 12 5.16 13.02 -2.87
CA GLU A 12 5.44 13.02 -4.32
C GLU A 12 4.72 11.84 -5.07
N SER A 13 4.28 12.13 -6.29
CA SER A 13 3.79 11.10 -7.25
C SER A 13 4.59 11.23 -8.59
N HIS A 14 5.25 10.14 -8.98
CA HIS A 14 5.81 10.01 -10.36
C HIS A 14 4.73 9.58 -11.39
N ASN A 15 4.09 8.41 -11.19
CA ASN A 15 2.91 8.01 -12.01
C ASN A 15 1.90 7.18 -11.17
N PHE A 16 1.42 7.71 -10.02
CA PHE A 16 0.27 7.08 -9.30
C PHE A 16 -1.11 7.45 -9.95
N ASP A 17 -1.36 6.86 -11.12
CA ASP A 17 -2.49 7.24 -12.02
C ASP A 17 -2.74 6.08 -13.05
N ALA A 18 -1.79 5.84 -13.98
CA ALA A 18 -1.85 4.72 -14.94
C ALA A 18 -1.46 3.32 -14.38
N VAL A 19 -0.62 3.27 -13.34
CA VAL A 19 -0.41 2.09 -12.45
C VAL A 19 -1.70 1.35 -11.97
N MET A 20 -2.70 2.14 -11.55
CA MET A 20 -4.03 1.67 -11.19
C MET A 20 -4.90 1.34 -12.45
N SER A 21 -5.04 2.28 -13.41
CA SER A 21 -5.79 2.00 -14.66
C SER A 21 -5.31 0.79 -15.54
N LYS A 22 -3.99 0.55 -15.64
CA LYS A 22 -3.45 -0.70 -16.23
C LYS A 22 -3.82 -2.02 -15.48
N LEU A 23 -3.98 -1.97 -14.14
CA LEU A 23 -4.65 -3.06 -13.39
C LEU A 23 -6.18 -3.19 -13.70
N GLY A 24 -6.93 -2.07 -13.60
CA GLY A 24 -8.35 -2.00 -14.02
C GLY A 24 -9.25 -1.28 -13.00
N VAL A 25 -9.02 0.03 -12.80
CA VAL A 25 -9.59 0.77 -11.62
C VAL A 25 -10.60 1.85 -12.09
N SER A 26 -11.71 1.95 -11.35
CA SER A 26 -12.92 2.72 -11.72
C SER A 26 -12.75 4.24 -11.93
N TRP A 27 -13.63 4.84 -12.74
CA TRP A 27 -13.76 6.32 -12.83
C TRP A 27 -14.57 6.97 -11.64
N ALA A 28 -14.05 6.73 -10.44
CA ALA A 28 -14.44 7.35 -9.16
C ALA A 28 -13.35 7.02 -8.08
N THR A 29 -12.97 5.74 -7.94
CA THR A 29 -11.89 5.28 -7.04
C THR A 29 -10.45 5.62 -7.49
N ARG A 30 -10.15 5.55 -8.80
CA ARG A 30 -8.87 6.06 -9.34
C ARG A 30 -8.62 7.60 -9.16
N GLN A 31 -9.72 8.37 -9.03
CA GLN A 31 -9.67 9.82 -8.74
C GLN A 31 -9.33 10.13 -7.25
N ILE A 32 -9.93 9.42 -6.27
CA ILE A 32 -9.43 9.41 -4.85
C ILE A 32 -7.97 8.88 -4.72
N GLY A 33 -7.57 7.87 -5.51
CA GLY A 33 -6.14 7.53 -5.73
C GLY A 33 -5.15 8.69 -5.97
N ASN A 34 -5.37 9.50 -7.03
CA ASN A 34 -4.62 10.76 -7.23
C ASN A 34 -5.26 12.06 -6.63
N THR A 35 -5.83 11.98 -5.42
CA THR A 35 -6.50 13.13 -4.74
C THR A 35 -6.33 12.97 -3.21
N VAL A 36 -6.92 11.93 -2.60
CA VAL A 36 -6.96 11.76 -1.14
C VAL A 36 -5.91 10.67 -0.77
N THR A 37 -4.83 11.13 -0.14
CA THR A 37 -3.61 10.33 0.11
C THR A 37 -3.82 8.92 0.75
N PRO A 38 -3.26 7.78 0.27
CA PRO A 38 -3.53 6.43 0.86
C PRO A 38 -2.94 6.25 2.28
N THR A 39 -3.84 6.39 3.27
CA THR A 39 -3.42 6.51 4.69
C THR A 39 -3.19 5.11 5.33
N VAL A 40 -2.08 4.47 4.95
CA VAL A 40 -1.88 3.01 5.22
C VAL A 40 -1.33 2.74 6.65
N THR A 41 -2.22 2.89 7.64
CA THR A 41 -1.86 3.09 9.08
C THR A 41 -1.28 1.81 9.73
N PHE A 42 0.05 1.72 9.75
CA PHE A 42 0.74 0.45 10.09
C PHE A 42 1.03 0.36 11.59
N THR A 43 0.42 -0.62 12.24
CA THR A 43 0.34 -0.66 13.72
C THR A 43 0.39 -2.13 14.24
N MET A 44 1.10 -2.40 15.34
CA MET A 44 0.97 -3.71 16.04
C MET A 44 -0.34 -3.77 16.89
N ASP A 45 -1.33 -4.54 16.44
CA ASP A 45 -2.63 -4.67 17.14
C ASP A 45 -2.63 -5.95 18.04
N GLY A 46 -2.17 -5.76 19.29
CA GLY A 46 -2.05 -6.88 20.26
C GLY A 46 -0.80 -7.77 20.10
N ASP A 47 -0.85 -8.62 19.07
CA ASP A 47 0.29 -9.48 18.66
C ASP A 47 0.82 -9.05 17.26
N LYS A 48 -0.04 -9.08 16.22
CA LYS A 48 0.39 -8.97 14.80
C LYS A 48 0.05 -7.60 14.16
N MET A 49 0.74 -7.32 13.06
CA MET A 49 0.74 -5.99 12.42
C MET A 49 -0.49 -5.74 11.52
N THR A 50 -0.97 -4.48 11.48
CA THR A 50 -2.30 -4.16 10.91
C THR A 50 -2.19 -2.82 10.14
N MET A 51 -2.62 -2.84 8.87
CA MET A 51 -2.89 -1.60 8.11
C MET A 51 -4.34 -1.12 8.39
N LEU A 52 -4.47 -0.05 9.18
CA LEU A 52 -5.77 0.61 9.45
C LEU A 52 -6.00 1.73 8.37
N THR A 53 -6.22 1.28 7.13
CA THR A 53 -6.24 2.12 5.91
C THR A 53 -7.40 3.13 5.92
N GLU A 54 -7.07 4.42 5.88
CA GLU A 54 -8.01 5.48 6.32
C GLU A 54 -8.15 6.56 5.20
N SER A 55 -8.88 6.18 4.15
CA SER A 55 -8.99 6.95 2.87
C SER A 55 -10.48 7.22 2.51
N THR A 56 -10.77 8.14 1.58
CA THR A 56 -12.19 8.46 1.19
C THR A 56 -13.04 7.27 0.63
N PHE A 57 -12.47 6.42 -0.23
CA PHE A 57 -13.12 5.16 -0.65
C PHE A 57 -12.78 3.91 0.21
N LYS A 58 -11.52 3.74 0.65
CA LYS A 58 -11.15 2.67 1.60
C LYS A 58 -10.80 3.25 3.01
N ASN A 59 -11.83 3.48 3.83
CA ASN A 59 -11.66 3.65 5.30
C ASN A 59 -11.98 2.29 6.00
N LEU A 60 -10.97 1.43 6.11
CA LEU A 60 -11.14 0.00 6.50
C LEU A 60 -9.81 -0.64 7.02
N SER A 61 -9.90 -1.60 7.94
CA SER A 61 -8.71 -2.30 8.49
C SER A 61 -8.40 -3.69 7.87
N VAL A 62 -7.12 -4.01 7.70
CA VAL A 62 -6.66 -5.37 7.28
C VAL A 62 -5.49 -5.82 8.24
N THR A 63 -5.58 -7.04 8.75
CA THR A 63 -4.67 -7.57 9.80
C THR A 63 -3.94 -8.87 9.33
N PHE A 64 -2.67 -8.99 9.74
CA PHE A 64 -1.70 -9.91 9.08
C PHE A 64 -0.37 -10.05 9.90
N LYS A 65 0.45 -11.06 9.54
CA LYS A 65 1.84 -11.18 10.06
C LYS A 65 2.91 -11.13 8.92
N PHE A 66 4.19 -11.05 9.30
CA PHE A 66 5.33 -11.08 8.34
C PHE A 66 5.51 -12.49 7.69
N GLY A 67 4.74 -12.68 6.62
CA GLY A 67 4.58 -13.99 5.97
C GLY A 67 3.30 -14.19 5.11
N GLU A 68 2.16 -13.59 5.50
CA GLU A 68 0.84 -13.94 4.96
C GLU A 68 0.59 -13.40 3.52
N GLU A 69 -0.13 -14.19 2.72
CA GLU A 69 -0.91 -13.67 1.55
C GLU A 69 -2.28 -13.08 2.01
N PHE A 70 -2.28 -11.80 2.43
CA PHE A 70 -3.46 -11.17 3.08
C PHE A 70 -4.54 -10.75 2.05
N ASP A 71 -5.78 -11.24 2.17
CA ASP A 71 -6.87 -10.86 1.24
C ASP A 71 -7.66 -9.58 1.67
N GLU A 72 -7.96 -8.72 0.68
CA GLU A 72 -8.99 -7.66 0.81
C GLU A 72 -9.86 -7.62 -0.49
N LYS A 73 -11.15 -7.27 -0.36
CA LYS A 73 -11.93 -6.77 -1.52
C LYS A 73 -11.93 -5.22 -1.57
N THR A 74 -11.53 -4.67 -2.72
CA THR A 74 -11.29 -3.21 -2.85
C THR A 74 -12.61 -2.39 -3.00
N SER A 75 -12.57 -1.07 -2.76
CA SER A 75 -13.67 -0.15 -3.16
C SER A 75 -14.30 -0.27 -4.60
N ASP A 76 -13.48 -0.60 -5.58
CA ASP A 76 -13.92 -1.04 -6.93
C ASP A 76 -14.77 -2.36 -7.03
N GLY A 77 -14.60 -3.32 -6.11
CA GLY A 77 -15.04 -4.70 -6.27
C GLY A 77 -13.97 -5.61 -6.88
N ARG A 78 -12.91 -5.93 -6.12
CA ARG A 78 -11.77 -6.73 -6.62
C ARG A 78 -11.19 -7.51 -5.40
N ASN A 79 -11.42 -8.83 -5.30
CA ASN A 79 -10.75 -9.67 -4.27
C ASN A 79 -9.25 -9.91 -4.61
N VAL A 80 -8.33 -9.38 -3.78
CA VAL A 80 -6.88 -9.40 -4.10
C VAL A 80 -6.09 -9.82 -2.83
N LYS A 81 -5.04 -10.63 -3.05
CA LYS A 81 -4.10 -11.03 -1.97
C LYS A 81 -2.81 -10.17 -2.00
N SER A 82 -1.96 -10.33 -0.98
CA SER A 82 -0.70 -9.54 -0.87
C SER A 82 0.33 -10.31 -0.01
N VAL A 83 1.33 -10.94 -0.64
CA VAL A 83 2.28 -11.87 0.04
C VAL A 83 3.43 -11.09 0.71
N VAL A 84 3.34 -10.99 2.04
CA VAL A 84 4.26 -10.17 2.86
C VAL A 84 5.57 -10.95 3.14
N GLU A 85 6.69 -10.24 2.99
CA GLU A 85 7.86 -10.48 3.87
C GLU A 85 8.66 -9.17 4.09
N LYS A 86 9.17 -9.05 5.32
CA LYS A 86 10.16 -8.05 5.71
C LYS A 86 11.58 -8.42 5.15
N ASN A 87 12.13 -7.52 4.33
CA ASN A 87 13.57 -7.63 3.91
C ASN A 87 14.53 -7.03 4.98
N SER A 88 14.27 -5.79 5.43
CA SER A 88 14.85 -5.25 6.70
C SER A 88 13.73 -4.58 7.55
N GLU A 89 14.04 -4.16 8.78
CA GLU A 89 13.16 -3.23 9.57
C GLU A 89 12.79 -1.83 8.94
N SER A 90 13.38 -1.52 7.78
CA SER A 90 12.94 -0.44 6.89
C SER A 90 12.72 -0.85 5.39
N LYS A 91 12.31 -2.09 5.07
CA LYS A 91 12.21 -2.58 3.67
C LYS A 91 11.26 -3.83 3.68
N LEU A 92 10.05 -3.72 3.11
CA LEU A 92 9.04 -4.81 3.13
C LEU A 92 8.34 -4.95 1.74
N THR A 93 8.12 -6.18 1.26
CA THR A 93 7.62 -6.43 -0.14
C THR A 93 6.25 -7.16 -0.17
N GLN A 94 5.17 -6.42 0.07
CA GLN A 94 3.79 -6.99 0.20
C GLN A 94 3.06 -7.37 -1.15
N THR A 95 3.71 -8.25 -1.90
CA THR A 95 3.51 -8.49 -3.36
C THR A 95 2.06 -8.87 -3.76
N GLN A 96 1.39 -7.99 -4.50
CA GLN A 96 -0.08 -8.07 -4.71
C GLN A 96 -0.48 -9.19 -5.71
N VAL A 97 -1.35 -10.10 -5.27
CA VAL A 97 -1.80 -11.26 -6.08
C VAL A 97 -3.28 -10.97 -6.45
N ASP A 98 -3.44 -10.28 -7.58
CA ASP A 98 -4.74 -9.75 -8.03
C ASP A 98 -5.38 -10.70 -9.12
N PRO A 99 -6.59 -10.48 -9.70
CA PRO A 99 -6.93 -11.04 -11.06
C PRO A 99 -5.98 -10.67 -12.25
N LYS A 100 -5.13 -9.64 -12.09
CA LYS A 100 -3.91 -9.46 -12.91
C LYS A 100 -2.60 -10.18 -12.43
N ASN A 101 -2.33 -10.24 -11.11
CA ASN A 101 -0.98 -10.48 -10.53
C ASN A 101 -0.05 -9.23 -10.72
N THR A 102 0.07 -8.41 -9.67
CA THR A 102 0.95 -7.20 -9.65
C THR A 102 2.45 -7.56 -9.41
N THR A 103 3.35 -6.73 -9.91
CA THR A 103 4.82 -6.84 -9.61
C THR A 103 5.17 -6.45 -8.14
N VAL A 104 6.39 -6.76 -7.69
CA VAL A 104 6.87 -6.49 -6.32
C VAL A 104 6.81 -4.99 -5.88
N ILE A 105 5.84 -4.65 -5.02
CA ILE A 105 5.65 -3.25 -4.53
C ILE A 105 6.42 -3.03 -3.19
N VAL A 106 7.74 -2.96 -3.36
CA VAL A 106 8.71 -2.79 -2.24
C VAL A 106 8.54 -1.45 -1.47
N ARG A 107 8.07 -1.55 -0.22
CA ARG A 107 7.84 -0.39 0.66
C ARG A 107 9.04 -0.15 1.60
N GLU A 108 9.81 0.89 1.28
CA GLU A 108 11.12 1.20 1.92
C GLU A 108 11.05 2.56 2.64
N VAL A 109 11.24 2.61 3.97
CA VAL A 109 11.23 3.91 4.70
C VAL A 109 12.63 4.56 4.77
N ASP A 110 12.72 5.80 4.30
CA ASP A 110 13.98 6.59 4.37
C ASP A 110 14.02 7.39 5.72
N GLY A 111 14.08 6.64 6.84
CA GLY A 111 13.94 7.22 8.20
C GLY A 111 12.47 7.32 8.66
N ASP A 112 11.85 8.47 8.36
CA ASP A 112 10.38 8.68 8.57
C ASP A 112 9.65 9.23 7.27
N THR A 113 10.00 8.71 6.09
CA THR A 113 9.36 9.04 4.79
C THR A 113 9.26 7.71 4.00
N MET A 114 8.11 7.04 4.10
CA MET A 114 7.89 5.72 3.46
C MET A 114 7.78 5.82 1.93
N LYS A 115 8.87 5.41 1.28
CA LYS A 115 9.02 5.39 -0.19
C LYS A 115 8.66 3.98 -0.74
N THR A 116 7.41 3.83 -1.18
CA THR A 116 6.95 2.59 -1.86
C THR A 116 6.87 2.81 -3.38
N THR A 117 7.82 2.20 -4.07
CA THR A 117 7.93 2.27 -5.54
C THR A 117 6.91 1.29 -6.18
N VAL A 118 5.69 1.77 -6.51
CA VAL A 118 4.59 0.86 -6.90
C VAL A 118 4.66 0.54 -8.41
N THR A 119 5.23 -0.61 -8.76
CA THR A 119 5.47 -1.03 -10.18
C THR A 119 4.59 -2.26 -10.58
N VAL A 120 4.26 -2.36 -11.88
CA VAL A 120 3.36 -3.44 -12.40
C VAL A 120 3.86 -3.83 -13.82
N GLY A 121 4.96 -4.61 -13.88
CA GLY A 121 5.74 -4.83 -15.11
C GLY A 121 6.64 -3.66 -15.57
N ASP A 122 6.02 -2.49 -15.71
CA ASP A 122 6.48 -1.41 -16.64
C ASP A 122 6.00 0.05 -16.29
N VAL A 123 5.89 0.38 -15.00
CA VAL A 123 5.32 1.69 -14.56
C VAL A 123 6.27 2.39 -13.53
N THR A 124 6.51 1.77 -12.37
CA THR A 124 7.38 2.34 -11.30
C THR A 124 6.90 3.72 -10.75
N ALA A 125 5.85 3.69 -9.92
CA ALA A 125 5.21 4.93 -9.41
C ALA A 125 5.73 5.21 -7.99
N ILE A 126 6.66 6.18 -7.87
CA ILE A 126 7.28 6.52 -6.55
C ILE A 126 6.23 7.10 -5.57
N ARG A 127 5.81 6.31 -4.57
CA ARG A 127 4.90 6.82 -3.52
C ARG A 127 5.74 7.14 -2.24
N ASN A 128 6.09 8.42 -2.07
CA ASN A 128 6.80 8.88 -0.84
C ASN A 128 5.78 9.61 0.07
N TYR A 129 5.77 9.32 1.36
CA TYR A 129 4.75 9.84 2.29
C TYR A 129 5.33 9.99 3.74
N LYS A 130 4.92 11.03 4.47
CA LYS A 130 5.54 11.40 5.78
C LYS A 130 4.78 10.78 7.01
N ARG A 131 5.55 10.41 8.04
CA ARG A 131 5.06 9.61 9.19
C ARG A 131 4.23 10.42 10.21
N LEU A 132 3.03 9.91 10.52
CA LEU A 132 2.07 10.61 11.40
C LEU A 132 1.61 9.68 12.57
N SER A 133 1.60 10.24 13.78
CA SER A 133 1.20 9.51 15.01
C SER A 133 0.37 10.41 15.95
N MET A 1 5.01 -0.93 10.34
CA MET A 1 5.56 -2.28 10.17
C MET A 1 6.27 -2.81 11.43
N SER A 2 7.50 -2.35 11.71
CA SER A 2 8.27 -2.77 12.91
C SER A 2 9.16 -1.59 13.38
N SER A 3 10.29 -1.30 12.72
CA SER A 3 11.02 -0.02 12.91
C SER A 3 10.27 1.28 12.46
N PHE A 4 9.34 1.19 11.48
CA PHE A 4 8.49 2.32 11.05
C PHE A 4 6.96 2.09 11.21
N LEU A 5 6.53 1.81 12.45
CA LEU A 5 5.10 1.76 12.86
C LEU A 5 4.44 3.19 12.93
N GLY A 6 3.25 3.36 12.34
CA GLY A 6 2.50 4.64 12.38
C GLY A 6 1.44 4.80 11.29
N LYS A 7 0.70 5.93 11.32
CA LYS A 7 -0.11 6.37 10.16
C LYS A 7 0.74 7.12 9.10
N TRP A 8 0.73 6.65 7.85
CA TRP A 8 1.57 7.21 6.77
C TRP A 8 0.58 7.72 5.66
N LYS A 9 0.63 9.00 5.32
CA LYS A 9 -0.24 9.54 4.22
C LYS A 9 0.64 10.04 3.04
N LEU A 10 0.15 9.85 1.82
CA LEU A 10 0.93 10.13 0.58
C LEU A 10 1.48 11.59 0.48
N SER A 11 2.80 11.70 0.45
CA SER A 11 3.52 12.98 0.30
C SER A 11 3.68 13.50 -1.15
N GLU A 12 3.89 12.60 -2.13
CA GLU A 12 3.82 12.94 -3.58
C GLU A 12 3.30 11.73 -4.40
N SER A 13 2.69 12.04 -5.57
CA SER A 13 2.17 11.05 -6.51
C SER A 13 3.00 11.06 -7.82
N HIS A 14 4.04 10.21 -7.93
CA HIS A 14 5.03 10.34 -9.04
C HIS A 14 4.51 9.84 -10.42
N ASN A 15 4.14 8.56 -10.52
CA ASN A 15 3.11 8.13 -11.52
C ASN A 15 2.06 7.17 -10.85
N PHE A 16 1.41 7.65 -9.78
CA PHE A 16 0.26 6.94 -9.16
C PHE A 16 -1.08 7.33 -9.85
N ASP A 17 -1.24 6.84 -11.10
CA ASP A 17 -2.17 7.43 -12.09
C ASP A 17 -2.65 6.31 -13.08
N ALA A 18 -1.78 5.90 -14.00
CA ALA A 18 -1.99 4.75 -14.91
C ALA A 18 -1.64 3.34 -14.34
N VAL A 19 -0.77 3.29 -13.33
CA VAL A 19 -0.45 2.07 -12.53
C VAL A 19 -1.65 1.21 -12.04
N MET A 20 -2.68 1.89 -11.52
CA MET A 20 -3.95 1.25 -11.14
C MET A 20 -4.89 1.01 -12.36
N SER A 21 -5.07 1.96 -13.30
CA SER A 21 -5.83 1.72 -14.56
C SER A 21 -5.35 0.55 -15.47
N LYS A 22 -4.03 0.34 -15.63
CA LYS A 22 -3.48 -0.91 -16.24
C LYS A 22 -3.72 -2.23 -15.44
N LEU A 23 -3.79 -2.13 -14.11
CA LEU A 23 -4.29 -3.19 -13.22
C LEU A 23 -5.83 -3.50 -13.31
N GLY A 24 -6.67 -2.48 -13.57
CA GLY A 24 -8.10 -2.67 -13.90
C GLY A 24 -9.06 -1.95 -12.96
N VAL A 25 -9.10 -0.61 -13.04
CA VAL A 25 -9.96 0.22 -12.16
C VAL A 25 -11.40 0.38 -12.74
N SER A 26 -12.40 0.13 -11.88
CA SER A 26 -13.83 0.30 -12.24
C SER A 26 -14.38 1.79 -12.24
N TRP A 27 -13.55 2.74 -12.71
CA TRP A 27 -13.76 4.20 -12.54
C TRP A 27 -14.13 4.77 -11.11
N ALA A 28 -13.71 4.12 -10.02
CA ALA A 28 -13.83 4.67 -8.65
C ALA A 28 -12.47 5.13 -8.08
N THR A 29 -11.46 4.24 -8.02
CA THR A 29 -10.12 4.56 -7.48
C THR A 29 -9.16 5.42 -8.38
N ARG A 30 -9.49 5.64 -9.66
CA ARG A 30 -8.75 6.59 -10.53
C ARG A 30 -8.84 8.10 -10.14
N GLN A 31 -9.72 8.47 -9.21
CA GLN A 31 -9.90 9.85 -8.71
C GLN A 31 -9.32 9.98 -7.27
N ILE A 32 -9.81 9.19 -6.29
CA ILE A 32 -9.33 9.28 -4.86
C ILE A 32 -7.85 8.81 -4.68
N GLY A 33 -7.38 7.81 -5.43
CA GLY A 33 -5.93 7.51 -5.57
C GLY A 33 -5.00 8.71 -5.84
N ASN A 34 -5.25 9.46 -6.91
CA ASN A 34 -4.56 10.75 -7.18
C ASN A 34 -5.23 12.05 -6.62
N THR A 35 -5.86 11.99 -5.44
CA THR A 35 -6.60 13.13 -4.84
C THR A 35 -6.45 13.07 -3.30
N VAL A 36 -7.02 12.05 -2.63
CA VAL A 36 -7.12 12.02 -1.16
C VAL A 36 -6.03 11.04 -0.64
N THR A 37 -4.99 11.63 -0.05
CA THR A 37 -3.72 10.97 0.31
C THR A 37 -3.84 9.59 1.06
N PRO A 38 -3.55 8.39 0.49
CA PRO A 38 -3.88 7.07 1.15
C PRO A 38 -3.28 6.85 2.54
N THR A 39 -4.17 6.75 3.55
CA THR A 39 -3.77 6.73 4.98
C THR A 39 -3.41 5.29 5.47
N VAL A 40 -2.33 4.73 4.90
CA VAL A 40 -1.96 3.30 5.04
C VAL A 40 -1.26 3.06 6.42
N THR A 41 -2.08 2.71 7.42
CA THR A 41 -1.73 2.96 8.83
C THR A 41 -1.21 1.67 9.48
N PHE A 42 0.11 1.52 9.49
CA PHE A 42 0.78 0.23 9.69
C PHE A 42 1.20 0.06 11.17
N THR A 43 0.45 -0.78 11.88
CA THR A 43 0.39 -0.73 13.36
C THR A 43 0.34 -2.17 13.96
N MET A 44 1.08 -2.44 15.04
CA MET A 44 1.07 -3.77 15.70
C MET A 44 -0.10 -3.87 16.71
N ASP A 45 -1.18 -4.57 16.31
CA ASP A 45 -2.42 -4.66 17.13
C ASP A 45 -2.42 -6.00 17.93
N GLY A 46 -1.95 -5.90 19.19
CA GLY A 46 -1.82 -7.08 20.08
C GLY A 46 -0.55 -7.91 19.87
N ASP A 47 -0.53 -8.66 18.76
CA ASP A 47 0.63 -9.49 18.34
C ASP A 47 1.11 -9.14 16.89
N LYS A 48 0.20 -9.10 15.89
CA LYS A 48 0.56 -8.95 14.47
C LYS A 48 0.25 -7.55 13.88
N MET A 49 0.76 -7.28 12.67
CA MET A 49 0.60 -5.95 12.02
C MET A 49 -0.81 -5.77 11.38
N THR A 50 -1.28 -4.51 11.38
CA THR A 50 -2.63 -4.17 10.89
C THR A 50 -2.52 -2.84 10.11
N MET A 51 -2.90 -2.88 8.82
CA MET A 51 -3.08 -1.65 8.02
C MET A 51 -4.50 -1.07 8.25
N LEU A 52 -4.56 0.05 8.98
CA LEU A 52 -5.82 0.76 9.29
C LEU A 52 -6.09 1.86 8.19
N THR A 53 -6.32 1.38 6.96
CA THR A 53 -6.38 2.20 5.73
C THR A 53 -7.61 3.14 5.71
N GLU A 54 -7.37 4.44 5.92
CA GLU A 54 -8.44 5.44 6.10
C GLU A 54 -8.40 6.51 4.97
N SER A 55 -8.88 6.10 3.80
CA SER A 55 -9.10 6.98 2.62
C SER A 55 -10.62 7.31 2.45
N THR A 56 -10.97 8.30 1.62
CA THR A 56 -12.40 8.60 1.29
C THR A 56 -13.21 7.42 0.64
N PHE A 57 -12.56 6.61 -0.21
CA PHE A 57 -13.18 5.42 -0.85
C PHE A 57 -12.81 4.06 -0.19
N LYS A 58 -11.59 3.87 0.32
CA LYS A 58 -11.27 2.74 1.22
C LYS A 58 -11.02 3.27 2.67
N ASN A 59 -12.09 3.38 3.46
CA ASN A 59 -11.98 3.48 4.95
C ASN A 59 -12.21 2.09 5.60
N LEU A 60 -11.12 1.31 5.72
CA LEU A 60 -11.20 -0.14 6.08
C LEU A 60 -9.90 -0.65 6.75
N SER A 61 -10.03 -1.56 7.73
CA SER A 61 -8.87 -2.20 8.39
C SER A 61 -8.64 -3.67 7.97
N VAL A 62 -7.36 -4.08 7.88
CA VAL A 62 -6.96 -5.46 7.50
C VAL A 62 -5.79 -5.94 8.41
N THR A 63 -5.97 -7.10 9.08
CA THR A 63 -4.98 -7.65 10.05
C THR A 63 -4.21 -8.86 9.44
N PHE A 64 -2.89 -8.93 9.71
CA PHE A 64 -1.96 -9.81 8.97
C PHE A 64 -0.58 -10.01 9.69
N LYS A 65 0.15 -11.05 9.30
CA LYS A 65 1.56 -11.26 9.76
C LYS A 65 2.60 -11.08 8.62
N PHE A 66 3.90 -11.10 8.96
CA PHE A 66 4.98 -11.45 8.00
C PHE A 66 4.89 -12.96 7.57
N GLY A 67 4.04 -13.18 6.57
CA GLY A 67 3.55 -14.52 6.19
C GLY A 67 2.20 -14.51 5.45
N GLU A 68 1.17 -13.86 6.03
CA GLU A 68 -0.22 -13.98 5.52
C GLU A 68 -0.47 -13.17 4.21
N GLU A 69 -1.04 -13.84 3.21
CA GLU A 69 -1.51 -13.19 1.96
C GLU A 69 -2.87 -12.45 2.16
N PHE A 70 -2.81 -11.20 2.64
CA PHE A 70 -4.01 -10.48 3.17
C PHE A 70 -4.84 -9.78 2.07
N ASP A 71 -6.15 -10.02 1.95
CA ASP A 71 -6.99 -9.36 0.91
C ASP A 71 -7.60 -8.00 1.33
N GLU A 72 -7.41 -6.97 0.48
CA GLU A 72 -8.20 -5.72 0.55
C GLU A 72 -9.28 -5.77 -0.58
N LYS A 73 -10.58 -5.71 -0.21
CA LYS A 73 -11.65 -5.46 -1.21
C LYS A 73 -11.87 -3.95 -1.44
N THR A 74 -11.73 -3.54 -2.69
CA THR A 74 -11.63 -2.09 -3.04
C THR A 74 -13.03 -1.44 -3.31
N SER A 75 -13.08 -0.11 -3.26
CA SER A 75 -14.18 0.68 -3.87
C SER A 75 -14.54 0.39 -5.37
N ASP A 76 -13.55 -0.04 -6.19
CA ASP A 76 -13.80 -0.63 -7.52
C ASP A 76 -14.49 -2.05 -7.57
N GLY A 77 -14.49 -2.83 -6.48
CA GLY A 77 -15.12 -4.17 -6.43
C GLY A 77 -14.15 -5.32 -6.74
N ARG A 78 -13.16 -5.57 -5.88
CA ARG A 78 -12.08 -6.56 -6.19
C ARG A 78 -11.26 -6.86 -4.91
N ASN A 79 -11.39 -8.09 -4.35
CA ASN A 79 -10.55 -8.55 -3.22
C ASN A 79 -9.17 -9.05 -3.69
N VAL A 80 -8.11 -8.29 -3.38
CA VAL A 80 -6.77 -8.49 -3.99
C VAL A 80 -5.75 -8.61 -2.84
N LYS A 81 -4.93 -9.68 -2.91
CA LYS A 81 -4.14 -10.15 -1.75
C LYS A 81 -2.70 -9.61 -1.74
N SER A 82 -1.92 -9.92 -0.70
CA SER A 82 -0.62 -9.22 -0.44
C SER A 82 0.33 -10.05 0.43
N VAL A 83 1.41 -10.60 -0.15
CA VAL A 83 2.33 -11.54 0.57
C VAL A 83 3.48 -10.78 1.27
N VAL A 84 3.53 -10.88 2.60
CA VAL A 84 4.25 -9.89 3.44
C VAL A 84 5.62 -10.48 3.89
N GLU A 85 6.69 -9.75 3.59
CA GLU A 85 8.05 -10.05 4.10
C GLU A 85 8.71 -8.68 4.44
N LYS A 86 9.10 -8.47 5.71
CA LYS A 86 10.14 -7.45 6.02
C LYS A 86 11.55 -8.06 5.79
N ASN A 87 12.16 -7.66 4.67
CA ASN A 87 13.45 -8.25 4.21
C ASN A 87 14.66 -7.71 5.03
N SER A 88 14.79 -6.37 5.11
CA SER A 88 15.28 -5.74 6.36
C SER A 88 14.08 -5.04 7.10
N GLU A 89 14.32 -4.61 8.35
CA GLU A 89 13.42 -3.62 9.05
C GLU A 89 13.34 -2.16 8.43
N SER A 90 14.14 -1.91 7.38
CA SER A 90 13.96 -0.78 6.44
C SER A 90 13.41 -1.11 5.01
N LYS A 91 13.19 -2.38 4.64
CA LYS A 91 12.81 -2.79 3.27
C LYS A 91 11.70 -3.92 3.40
N LEU A 92 10.43 -3.57 3.15
CA LEU A 92 9.30 -4.57 3.20
C LEU A 92 8.65 -4.73 1.80
N THR A 93 8.52 -5.97 1.28
CA THR A 93 8.02 -6.19 -0.11
C THR A 93 6.66 -6.96 -0.03
N GLN A 94 5.59 -6.17 0.01
CA GLN A 94 4.22 -6.65 0.38
C GLN A 94 3.34 -7.22 -0.80
N THR A 95 3.98 -8.06 -1.63
CA THR A 95 3.68 -8.26 -3.07
C THR A 95 2.19 -8.53 -3.41
N GLN A 96 1.56 -7.59 -4.13
CA GLN A 96 0.09 -7.52 -4.27
C GLN A 96 -0.39 -8.48 -5.39
N VAL A 97 -1.13 -9.51 -4.99
CA VAL A 97 -1.54 -10.61 -5.90
C VAL A 97 -3.01 -10.32 -6.32
N ASP A 98 -3.13 -9.63 -7.45
CA ASP A 98 -4.39 -9.27 -8.09
C ASP A 98 -4.80 -10.29 -9.21
N PRO A 99 -6.02 -10.23 -9.83
CA PRO A 99 -6.23 -10.83 -11.19
C PRO A 99 -5.39 -10.30 -12.40
N LYS A 100 -4.61 -9.21 -12.21
CA LYS A 100 -3.47 -8.88 -13.10
C LYS A 100 -2.07 -9.47 -12.69
N ASN A 101 -1.77 -9.65 -11.39
CA ASN A 101 -0.44 -9.34 -10.79
C ASN A 101 -0.24 -7.80 -10.65
N THR A 102 -0.13 -7.29 -9.40
CA THR A 102 0.66 -6.05 -9.15
C THR A 102 2.13 -6.50 -8.85
N THR A 103 3.08 -5.95 -9.61
CA THR A 103 4.49 -6.46 -9.60
C THR A 103 5.29 -5.87 -8.40
N VAL A 104 6.07 -6.73 -7.71
CA VAL A 104 6.78 -6.45 -6.42
C VAL A 104 6.84 -4.99 -5.87
N ILE A 105 5.90 -4.62 -4.98
CA ILE A 105 5.77 -3.23 -4.51
C ILE A 105 6.63 -3.02 -3.23
N VAL A 106 7.95 -2.96 -3.44
CA VAL A 106 8.95 -2.77 -2.35
C VAL A 106 8.66 -1.47 -1.51
N ARG A 107 8.94 -1.51 -0.22
CA ARG A 107 8.67 -0.40 0.72
C ARG A 107 9.99 -0.01 1.45
N GLU A 108 10.68 1.05 0.98
CA GLU A 108 11.82 1.62 1.72
C GLU A 108 11.35 2.71 2.77
N VAL A 109 12.26 3.13 3.64
CA VAL A 109 12.13 4.41 4.40
C VAL A 109 13.38 5.29 4.15
N ASP A 110 13.15 6.56 3.80
CA ASP A 110 14.24 7.53 3.51
C ASP A 110 14.38 8.61 4.65
N GLY A 111 14.34 8.19 5.93
CA GLY A 111 14.30 9.11 7.08
C GLY A 111 12.89 9.59 7.47
N ASP A 112 12.10 8.66 8.05
CA ASP A 112 10.62 8.79 8.23
C ASP A 112 9.82 9.44 7.04
N THR A 113 10.01 8.86 5.85
CA THR A 113 9.38 9.28 4.57
C THR A 113 9.46 8.02 3.68
N MET A 114 8.36 7.26 3.68
CA MET A 114 8.33 5.87 3.16
C MET A 114 8.34 5.85 1.62
N LYS A 115 9.52 5.56 1.03
CA LYS A 115 9.68 5.53 -0.44
C LYS A 115 9.33 4.11 -0.98
N THR A 116 8.08 3.95 -1.43
CA THR A 116 7.52 2.65 -1.82
C THR A 116 7.07 2.67 -3.30
N THR A 117 7.94 2.15 -4.16
CA THR A 117 7.61 1.83 -5.58
C THR A 117 6.32 0.96 -5.73
N VAL A 118 5.40 1.37 -6.59
CA VAL A 118 4.42 0.44 -7.23
C VAL A 118 4.73 0.27 -8.73
N THR A 119 5.39 -0.83 -9.11
CA THR A 119 5.54 -1.24 -10.53
C THR A 119 4.52 -2.35 -10.92
N VAL A 120 4.14 -2.42 -12.20
CA VAL A 120 3.13 -3.42 -12.69
C VAL A 120 3.56 -3.87 -14.11
N GLY A 121 4.56 -4.77 -14.17
CA GLY A 121 5.36 -4.98 -15.40
C GLY A 121 6.32 -3.85 -15.82
N ASP A 122 5.76 -2.65 -15.97
CA ASP A 122 6.31 -1.57 -16.84
C ASP A 122 5.84 -0.13 -16.45
N VAL A 123 5.91 0.24 -15.16
CA VAL A 123 5.45 1.59 -14.68
C VAL A 123 6.46 2.19 -13.67
N THR A 124 6.62 1.55 -12.50
CA THR A 124 7.51 2.03 -11.39
C THR A 124 7.09 3.41 -10.81
N ALA A 125 5.99 3.42 -10.03
CA ALA A 125 5.44 4.65 -9.42
C ALA A 125 6.06 4.86 -8.03
N ILE A 126 7.07 5.74 -7.96
CA ILE A 126 7.94 5.89 -6.76
C ILE A 126 7.25 6.69 -5.64
N ARG A 127 6.44 6.00 -4.81
CA ARG A 127 5.50 6.69 -3.90
C ARG A 127 6.19 7.13 -2.58
N ASN A 128 6.13 8.42 -2.25
CA ASN A 128 6.55 8.91 -0.90
C ASN A 128 5.30 9.00 0.03
N TYR A 129 5.39 8.48 1.26
CA TYR A 129 4.32 8.64 2.28
C TYR A 129 4.97 9.16 3.62
N LYS A 130 4.43 10.25 4.19
CA LYS A 130 4.99 10.83 5.44
C LYS A 130 4.39 10.16 6.71
N ARG A 131 5.25 9.58 7.54
CA ARG A 131 4.87 8.99 8.86
C ARG A 131 4.54 10.09 9.90
N LEU A 132 3.36 9.94 10.51
CA LEU A 132 2.78 10.96 11.41
C LEU A 132 2.62 10.41 12.85
N SER A 133 3.04 11.21 13.83
CA SER A 133 3.09 10.80 15.25
C SER A 133 1.79 11.17 15.99
N MET A 1 9.48 -3.73 10.55
CA MET A 1 8.57 -3.75 11.73
C MET A 1 8.47 -2.34 12.39
N SER A 2 9.50 -1.92 13.11
CA SER A 2 9.44 -0.83 14.13
C SER A 2 9.61 0.61 13.55
N SER A 3 10.63 0.85 12.72
CA SER A 3 10.73 2.09 11.91
C SER A 3 9.52 2.45 10.97
N PHE A 4 8.67 1.48 10.60
CA PHE A 4 7.41 1.73 9.88
C PHE A 4 6.16 2.16 10.76
N LEU A 5 6.12 1.93 12.09
CA LEU A 5 4.87 2.03 12.89
C LEU A 5 4.25 3.48 12.94
N GLY A 6 2.97 3.60 12.58
CA GLY A 6 2.27 4.90 12.48
C GLY A 6 1.36 5.04 11.24
N LYS A 7 0.60 6.16 11.19
CA LYS A 7 -0.11 6.56 9.94
C LYS A 7 0.81 7.32 8.95
N TRP A 8 0.63 7.05 7.64
CA TRP A 8 1.52 7.60 6.60
C TRP A 8 0.67 8.54 5.71
N LYS A 9 1.10 9.80 5.53
CA LYS A 9 0.40 10.76 4.62
C LYS A 9 1.34 11.18 3.45
N LEU A 10 0.82 11.13 2.22
CA LEU A 10 1.63 11.17 0.98
C LEU A 10 2.33 12.54 0.74
N SER A 11 3.66 12.49 0.55
CA SER A 11 4.45 13.67 0.16
C SER A 11 4.41 14.02 -1.36
N GLU A 12 4.45 13.03 -2.27
CA GLU A 12 4.26 13.26 -3.73
C GLU A 12 3.65 12.02 -4.46
N SER A 13 3.04 12.29 -5.63
CA SER A 13 2.51 11.23 -6.54
C SER A 13 3.30 11.26 -7.88
N HIS A 14 4.31 10.38 -8.04
CA HIS A 14 5.22 10.44 -9.21
C HIS A 14 4.63 9.83 -10.50
N ASN A 15 4.43 8.51 -10.51
CA ASN A 15 3.63 7.82 -11.55
C ASN A 15 2.32 7.16 -10.94
N PHE A 16 1.78 7.66 -9.80
CA PHE A 16 0.65 7.01 -9.10
C PHE A 16 -0.74 7.42 -9.63
N ASP A 17 -1.06 6.93 -10.83
CA ASP A 17 -2.42 6.98 -11.42
C ASP A 17 -2.66 5.79 -12.42
N ALA A 18 -1.81 5.66 -13.46
CA ALA A 18 -1.89 4.52 -14.41
C ALA A 18 -1.36 3.15 -13.91
N VAL A 19 -0.48 3.16 -12.92
CA VAL A 19 -0.04 1.97 -12.14
C VAL A 19 -1.16 1.02 -11.65
N MET A 20 -2.17 1.58 -10.97
CA MET A 20 -3.35 0.83 -10.54
C MET A 20 -4.55 0.92 -11.53
N SER A 21 -4.71 1.95 -12.37
CA SER A 21 -5.68 1.92 -13.50
C SER A 21 -5.38 0.89 -14.64
N LYS A 22 -4.12 0.66 -15.02
CA LYS A 22 -3.75 -0.49 -15.91
C LYS A 22 -3.91 -1.93 -15.30
N LEU A 23 -3.81 -2.01 -13.97
CA LEU A 23 -4.24 -3.17 -13.17
C LEU A 23 -5.79 -3.37 -13.06
N GLY A 24 -6.56 -2.34 -12.68
CA GLY A 24 -8.03 -2.45 -12.53
C GLY A 24 -8.66 -1.57 -11.43
N VAL A 25 -8.57 -0.25 -11.60
CA VAL A 25 -9.25 0.74 -10.72
C VAL A 25 -10.49 1.28 -11.48
N SER A 26 -11.68 1.06 -10.91
CA SER A 26 -12.96 1.55 -11.48
C SER A 26 -13.09 3.11 -11.49
N TRP A 27 -13.81 3.67 -12.49
CA TRP A 27 -13.91 5.15 -12.66
C TRP A 27 -14.74 6.02 -11.63
N ALA A 28 -14.98 5.50 -10.44
CA ALA A 28 -15.22 6.31 -9.22
C ALA A 28 -13.95 6.44 -8.31
N THR A 29 -13.25 5.33 -8.02
CA THR A 29 -11.91 5.38 -7.37
C THR A 29 -10.71 5.93 -8.21
N ARG A 30 -10.81 5.99 -9.54
CA ARG A 30 -9.75 6.59 -10.40
C ARG A 30 -9.65 8.16 -10.36
N GLN A 31 -10.52 8.81 -9.58
CA GLN A 31 -10.31 10.18 -9.06
C GLN A 31 -10.36 10.31 -7.50
N ILE A 32 -10.12 9.22 -6.75
CA ILE A 32 -9.65 9.24 -5.33
C ILE A 32 -8.15 8.80 -5.26
N GLY A 33 -7.69 7.79 -6.03
CA GLY A 33 -6.25 7.41 -6.09
C GLY A 33 -5.22 8.53 -6.30
N ASN A 34 -5.37 9.33 -7.37
CA ASN A 34 -4.59 10.58 -7.56
C ASN A 34 -5.29 11.87 -7.02
N THR A 35 -5.79 11.85 -5.78
CA THR A 35 -6.64 12.95 -5.23
C THR A 35 -6.61 12.87 -3.68
N VAL A 36 -7.20 11.84 -3.07
CA VAL A 36 -7.30 11.72 -1.61
C VAL A 36 -6.17 10.75 -1.16
N THR A 37 -5.15 11.32 -0.52
CA THR A 37 -3.86 10.64 -0.24
C THR A 37 -3.97 9.32 0.58
N PRO A 38 -3.59 8.10 0.09
CA PRO A 38 -3.95 6.81 0.77
C PRO A 38 -3.26 6.57 2.12
N THR A 39 -4.09 6.54 3.18
CA THR A 39 -3.64 6.62 4.59
C THR A 39 -3.19 5.23 5.15
N VAL A 40 -2.05 4.74 4.65
CA VAL A 40 -1.63 3.31 4.84
C VAL A 40 -0.99 3.09 6.24
N THR A 41 -1.85 2.77 7.22
CA THR A 41 -1.57 3.03 8.66
C THR A 41 -1.07 1.76 9.35
N PHE A 42 0.25 1.68 9.53
CA PHE A 42 0.92 0.41 9.90
C PHE A 42 1.11 0.28 11.42
N THR A 43 0.44 -0.70 12.03
CA THR A 43 0.35 -0.79 13.50
C THR A 43 0.39 -2.28 13.92
N MET A 44 1.08 -2.62 15.03
CA MET A 44 0.94 -3.98 15.65
C MET A 44 -0.34 -4.02 16.52
N ASP A 45 -1.38 -4.70 16.03
CA ASP A 45 -2.72 -4.67 16.66
C ASP A 45 -2.90 -5.93 17.56
N GLY A 46 -2.37 -5.83 18.79
CA GLY A 46 -2.31 -6.97 19.73
C GLY A 46 -1.15 -7.94 19.49
N ASP A 47 -1.30 -8.77 18.44
CA ASP A 47 -0.26 -9.73 17.99
C ASP A 47 0.55 -9.19 16.78
N LYS A 48 -0.14 -8.82 15.70
CA LYS A 48 0.44 -8.79 14.33
C LYS A 48 0.12 -7.49 13.56
N MET A 49 0.91 -7.27 12.51
CA MET A 49 0.95 -5.97 11.81
C MET A 49 -0.29 -5.75 10.89
N THR A 50 -0.87 -4.56 10.96
CA THR A 50 -2.18 -4.27 10.33
C THR A 50 -2.05 -2.93 9.57
N MET A 51 -2.45 -2.91 8.30
CA MET A 51 -2.68 -1.63 7.60
C MET A 51 -4.14 -1.15 7.86
N LEU A 52 -4.27 -0.08 8.65
CA LEU A 52 -5.58 0.56 8.94
C LEU A 52 -5.87 1.65 7.85
N THR A 53 -6.09 1.18 6.62
CA THR A 53 -6.09 2.03 5.39
C THR A 53 -7.35 2.89 5.30
N GLU A 54 -7.17 4.21 5.36
CA GLU A 54 -8.26 5.16 5.70
C GLU A 54 -8.35 6.24 4.58
N SER A 55 -9.02 5.87 3.48
CA SER A 55 -9.21 6.74 2.29
C SER A 55 -10.72 7.07 2.07
N THR A 56 -11.07 7.93 1.11
CA THR A 56 -12.52 8.23 0.83
C THR A 56 -13.38 7.03 0.32
N PHE A 57 -12.84 6.19 -0.58
CA PHE A 57 -13.50 4.93 -1.01
C PHE A 57 -12.92 3.68 -0.28
N LYS A 58 -11.58 3.50 -0.25
CA LYS A 58 -10.97 2.38 0.53
C LYS A 58 -10.67 2.82 2.02
N ASN A 59 -11.73 2.87 2.84
CA ASN A 59 -11.62 3.09 4.31
C ASN A 59 -11.86 1.72 5.02
N LEU A 60 -10.79 0.96 5.24
CA LEU A 60 -10.86 -0.47 5.57
C LEU A 60 -9.53 -1.00 6.20
N SER A 61 -9.65 -1.81 7.26
CA SER A 61 -8.48 -2.43 7.91
C SER A 61 -8.17 -3.87 7.44
N VAL A 62 -6.88 -4.18 7.23
CA VAL A 62 -6.41 -5.51 6.82
C VAL A 62 -5.28 -6.00 7.76
N THR A 63 -5.51 -7.15 8.42
CA THR A 63 -4.58 -7.72 9.44
C THR A 63 -3.76 -8.91 8.87
N PHE A 64 -2.50 -9.00 9.30
CA PHE A 64 -1.51 -9.94 8.73
C PHE A 64 -0.27 -10.14 9.64
N LYS A 65 0.43 -11.26 9.46
CA LYS A 65 1.86 -11.38 9.89
C LYS A 65 2.84 -11.36 8.68
N PHE A 66 4.13 -11.13 8.95
CA PHE A 66 5.19 -11.07 7.92
C PHE A 66 5.64 -12.47 7.39
N GLY A 67 4.73 -13.08 6.64
CA GLY A 67 4.88 -14.42 6.05
C GLY A 67 3.62 -14.93 5.30
N GLU A 68 2.46 -14.86 5.96
CA GLU A 68 1.14 -15.19 5.36
C GLU A 68 0.66 -14.18 4.27
N GLU A 69 -0.32 -14.61 3.46
CA GLU A 69 -1.15 -13.69 2.66
C GLU A 69 -2.36 -13.13 3.49
N PHE A 70 -2.57 -11.80 3.45
CA PHE A 70 -3.94 -11.25 3.61
C PHE A 70 -4.74 -11.24 2.26
N ASP A 71 -6.04 -10.91 2.30
CA ASP A 71 -6.71 -10.27 1.12
C ASP A 71 -7.39 -8.92 1.48
N GLU A 72 -7.37 -7.99 0.51
CA GLU A 72 -8.07 -6.69 0.62
C GLU A 72 -9.29 -6.69 -0.33
N LYS A 73 -10.50 -6.54 0.21
CA LYS A 73 -11.71 -6.28 -0.61
C LYS A 73 -11.78 -4.77 -0.95
N THR A 74 -11.70 -4.44 -2.24
CA THR A 74 -11.45 -3.05 -2.67
C THR A 74 -12.78 -2.36 -3.04
N SER A 75 -12.96 -1.10 -2.64
CA SER A 75 -14.00 -0.19 -3.22
C SER A 75 -13.86 0.16 -4.74
N ASP A 76 -12.73 -0.19 -5.38
CA ASP A 76 -12.64 -0.46 -6.85
C ASP A 76 -13.62 -1.59 -7.40
N GLY A 77 -13.76 -2.70 -6.66
CA GLY A 77 -14.56 -3.87 -7.04
C GLY A 77 -13.76 -5.15 -7.31
N ARG A 78 -12.95 -5.61 -6.35
CA ARG A 78 -12.06 -6.80 -6.52
C ARG A 78 -11.47 -7.17 -5.13
N ASN A 79 -11.69 -8.42 -4.65
CA ASN A 79 -10.94 -8.96 -3.49
C ASN A 79 -9.61 -9.62 -3.92
N VAL A 80 -8.49 -9.07 -3.42
CA VAL A 80 -7.16 -9.32 -4.02
C VAL A 80 -6.17 -9.71 -2.90
N LYS A 81 -5.39 -10.77 -3.15
CA LYS A 81 -4.45 -11.30 -2.13
C LYS A 81 -3.20 -10.39 -1.98
N SER A 82 -2.36 -10.63 -0.97
CA SER A 82 -1.16 -9.79 -0.72
C SER A 82 -0.12 -10.56 0.13
N VAL A 83 0.93 -11.06 -0.53
CA VAL A 83 2.00 -11.86 0.12
C VAL A 83 3.03 -10.96 0.84
N VAL A 84 3.15 -11.14 2.17
CA VAL A 84 3.91 -10.21 3.03
C VAL A 84 5.29 -10.84 3.38
N GLU A 85 6.36 -10.08 3.14
CA GLU A 85 7.72 -10.43 3.66
C GLU A 85 8.37 -9.10 4.14
N LYS A 86 8.70 -9.05 5.45
CA LYS A 86 9.54 -7.97 6.01
C LYS A 86 11.02 -8.39 5.88
N ASN A 87 11.81 -7.65 5.09
CA ASN A 87 13.25 -8.00 4.87
C ASN A 87 14.13 -7.23 5.89
N SER A 88 14.39 -5.94 5.62
CA SER A 88 14.81 -4.97 6.67
C SER A 88 13.59 -4.18 7.23
N GLU A 89 13.77 -3.45 8.35
CA GLU A 89 12.84 -2.35 8.74
C GLU A 89 12.76 -1.09 7.77
N SER A 90 13.51 -1.11 6.67
CA SER A 90 13.26 -0.30 5.46
C SER A 90 13.10 -1.09 4.13
N LYS A 91 12.53 -2.31 4.14
CA LYS A 91 12.19 -3.04 2.89
C LYS A 91 11.14 -4.14 3.23
N LEU A 92 9.85 -3.88 2.98
CA LEU A 92 8.76 -4.89 3.24
C LEU A 92 7.96 -5.07 1.93
N THR A 93 7.98 -6.28 1.34
CA THR A 93 7.52 -6.50 -0.07
C THR A 93 6.09 -7.10 -0.16
N GLN A 94 5.12 -6.26 0.19
CA GLN A 94 3.70 -6.64 0.42
C GLN A 94 2.90 -6.81 -0.91
N THR A 95 3.11 -7.93 -1.60
CA THR A 95 2.94 -8.00 -3.07
C THR A 95 1.51 -8.43 -3.45
N GLN A 96 0.76 -7.51 -4.08
CA GLN A 96 -0.71 -7.65 -4.26
C GLN A 96 -1.04 -8.63 -5.43
N VAL A 97 -1.75 -9.73 -5.12
CA VAL A 97 -2.06 -10.80 -6.10
C VAL A 97 -3.53 -10.55 -6.56
N ASP A 98 -3.65 -9.78 -7.63
CA ASP A 98 -4.95 -9.35 -8.20
C ASP A 98 -5.38 -10.29 -9.39
N PRO A 99 -6.61 -10.22 -9.98
CA PRO A 99 -6.85 -10.77 -11.36
C PRO A 99 -5.96 -10.26 -12.54
N LYS A 100 -5.24 -9.13 -12.36
CA LYS A 100 -4.08 -8.77 -13.19
C LYS A 100 -2.66 -9.19 -12.63
N ASN A 101 -2.49 -9.43 -11.32
CA ASN A 101 -1.18 -9.58 -10.64
C ASN A 101 -0.38 -8.24 -10.57
N THR A 102 -0.29 -7.63 -9.38
CA THR A 102 0.59 -6.46 -9.14
C THR A 102 2.06 -6.95 -8.87
N THR A 103 3.04 -6.31 -9.53
CA THR A 103 4.47 -6.63 -9.30
C THR A 103 5.00 -6.07 -7.94
N VAL A 104 6.05 -6.69 -7.38
CA VAL A 104 6.56 -6.41 -6.00
C VAL A 104 6.56 -4.93 -5.52
N ILE A 105 5.66 -4.59 -4.58
CA ILE A 105 5.36 -3.16 -4.25
C ILE A 105 6.34 -2.42 -3.29
N VAL A 106 7.22 -3.20 -2.65
CA VAL A 106 8.31 -2.76 -1.74
C VAL A 106 8.05 -1.47 -0.93
N ARG A 107 7.50 -1.63 0.28
CA ARG A 107 7.23 -0.49 1.19
C ARG A 107 8.44 -0.22 2.10
N GLU A 108 9.11 0.91 1.84
CA GLU A 108 10.50 1.16 2.31
C GLU A 108 10.50 2.39 3.30
N VAL A 109 11.67 2.86 3.72
CA VAL A 109 11.83 4.18 4.41
C VAL A 109 13.30 4.65 4.26
N ASP A 110 13.50 5.81 3.63
CA ASP A 110 14.86 6.39 3.44
C ASP A 110 15.15 7.60 4.41
N GLY A 111 14.80 7.46 5.71
CA GLY A 111 14.98 8.53 6.73
C GLY A 111 13.81 9.51 6.85
N ASP A 112 12.72 9.07 7.49
CA ASP A 112 11.37 9.73 7.42
C ASP A 112 10.90 10.26 6.00
N THR A 113 10.89 9.31 5.09
CA THR A 113 10.44 9.44 3.70
C THR A 113 10.06 7.98 3.32
N MET A 114 8.80 7.61 3.63
CA MET A 114 8.36 6.20 3.77
C MET A 114 8.04 5.57 2.38
N LYS A 115 9.11 5.31 1.60
CA LYS A 115 9.04 5.41 0.13
C LYS A 115 8.62 4.07 -0.51
N THR A 116 7.34 3.93 -0.89
CA THR A 116 6.80 2.64 -1.39
C THR A 116 6.77 2.62 -2.93
N THR A 117 7.75 1.93 -3.49
CA THR A 117 8.05 1.98 -4.94
C THR A 117 7.13 1.00 -5.72
N VAL A 118 5.92 1.43 -6.11
CA VAL A 118 4.88 0.49 -6.61
C VAL A 118 4.98 0.28 -8.13
N THR A 119 5.43 -0.89 -8.59
CA THR A 119 5.52 -1.22 -10.05
C THR A 119 4.54 -2.35 -10.46
N VAL A 120 4.20 -2.40 -11.75
CA VAL A 120 3.27 -3.44 -12.30
C VAL A 120 3.81 -3.84 -13.71
N GLY A 121 4.83 -4.69 -13.75
CA GLY A 121 5.67 -4.90 -14.95
C GLY A 121 6.63 -3.76 -15.34
N ASP A 122 6.06 -2.56 -15.47
CA ASP A 122 6.59 -1.50 -16.37
C ASP A 122 6.31 0.00 -15.97
N VAL A 123 5.99 0.27 -14.70
CA VAL A 123 5.43 1.60 -14.29
C VAL A 123 6.32 2.29 -13.21
N THR A 124 6.51 1.65 -12.05
CA THR A 124 7.37 2.14 -10.94
C THR A 124 6.94 3.53 -10.39
N ALA A 125 5.96 3.54 -9.49
CA ALA A 125 5.46 4.78 -8.86
C ALA A 125 6.13 4.96 -7.48
N ILE A 126 7.15 5.81 -7.47
CA ILE A 126 8.00 6.08 -6.27
C ILE A 126 7.26 6.90 -5.20
N ARG A 127 6.44 6.23 -4.37
CA ARG A 127 5.46 6.95 -3.51
C ARG A 127 6.12 7.45 -2.20
N ASN A 128 6.42 8.74 -2.15
CA ASN A 128 6.99 9.39 -0.95
C ASN A 128 5.87 9.69 0.09
N TYR A 129 6.19 9.45 1.35
CA TYR A 129 5.23 9.53 2.48
C TYR A 129 5.93 10.08 3.77
N LYS A 130 5.14 10.67 4.66
CA LYS A 130 5.65 11.20 5.97
C LYS A 130 5.08 10.35 7.13
N ARG A 131 5.96 9.88 8.03
CA ARG A 131 5.54 9.04 9.20
C ARG A 131 4.93 9.91 10.33
N LEU A 132 3.70 9.61 10.70
CA LEU A 132 2.94 10.40 11.68
C LEU A 132 2.50 9.49 12.89
N SER A 133 2.76 10.00 14.10
CA SER A 133 2.54 9.23 15.36
C SER A 133 1.27 9.70 16.06
#